data_1P4W
#
_entry.id   1P4W
#
_entity_poly.entity_id   1
_entity_poly.type   'polypeptide(L)'
_entity_poly.pdbx_seq_one_letter_code
;MRGSHHHHHHGSYTPESVAKLLEKISAGGYGDKRLSPKESEVLRLFAEGFLVTEIAKKLNRSIKTISSQKKSAMMKLGVD
NDIALLNYLSSVSMTPVDK
;
_entity_poly.pdbx_strand_id   A
#
# COMPACT_ATOMS: atom_id res chain seq x y z
N TYR A 13 3.93 -9.54 -2.81
CA TYR A 13 2.68 -9.68 -2.01
C TYR A 13 3.02 -10.14 -0.56
N THR A 14 3.13 -11.46 -0.30
CA THR A 14 3.48 -12.01 1.03
C THR A 14 4.86 -12.75 0.87
N PRO A 15 6.05 -12.12 1.12
CA PRO A 15 7.33 -12.88 1.35
C PRO A 15 7.31 -13.63 2.72
N GLU A 16 8.45 -13.99 3.35
CA GLU A 16 8.39 -14.39 4.80
C GLU A 16 9.27 -13.60 5.82
N SER A 17 10.46 -13.11 5.45
CA SER A 17 11.39 -12.51 6.46
C SER A 17 11.42 -10.97 6.37
N VAL A 18 11.48 -10.38 5.16
CA VAL A 18 11.07 -8.96 4.94
C VAL A 18 9.61 -8.63 5.42
N ALA A 19 8.60 -9.51 5.34
CA ALA A 19 7.27 -9.26 5.96
C ALA A 19 7.27 -9.24 7.50
N LYS A 20 7.85 -10.25 8.20
CA LYS A 20 8.05 -10.17 9.69
C LYS A 20 8.97 -8.98 10.16
N LEU A 21 10.13 -8.75 9.51
CA LEU A 21 10.90 -7.47 9.65
C LEU A 21 10.06 -6.18 9.44
N LEU A 22 9.44 -5.94 8.28
CA LEU A 22 8.64 -4.72 8.00
C LEU A 22 7.48 -4.39 8.98
N GLU A 23 6.62 -5.38 9.30
CA GLU A 23 5.67 -5.25 10.45
C GLU A 23 6.33 -4.97 11.84
N LYS A 24 7.56 -5.47 12.10
CA LYS A 24 8.39 -5.03 13.26
C LYS A 24 8.99 -3.57 13.15
N ILE A 25 9.47 -3.13 11.96
CA ILE A 25 9.95 -1.74 11.70
C ILE A 25 8.82 -0.67 11.88
N SER A 26 7.69 -0.79 11.15
CA SER A 26 6.53 0.15 11.32
C SER A 26 5.66 -0.16 12.58
N ALA A 27 5.04 -1.36 12.69
CA ALA A 27 4.28 -1.77 13.92
C ALA A 27 3.10 -0.84 14.38
N GLY A 28 2.13 -0.58 13.48
CA GLY A 28 0.99 0.33 13.77
C GLY A 28 0.55 1.15 12.55
N GLY A 29 0.88 2.45 12.56
CA GLY A 29 0.36 3.43 11.55
C GLY A 29 -0.98 4.13 11.91
N TYR A 30 -1.13 4.61 13.15
CA TYR A 30 -2.39 5.28 13.61
C TYR A 30 -2.65 6.75 13.12
N GLY A 31 -1.60 7.55 12.80
CA GLY A 31 -1.77 8.77 11.95
C GLY A 31 -2.44 8.52 10.58
N ASP A 32 -2.83 9.55 9.82
CA ASP A 32 -4.27 9.81 9.50
C ASP A 32 -5.29 8.61 9.48
N LYS A 33 -6.38 8.69 10.27
CA LYS A 33 -7.37 7.57 10.42
C LYS A 33 -7.99 6.97 9.11
N ARG A 34 -8.11 7.78 8.05
CA ARG A 34 -8.32 7.31 6.66
C ARG A 34 -7.29 8.04 5.73
N LEU A 35 -6.63 7.26 4.87
CA LEU A 35 -5.74 7.75 3.79
C LEU A 35 -6.55 8.22 2.54
N SER A 36 -6.09 9.30 1.87
CA SER A 36 -6.82 9.99 0.75
C SER A 36 -7.49 9.08 -0.34
N PRO A 37 -8.55 9.48 -1.11
CA PRO A 37 -9.34 8.54 -1.96
C PRO A 37 -8.53 7.68 -2.99
N LYS A 38 -7.80 8.36 -3.89
CA LYS A 38 -6.83 7.71 -4.80
C LYS A 38 -5.62 6.99 -4.10
N GLU A 39 -5.04 7.52 -2.99
CA GLU A 39 -4.17 6.73 -2.06
C GLU A 39 -4.79 5.37 -1.59
N SER A 40 -5.98 5.38 -0.96
CA SER A 40 -6.76 4.16 -0.64
C SER A 40 -7.10 3.21 -1.83
N GLU A 41 -7.53 3.68 -3.01
CA GLU A 41 -7.69 2.84 -4.24
C GLU A 41 -6.39 2.13 -4.72
N VAL A 42 -5.31 2.92 -4.99
CA VAL A 42 -3.97 2.37 -5.36
C VAL A 42 -3.39 1.35 -4.31
N LEU A 43 -3.49 1.64 -3.00
CA LEU A 43 -3.20 0.69 -1.90
C LEU A 43 -4.14 -0.52 -1.80
N ARG A 44 -5.47 -0.37 -1.91
CA ARG A 44 -6.42 -1.51 -1.97
C ARG A 44 -6.12 -2.60 -3.03
N LEU A 45 -5.80 -2.20 -4.26
CA LEU A 45 -5.34 -3.12 -5.32
C LEU A 45 -3.90 -3.68 -5.10
N PHE A 46 -2.91 -2.86 -4.73
CA PHE A 46 -1.60 -3.34 -4.22
C PHE A 46 -1.65 -4.39 -3.04
N ALA A 47 -2.44 -4.09 -2.00
CA ALA A 47 -2.89 -5.04 -0.95
C ALA A 47 -3.75 -6.27 -1.39
N GLU A 48 -4.64 -6.15 -2.39
CA GLU A 48 -5.29 -7.31 -3.07
C GLU A 48 -4.33 -8.28 -3.83
N GLY A 49 -3.30 -7.75 -4.50
CA GLY A 49 -2.46 -8.52 -5.44
C GLY A 49 -1.95 -7.73 -6.64
N PHE A 50 -2.77 -6.90 -7.31
CA PHE A 50 -2.40 -6.21 -8.56
C PHE A 50 -1.16 -5.27 -8.35
N LEU A 51 -0.32 -5.22 -9.36
CA LEU A 51 0.95 -4.46 -9.38
C LEU A 51 0.74 -3.08 -10.08
N VAL A 52 1.59 -2.07 -9.82
CA VAL A 52 1.51 -0.71 -10.48
C VAL A 52 1.10 -0.67 -12.00
N THR A 53 1.70 -1.53 -12.83
CA THR A 53 1.24 -1.84 -14.22
C THR A 53 -0.28 -2.23 -14.37
N GLU A 54 -0.72 -3.31 -13.72
CA GLU A 54 -2.16 -3.73 -13.68
C GLU A 54 -3.12 -2.77 -12.92
N ILE A 55 -2.75 -2.22 -11.74
CA ILE A 55 -3.48 -1.11 -11.05
C ILE A 55 -3.77 0.11 -12.01
N ALA A 56 -2.75 0.62 -12.73
CA ALA A 56 -2.96 1.62 -13.81
C ALA A 56 -3.93 1.21 -14.97
N LYS A 57 -3.73 0.04 -15.60
CA LYS A 57 -4.71 -0.53 -16.58
C LYS A 57 -6.18 -0.76 -16.06
N LYS A 58 -6.35 -1.37 -14.87
CA LYS A 58 -7.65 -1.44 -14.14
C LYS A 58 -8.31 -0.06 -13.80
N LEU A 59 -7.61 0.86 -13.12
CA LEU A 59 -8.11 2.25 -12.92
C LEU A 59 -8.19 3.17 -14.22
N ASN A 60 -7.76 2.66 -15.41
CA ASN A 60 -7.86 3.34 -16.73
C ASN A 60 -6.92 4.57 -16.87
N ARG A 61 -5.61 4.33 -16.71
CA ARG A 61 -4.58 5.39 -16.67
C ARG A 61 -3.14 4.83 -16.98
N SER A 62 -2.13 5.72 -17.05
CA SER A 62 -0.70 5.31 -17.21
C SER A 62 -0.03 4.91 -15.85
N ILE A 63 1.00 4.05 -15.93
CA ILE A 63 1.93 3.77 -14.78
C ILE A 63 2.64 5.03 -14.16
N LYS A 64 2.86 6.14 -14.89
CA LYS A 64 3.33 7.43 -14.30
C LYS A 64 2.42 8.08 -13.21
N THR A 65 1.13 8.38 -13.51
CA THR A 65 0.17 8.90 -12.49
C THR A 65 -0.12 7.93 -11.29
N ILE A 66 -0.17 6.61 -11.55
CA ILE A 66 -0.04 5.56 -10.49
C ILE A 66 1.25 5.65 -9.63
N SER A 67 2.42 5.79 -10.26
CA SER A 67 3.71 5.88 -9.52
C SER A 67 3.82 7.17 -8.66
N SER A 68 3.55 8.38 -9.21
CA SER A 68 3.27 9.60 -8.39
C SER A 68 2.22 9.42 -7.23
N GLN A 69 1.07 8.77 -7.47
CA GLN A 69 0.08 8.44 -6.39
C GLN A 69 0.53 7.43 -5.29
N LYS A 70 1.12 6.28 -5.66
CA LYS A 70 1.80 5.36 -4.70
C LYS A 70 3.02 5.99 -3.95
N LYS A 71 3.87 6.81 -4.61
CA LYS A 71 4.91 7.64 -3.94
C LYS A 71 4.36 8.78 -3.02
N SER A 72 3.27 9.48 -3.38
CA SER A 72 2.47 10.30 -2.41
C SER A 72 1.93 9.54 -1.16
N ALA A 73 1.33 8.33 -1.30
CA ALA A 73 1.04 7.46 -0.14
C ALA A 73 2.30 6.91 0.63
N MET A 74 3.31 6.35 -0.05
CA MET A 74 4.65 6.00 0.55
C MET A 74 5.34 7.13 1.39
N MET A 75 5.52 8.32 0.81
CA MET A 75 6.06 9.52 1.51
C MET A 75 5.13 10.14 2.61
N LYS A 76 3.79 10.27 2.42
CA LYS A 76 2.87 10.67 3.52
C LYS A 76 2.82 9.67 4.73
N LEU A 77 2.74 8.35 4.50
CA LEU A 77 2.79 7.34 5.59
C LEU A 77 4.19 7.13 6.25
N GLY A 78 5.30 7.36 5.52
CA GLY A 78 6.68 7.22 6.07
C GLY A 78 7.30 5.83 5.92
N VAL A 79 7.33 5.29 4.70
CA VAL A 79 7.85 3.91 4.42
C VAL A 79 8.94 3.98 3.29
N ASP A 80 9.86 3.00 3.25
CA ASP A 80 10.90 2.92 2.15
C ASP A 80 10.92 1.55 1.40
N ASN A 81 9.75 1.08 0.93
CA ASN A 81 9.57 -0.19 0.19
C ASN A 81 8.06 -0.30 -0.27
N ASP A 82 7.83 -0.87 -1.46
CA ASP A 82 6.47 -1.33 -1.89
C ASP A 82 5.74 -2.37 -0.97
N ILE A 83 6.46 -3.41 -0.49
CA ILE A 83 5.98 -4.38 0.53
C ILE A 83 5.58 -3.70 1.90
N ALA A 84 6.31 -2.67 2.35
CA ALA A 84 5.94 -1.84 3.54
C ALA A 84 4.53 -1.15 3.52
N LEU A 85 4.07 -0.65 2.36
CA LEU A 85 2.63 -0.30 2.13
C LEU A 85 1.62 -1.49 2.33
N LEU A 86 1.94 -2.68 1.80
CA LEU A 86 1.16 -3.93 2.03
C LEU A 86 1.05 -4.37 3.54
N ASN A 87 2.20 -4.35 4.27
CA ASN A 87 2.22 -4.38 5.74
C ASN A 87 1.35 -3.26 6.39
N TYR A 88 1.56 -1.96 6.09
CA TYR A 88 0.68 -0.86 6.57
C TYR A 88 -0.86 -1.18 6.52
N LEU A 89 -1.41 -1.49 5.34
CA LEU A 89 -2.85 -1.85 5.20
C LEU A 89 -3.30 -3.13 5.98
N SER A 90 -2.47 -4.21 6.05
CA SER A 90 -2.68 -5.30 7.06
C SER A 90 -2.55 -4.90 8.58
N SER A 91 -1.53 -4.11 8.96
CA SER A 91 -1.30 -3.62 10.36
C SER A 91 -2.44 -2.75 10.96
N VAL A 92 -2.84 -1.69 10.24
CA VAL A 92 -4.12 -0.96 10.54
C VAL A 92 -5.42 -1.82 10.33
N SER A 93 -5.42 -2.76 9.35
CA SER A 93 -6.61 -3.57 8.96
C SER A 93 -7.77 -2.72 8.38
N MET A 94 -7.46 -1.91 7.34
CA MET A 94 -8.48 -1.12 6.60
C MET A 94 -9.46 -1.99 5.73
N THR A 95 -8.91 -2.97 4.99
CA THR A 95 -9.71 -3.96 4.19
C THR A 95 -10.10 -5.24 5.01
N PRO A 96 -11.26 -5.92 4.81
CA PRO A 96 -11.55 -7.25 5.43
C PRO A 96 -10.66 -8.47 5.02
N VAL A 97 -10.01 -8.45 3.83
CA VAL A 97 -8.96 -9.43 3.44
C VAL A 97 -7.70 -9.36 4.36
N ASP A 98 -7.55 -10.35 5.25
CA ASP A 98 -6.36 -10.51 6.13
C ASP A 98 -4.97 -10.74 5.46
N LYS A 99 -4.90 -11.28 4.21
CA LYS A 99 -3.70 -11.22 3.34
C LYS A 99 -2.51 -12.03 3.93
N TYR A 13 3.36 -10.17 -3.06
CA TYR A 13 2.35 -9.94 -1.99
C TYR A 13 2.94 -10.39 -0.61
N THR A 14 3.14 -11.71 -0.40
CA THR A 14 3.75 -12.25 0.83
C THR A 14 5.22 -12.74 0.50
N PRO A 15 6.33 -12.00 0.78
CA PRO A 15 7.69 -12.60 0.90
C PRO A 15 7.83 -13.46 2.21
N GLU A 16 9.02 -13.63 2.84
CA GLU A 16 9.02 -14.08 4.27
C GLU A 16 9.76 -13.17 5.33
N SER A 17 10.91 -12.56 5.01
CA SER A 17 11.77 -11.96 6.08
C SER A 17 11.67 -10.42 6.14
N VAL A 18 11.70 -9.76 4.98
CA VAL A 18 11.08 -8.43 4.79
C VAL A 18 9.58 -8.34 5.26
N ALA A 19 8.71 -9.37 5.15
CA ALA A 19 7.32 -9.29 5.69
C ALA A 19 7.24 -9.26 7.25
N LYS A 20 7.89 -10.22 7.96
CA LYS A 20 8.05 -10.12 9.45
C LYS A 20 8.79 -8.82 9.96
N LEU A 21 9.97 -8.47 9.39
CA LEU A 21 10.61 -7.14 9.63
C LEU A 21 9.67 -5.92 9.36
N LEU A 22 9.02 -5.82 8.21
CA LEU A 22 8.10 -4.70 7.89
C LEU A 22 6.90 -4.48 8.86
N GLU A 23 6.08 -5.51 9.17
CA GLU A 23 5.13 -5.44 10.32
C GLU A 23 5.75 -5.10 11.71
N LYS A 24 7.01 -5.49 11.97
CA LYS A 24 7.78 -4.98 13.15
C LYS A 24 8.26 -3.48 13.06
N ILE A 25 8.68 -2.97 11.88
CA ILE A 25 8.92 -1.51 11.60
C ILE A 25 7.65 -0.62 11.86
N SER A 26 6.50 -0.93 11.23
CA SER A 26 5.22 -0.22 11.51
C SER A 26 4.66 -0.45 12.95
N ALA A 27 4.30 -1.70 13.32
CA ALA A 27 3.72 -2.05 14.64
C ALA A 27 2.45 -1.23 15.08
N GLY A 28 1.40 -1.25 14.24
CA GLY A 28 0.18 -0.42 14.46
C GLY A 28 -0.08 0.62 13.34
N GLY A 29 -0.16 1.91 13.71
CA GLY A 29 -0.54 3.02 12.79
C GLY A 29 -2.03 3.46 12.78
N TYR A 30 -2.63 3.61 13.98
CA TYR A 30 -4.09 3.88 14.14
C TYR A 30 -4.45 5.39 13.94
N GLY A 31 -5.35 5.69 12.97
CA GLY A 31 -5.89 7.06 12.77
C GLY A 31 -4.94 8.10 12.14
N ASP A 32 -4.69 8.03 10.82
CA ASP A 32 -3.44 8.64 10.27
C ASP A 32 -3.48 10.13 9.79
N LYS A 33 -4.63 10.65 9.36
CA LYS A 33 -5.08 12.06 9.47
C LYS A 33 -6.53 12.07 8.87
N ARG A 34 -6.53 11.84 7.53
CA ARG A 34 -7.69 11.57 6.68
C ARG A 34 -7.05 10.92 5.40
N LEU A 35 -7.32 9.64 5.09
CA LEU A 35 -6.59 8.92 4.00
C LEU A 35 -7.22 9.24 2.61
N SER A 36 -6.40 9.69 1.64
CA SER A 36 -6.90 10.33 0.39
C SER A 36 -7.52 9.31 -0.64
N PRO A 37 -8.47 9.65 -1.55
CA PRO A 37 -9.22 8.65 -2.36
C PRO A 37 -8.40 7.79 -3.36
N LYS A 38 -7.57 8.43 -4.20
CA LYS A 38 -6.60 7.75 -5.07
C LYS A 38 -5.40 7.08 -4.28
N GLU A 39 -4.84 7.68 -3.20
CA GLU A 39 -4.01 6.96 -2.18
C GLU A 39 -4.60 5.60 -1.69
N SER A 40 -5.78 5.60 -1.05
CA SER A 40 -6.49 4.36 -0.65
C SER A 40 -6.87 3.39 -1.80
N GLU A 41 -7.35 3.84 -2.98
CA GLU A 41 -7.50 2.99 -4.19
C GLU A 41 -6.21 2.27 -4.70
N VAL A 42 -5.12 3.03 -5.00
CA VAL A 42 -3.80 2.43 -5.38
C VAL A 42 -3.25 1.41 -4.33
N LEU A 43 -3.33 1.73 -3.01
CA LEU A 43 -3.06 0.79 -1.90
C LEU A 43 -4.01 -0.43 -1.82
N ARG A 44 -5.33 -0.25 -1.87
CA ARG A 44 -6.32 -1.36 -1.94
C ARG A 44 -6.06 -2.45 -3.01
N LEU A 45 -5.69 -2.03 -4.22
CA LEU A 45 -5.31 -2.97 -5.31
C LEU A 45 -3.90 -3.59 -5.13
N PHE A 46 -2.87 -2.79 -4.79
CA PHE A 46 -1.57 -3.32 -4.27
C PHE A 46 -1.67 -4.38 -3.13
N ALA A 47 -2.41 -4.03 -2.06
CA ALA A 47 -2.85 -4.94 -0.99
C ALA A 47 -3.76 -6.16 -1.38
N GLU A 48 -4.64 -6.04 -2.39
CA GLU A 48 -5.29 -7.21 -3.03
C GLU A 48 -4.31 -8.24 -3.68
N GLY A 49 -3.33 -7.75 -4.46
CA GLY A 49 -2.56 -8.61 -5.39
C GLY A 49 -2.25 -8.01 -6.78
N PHE A 50 -2.87 -6.90 -7.23
CA PHE A 50 -2.43 -6.21 -8.46
C PHE A 50 -1.12 -5.38 -8.16
N LEU A 51 -0.48 -4.95 -9.24
CA LEU A 51 0.83 -4.26 -9.25
C LEU A 51 0.72 -2.91 -10.02
N VAL A 52 1.64 -1.95 -9.83
CA VAL A 52 1.67 -0.67 -10.64
C VAL A 52 1.22 -0.75 -12.15
N THR A 53 1.72 -1.74 -12.90
CA THR A 53 1.19 -2.16 -14.24
C THR A 53 -0.36 -2.49 -14.30
N GLU A 54 -0.83 -3.56 -13.60
CA GLU A 54 -2.28 -3.90 -13.51
C GLU A 54 -3.20 -2.86 -12.79
N ILE A 55 -2.79 -2.28 -11.65
CA ILE A 55 -3.47 -1.11 -11.00
C ILE A 55 -3.71 0.08 -12.00
N ALA A 56 -2.68 0.53 -12.75
CA ALA A 56 -2.86 1.49 -13.88
C ALA A 56 -3.85 1.05 -15.01
N LYS A 57 -3.75 -0.18 -15.53
CA LYS A 57 -4.76 -0.75 -16.48
C LYS A 57 -6.23 -0.89 -15.94
N LYS A 58 -6.43 -1.45 -14.74
CA LYS A 58 -7.73 -1.44 -14.00
C LYS A 58 -8.34 -0.03 -13.72
N LEU A 59 -7.60 0.89 -13.07
CA LEU A 59 -8.03 2.31 -12.94
C LEU A 59 -8.10 3.15 -14.28
N ASN A 60 -7.58 2.63 -15.41
CA ASN A 60 -7.60 3.26 -16.76
C ASN A 60 -6.69 4.53 -16.86
N ARG A 61 -5.39 4.32 -16.62
CA ARG A 61 -4.38 5.40 -16.54
C ARG A 61 -2.93 4.90 -16.89
N SER A 62 -1.95 5.82 -16.92
CA SER A 62 -0.52 5.44 -17.08
C SER A 62 0.12 4.93 -15.75
N ILE A 63 1.09 4.01 -15.89
CA ILE A 63 2.06 3.65 -14.79
C ILE A 63 2.85 4.86 -14.16
N LYS A 64 3.11 5.96 -14.88
CA LYS A 64 3.67 7.21 -14.30
C LYS A 64 2.77 7.97 -13.26
N THR A 65 1.52 8.31 -13.60
CA THR A 65 0.52 8.85 -12.60
C THR A 65 0.17 7.89 -11.40
N ILE A 66 0.16 6.56 -11.65
CA ILE A 66 0.27 5.53 -10.55
C ILE A 66 1.57 5.63 -9.68
N SER A 67 2.75 5.72 -10.30
CA SER A 67 4.03 5.81 -9.57
C SER A 67 4.23 7.13 -8.74
N SER A 68 3.86 8.30 -9.30
CA SER A 68 3.59 9.53 -8.51
C SER A 68 2.54 9.37 -7.35
N GLN A 69 1.36 8.75 -7.57
CA GLN A 69 0.40 8.45 -6.47
C GLN A 69 0.94 7.52 -5.34
N LYS A 70 1.50 6.34 -5.66
CA LYS A 70 2.20 5.47 -4.67
C LYS A 70 3.43 6.12 -3.96
N LYS A 71 4.23 7.00 -4.59
CA LYS A 71 5.23 7.83 -3.86
C LYS A 71 4.63 8.91 -2.90
N SER A 72 3.57 9.65 -3.28
CA SER A 72 2.74 10.45 -2.33
C SER A 72 2.13 9.65 -1.13
N ALA A 73 1.52 8.47 -1.36
CA ALA A 73 1.19 7.52 -0.27
C ALA A 73 2.40 6.95 0.53
N MET A 74 3.47 6.40 -0.11
CA MET A 74 4.74 6.06 0.60
C MET A 74 5.35 7.17 1.53
N MET A 75 5.55 8.39 1.00
CA MET A 75 6.03 9.55 1.77
C MET A 75 5.06 10.07 2.89
N LYS A 76 3.74 10.22 2.67
CA LYS A 76 2.78 10.53 3.76
C LYS A 76 2.57 9.42 4.83
N LEU A 77 2.56 8.13 4.47
CA LEU A 77 2.57 7.01 5.46
C LEU A 77 3.93 6.76 6.19
N GLY A 78 5.08 7.20 5.64
CA GLY A 78 6.42 6.96 6.25
C GLY A 78 7.08 5.60 5.94
N VAL A 79 7.05 5.17 4.67
CA VAL A 79 7.60 3.86 4.23
C VAL A 79 8.59 4.05 3.03
N ASP A 80 9.54 3.11 2.83
CA ASP A 80 10.44 3.13 1.64
C ASP A 80 10.53 1.76 0.87
N ASN A 81 9.37 1.19 0.50
CA ASN A 81 9.27 -0.09 -0.26
C ASN A 81 7.79 -0.28 -0.77
N ASP A 82 7.62 -0.90 -1.96
CA ASP A 82 6.29 -1.39 -2.46
C ASP A 82 5.57 -2.40 -1.51
N ILE A 83 6.30 -3.41 -1.04
CA ILE A 83 5.86 -4.40 0.01
C ILE A 83 5.46 -3.71 1.37
N ALA A 84 6.17 -2.65 1.80
CA ALA A 84 5.79 -1.85 2.99
C ALA A 84 4.38 -1.19 3.02
N LEU A 85 3.86 -0.72 1.87
CA LEU A 85 2.42 -0.40 1.70
C LEU A 85 1.42 -1.59 1.99
N LEU A 86 1.80 -2.80 1.55
CA LEU A 86 1.08 -4.07 1.84
C LEU A 86 1.07 -4.48 3.35
N ASN A 87 2.27 -4.41 4.02
CA ASN A 87 2.35 -4.43 5.50
C ASN A 87 1.49 -3.34 6.18
N TYR A 88 1.57 -2.06 5.76
CA TYR A 88 0.71 -0.96 6.27
C TYR A 88 -0.81 -1.34 6.34
N LEU A 89 -1.44 -1.70 5.20
CA LEU A 89 -2.87 -2.12 5.21
C LEU A 89 -3.19 -3.39 6.07
N SER A 90 -2.36 -4.46 6.04
CA SER A 90 -2.43 -5.55 7.05
C SER A 90 -2.18 -5.17 8.56
N SER A 91 -1.24 -4.26 8.88
CA SER A 91 -0.90 -3.79 10.26
C SER A 91 -1.97 -2.90 10.94
N VAL A 92 -2.42 -1.85 10.24
CA VAL A 92 -3.63 -1.08 10.63
C VAL A 92 -4.94 -1.93 10.71
N SER A 93 -5.13 -2.87 9.76
CA SER A 93 -6.32 -3.76 9.66
C SER A 93 -7.67 -2.99 9.53
N MET A 94 -7.73 -2.02 8.60
CA MET A 94 -8.98 -1.27 8.31
C MET A 94 -10.09 -2.15 7.62
N THR A 95 -9.69 -3.04 6.70
CA THR A 95 -10.59 -3.99 5.98
C THR A 95 -10.24 -5.47 6.40
N PRO A 96 -11.19 -6.37 6.81
CA PRO A 96 -10.86 -7.78 7.17
C PRO A 96 -10.43 -8.74 6.02
N VAL A 97 -11.06 -8.67 4.83
CA VAL A 97 -10.45 -9.18 3.58
C VAL A 97 -9.20 -8.30 3.20
N ASP A 98 -8.01 -8.91 3.06
CA ASP A 98 -6.79 -8.18 2.59
C ASP A 98 -6.91 -7.69 1.08
N LYS A 99 -7.70 -6.62 0.89
CA LYS A 99 -7.95 -5.98 -0.42
C LYS A 99 -7.46 -4.54 -0.20
N TYR A 13 3.81 -10.09 -2.60
CA TYR A 13 2.66 -9.86 -1.68
C TYR A 13 3.07 -10.30 -0.24
N THR A 14 3.13 -11.62 0.02
CA THR A 14 3.56 -12.16 1.33
C THR A 14 4.96 -12.87 1.17
N PRO A 15 6.14 -12.21 1.37
CA PRO A 15 7.41 -12.92 1.73
C PRO A 15 7.36 -13.56 3.17
N GLU A 16 8.47 -13.96 3.79
CA GLU A 16 8.41 -14.24 5.28
C GLU A 16 9.30 -13.35 6.20
N SER A 17 10.50 -12.90 5.79
CA SER A 17 11.47 -12.28 6.75
C SER A 17 11.41 -10.74 6.73
N VAL A 18 11.48 -10.16 5.53
CA VAL A 18 10.97 -8.78 5.27
C VAL A 18 9.46 -8.55 5.69
N ALA A 19 8.53 -9.54 5.67
CA ALA A 19 7.13 -9.29 6.12
C ALA A 19 6.97 -9.17 7.67
N LYS A 20 7.47 -10.16 8.45
CA LYS A 20 7.64 -10.00 9.93
C LYS A 20 8.52 -8.79 10.39
N LEU A 21 9.71 -8.57 9.80
CA LEU A 21 10.50 -7.32 10.00
C LEU A 21 9.74 -6.00 9.65
N LEU A 22 9.07 -5.88 8.48
CA LEU A 22 8.22 -4.71 8.16
C LEU A 22 7.06 -4.38 9.14
N GLU A 23 6.22 -5.35 9.55
CA GLU A 23 5.30 -5.15 10.71
C GLU A 23 5.99 -4.78 12.07
N LYS A 24 7.24 -5.22 12.32
CA LYS A 24 8.08 -4.65 13.42
C LYS A 24 8.65 -3.20 13.19
N ILE A 25 8.98 -2.80 11.94
CA ILE A 25 9.32 -1.38 11.56
C ILE A 25 8.09 -0.41 11.76
N SER A 26 6.95 -0.63 11.07
CA SER A 26 5.74 0.24 11.20
C SER A 26 4.81 -0.10 12.40
N ALA A 27 4.37 -1.37 12.56
CA ALA A 27 3.49 -1.81 13.70
C ALA A 27 2.11 -1.09 13.82
N GLY A 28 1.28 -1.24 12.76
CA GLY A 28 0.06 -0.42 12.60
C GLY A 28 0.31 0.90 11.82
N GLY A 29 -0.22 2.01 12.35
CA GLY A 29 -0.25 3.30 11.63
C GLY A 29 -1.60 3.57 10.94
N TYR A 30 -2.62 4.04 11.67
CA TYR A 30 -3.98 4.25 11.10
C TYR A 30 -4.07 5.41 10.05
N GLY A 31 -5.17 5.45 9.26
CA GLY A 31 -5.49 6.64 8.44
C GLY A 31 -5.96 7.86 9.26
N ASP A 32 -4.99 8.47 9.95
CA ASP A 32 -5.24 9.30 11.16
C ASP A 32 -5.53 10.76 10.74
N LYS A 33 -6.78 11.20 10.58
CA LYS A 33 -7.29 11.91 9.34
C LYS A 33 -6.41 12.27 8.07
N ARG A 34 -5.25 11.62 7.88
CA ARG A 34 -4.34 11.84 6.74
C ARG A 34 -4.16 10.46 6.00
N LEU A 35 -5.26 9.97 5.39
CA LEU A 35 -5.25 9.02 4.24
C LEU A 35 -6.02 9.69 3.05
N SER A 36 -5.45 9.76 1.84
CA SER A 36 -6.17 10.31 0.66
C SER A 36 -7.07 9.27 -0.11
N PRO A 37 -8.13 9.64 -0.90
CA PRO A 37 -8.96 8.66 -1.67
C PRO A 37 -8.21 7.84 -2.77
N LYS A 38 -7.58 8.54 -3.74
CA LYS A 38 -6.65 7.92 -4.72
C LYS A 38 -5.46 7.14 -4.07
N GLU A 39 -4.73 7.74 -3.10
CA GLU A 39 -3.80 7.02 -2.19
C GLU A 39 -4.32 5.66 -1.58
N SER A 40 -5.45 5.68 -0.86
CA SER A 40 -6.12 4.45 -0.38
C SER A 40 -6.60 3.45 -1.48
N GLU A 41 -7.16 3.87 -2.62
CA GLU A 41 -7.45 2.98 -3.79
C GLU A 41 -6.18 2.29 -4.41
N VAL A 42 -5.14 3.07 -4.79
CA VAL A 42 -3.81 2.53 -5.24
C VAL A 42 -3.17 1.51 -4.23
N LEU A 43 -3.17 1.83 -2.91
CA LEU A 43 -2.78 0.88 -1.84
C LEU A 43 -3.72 -0.33 -1.62
N ARG A 44 -5.06 -0.17 -1.68
CA ARG A 44 -6.02 -1.30 -1.67
C ARG A 44 -5.77 -2.42 -2.72
N LEU A 45 -5.44 -2.01 -3.96
CA LEU A 45 -5.07 -2.93 -5.05
C LEU A 45 -3.62 -3.51 -4.93
N PHE A 46 -2.61 -2.68 -4.58
CA PHE A 46 -1.30 -3.17 -4.07
C PHE A 46 -1.42 -4.25 -2.93
N ALA A 47 -2.17 -3.95 -1.86
CA ALA A 47 -2.58 -4.90 -0.81
C ALA A 47 -3.44 -6.13 -1.24
N GLU A 48 -4.37 -6.00 -2.20
CA GLU A 48 -5.00 -7.17 -2.91
C GLU A 48 -3.97 -8.18 -3.53
N GLY A 49 -2.99 -7.67 -4.30
CA GLY A 49 -2.20 -8.50 -5.23
C GLY A 49 -1.94 -7.89 -6.64
N PHE A 50 -2.62 -6.82 -7.08
CA PHE A 50 -2.25 -6.11 -8.33
C PHE A 50 -0.96 -5.25 -8.10
N LEU A 51 -0.33 -4.90 -9.22
CA LEU A 51 0.95 -4.17 -9.31
C LEU A 51 0.74 -2.85 -10.09
N VAL A 52 1.57 -1.82 -9.90
CA VAL A 52 1.45 -0.50 -10.64
C VAL A 52 0.99 -0.53 -12.15
N THR A 53 1.55 -1.45 -12.95
CA THR A 53 1.02 -1.85 -14.28
C THR A 53 -0.52 -2.23 -14.33
N GLU A 54 -0.91 -3.32 -13.63
CA GLU A 54 -2.34 -3.71 -13.45
C GLU A 54 -3.25 -2.67 -12.71
N ILE A 55 -2.81 -2.08 -11.58
CA ILE A 55 -3.52 -0.96 -10.88
C ILE A 55 -3.87 0.25 -11.83
N ALA A 56 -2.91 0.77 -12.60
CA ALA A 56 -3.17 1.73 -13.71
C ALA A 56 -4.21 1.26 -14.79
N LYS A 57 -4.04 0.07 -15.37
CA LYS A 57 -5.07 -0.55 -16.27
C LYS A 57 -6.50 -0.78 -15.67
N LYS A 58 -6.61 -1.37 -14.46
CA LYS A 58 -7.88 -1.46 -13.68
C LYS A 58 -8.55 -0.09 -13.31
N LEU A 59 -7.83 0.85 -12.69
CA LEU A 59 -8.34 2.25 -12.49
C LEU A 59 -8.50 3.12 -13.81
N ASN A 60 -8.08 2.63 -14.99
CA ASN A 60 -8.24 3.29 -16.32
C ASN A 60 -7.38 4.57 -16.49
N ARG A 61 -6.04 4.38 -16.35
CA ARG A 61 -5.04 5.46 -16.45
C ARG A 61 -3.63 4.91 -16.85
N SER A 62 -2.66 5.82 -17.09
CA SER A 62 -1.24 5.43 -17.31
C SER A 62 -0.51 5.01 -16.00
N ILE A 63 0.50 4.13 -16.15
CA ILE A 63 1.55 3.87 -15.09
C ILE A 63 2.29 5.15 -14.55
N LYS A 64 2.40 6.25 -15.33
CA LYS A 64 2.89 7.56 -14.84
C LYS A 64 2.08 8.25 -13.69
N THR A 65 0.78 8.57 -13.89
CA THR A 65 -0.09 9.10 -12.79
C THR A 65 -0.26 8.15 -11.56
N ILE A 66 -0.34 6.82 -11.80
CA ILE A 66 -0.09 5.80 -10.75
C ILE A 66 1.27 5.92 -10.01
N SER A 67 2.41 6.04 -10.72
CA SER A 67 3.74 6.17 -10.10
C SER A 67 3.93 7.43 -9.20
N SER A 68 3.48 8.61 -9.66
CA SER A 68 3.25 9.82 -8.83
C SER A 68 2.37 9.59 -7.55
N GLN A 69 1.15 9.00 -7.63
CA GLN A 69 0.38 8.62 -6.42
C GLN A 69 1.00 7.50 -5.52
N LYS A 70 1.58 6.42 -6.07
CA LYS A 70 2.42 5.44 -5.33
C LYS A 70 3.63 6.05 -4.54
N LYS A 71 4.49 6.88 -5.16
CA LYS A 71 5.58 7.61 -4.44
C LYS A 71 5.10 8.74 -3.46
N SER A 72 4.09 9.55 -3.83
CA SER A 72 3.34 10.41 -2.86
C SER A 72 2.70 9.65 -1.66
N ALA A 73 1.98 8.53 -1.86
CA ALA A 73 1.54 7.62 -0.78
C ALA A 73 2.66 6.99 0.12
N MET A 74 3.71 6.40 -0.51
CA MET A 74 4.96 5.98 0.17
C MET A 74 5.60 7.05 1.12
N MET A 75 5.86 8.27 0.60
CA MET A 75 6.39 9.40 1.40
C MET A 75 5.38 10.13 2.36
N LYS A 76 4.07 10.29 2.03
CA LYS A 76 3.03 10.77 3.01
C LYS A 76 2.83 9.87 4.27
N LEU A 77 2.73 8.53 4.10
CA LEU A 77 2.79 7.58 5.24
C LEU A 77 4.19 7.45 5.95
N GLY A 78 5.31 7.61 5.21
CA GLY A 78 6.68 7.46 5.78
C GLY A 78 7.25 6.03 5.78
N VAL A 79 7.11 5.31 4.65
CA VAL A 79 7.59 3.92 4.49
C VAL A 79 8.80 3.89 3.50
N ASP A 80 9.80 3.02 3.73
CA ASP A 80 10.99 2.92 2.83
C ASP A 80 11.09 1.60 1.98
N ASN A 81 9.95 1.11 1.44
CA ASN A 81 9.84 -0.15 0.66
C ASN A 81 8.38 -0.24 0.06
N ASP A 82 8.24 -0.73 -1.18
CA ASP A 82 6.91 -1.13 -1.75
C ASP A 82 6.11 -2.25 -0.98
N ILE A 83 6.79 -3.32 -0.54
CA ILE A 83 6.23 -4.35 0.40
C ILE A 83 5.73 -3.74 1.78
N ALA A 84 6.40 -2.70 2.32
CA ALA A 84 5.89 -1.93 3.50
C ALA A 84 4.45 -1.35 3.43
N LEU A 85 4.01 -0.85 2.27
CA LEU A 85 2.57 -0.54 1.99
C LEU A 85 1.57 -1.75 2.12
N LEU A 86 2.01 -2.93 1.65
CA LEU A 86 1.28 -4.22 1.78
C LEU A 86 1.16 -4.73 3.26
N ASN A 87 2.28 -4.69 4.03
CA ASN A 87 2.24 -4.72 5.50
C ASN A 87 1.31 -3.63 6.12
N TYR A 88 1.48 -2.33 5.83
CA TYR A 88 0.61 -1.23 6.34
C TYR A 88 -0.91 -1.57 6.36
N LEU A 89 -1.48 -1.86 5.18
CA LEU A 89 -2.90 -2.29 5.07
C LEU A 89 -3.27 -3.66 5.73
N SER A 90 -2.42 -4.72 5.65
CA SER A 90 -2.61 -5.96 6.45
C SER A 90 -2.47 -5.83 8.01
N SER A 91 -1.52 -5.00 8.52
CA SER A 91 -1.32 -4.67 9.95
C SER A 91 -2.46 -3.85 10.62
N VAL A 92 -2.90 -2.71 10.06
CA VAL A 92 -4.18 -2.06 10.48
C VAL A 92 -5.47 -2.89 10.19
N SER A 93 -5.52 -3.63 9.07
CA SER A 93 -6.69 -4.43 8.61
C SER A 93 -7.89 -3.53 8.17
N MET A 94 -7.66 -2.64 7.18
CA MET A 94 -8.74 -1.80 6.59
C MET A 94 -9.82 -2.62 5.78
N THR A 95 -9.38 -3.63 5.02
CA THR A 95 -10.26 -4.58 4.29
C THR A 95 -10.29 -5.95 5.07
N PRO A 96 -11.45 -6.57 5.44
CA PRO A 96 -11.47 -7.92 6.08
C PRO A 96 -11.00 -9.13 5.22
N VAL A 97 -11.33 -9.16 3.91
CA VAL A 97 -10.70 -10.07 2.92
C VAL A 97 -9.19 -9.68 2.65
N ASP A 98 -8.26 -10.38 3.33
CA ASP A 98 -6.78 -10.15 3.15
C ASP A 98 -6.20 -10.44 1.72
N LYS A 99 -6.81 -11.36 0.93
CA LYS A 99 -6.55 -11.54 -0.53
C LYS A 99 -5.20 -12.22 -0.83
N TYR A 13 3.79 -9.89 -3.18
CA TYR A 13 2.71 -9.32 -2.32
C TYR A 13 2.92 -9.74 -0.83
N THR A 14 2.89 -11.06 -0.52
CA THR A 14 3.06 -11.59 0.86
C THR A 14 4.46 -12.29 1.02
N PRO A 15 5.59 -11.59 1.36
CA PRO A 15 6.90 -12.26 1.65
C PRO A 15 6.96 -12.99 3.03
N GLU A 16 8.14 -13.52 3.46
CA GLU A 16 8.28 -13.94 4.89
C GLU A 16 9.40 -13.27 5.73
N SER A 17 10.48 -12.71 5.15
CA SER A 17 11.64 -12.17 5.95
C SER A 17 11.64 -10.63 5.99
N VAL A 18 11.58 -10.00 4.82
CA VAL A 18 11.00 -8.63 4.68
C VAL A 18 9.53 -8.48 5.19
N ALA A 19 8.68 -9.54 5.31
CA ALA A 19 7.31 -9.37 5.88
C ALA A 19 7.30 -9.32 7.43
N LYS A 20 7.92 -10.30 8.12
CA LYS A 20 8.20 -10.22 9.59
C LYS A 20 8.95 -8.92 10.05
N LEU A 21 10.07 -8.53 9.37
CA LEU A 21 10.69 -7.18 9.55
C LEU A 21 9.70 -5.99 9.34
N LEU A 22 9.04 -5.87 8.18
CA LEU A 22 8.10 -4.76 7.90
C LEU A 22 6.90 -4.59 8.87
N GLU A 23 6.10 -5.65 9.13
CA GLU A 23 5.12 -5.64 10.27
C GLU A 23 5.72 -5.36 11.69
N LYS A 24 7.01 -5.68 11.95
CA LYS A 24 7.75 -5.18 13.15
C LYS A 24 8.16 -3.66 13.11
N ILE A 25 8.55 -3.10 11.94
CA ILE A 25 8.72 -1.63 11.71
C ILE A 25 7.41 -0.80 11.97
N SER A 26 6.28 -1.14 11.31
CA SER A 26 4.96 -0.52 11.64
C SER A 26 4.41 -0.84 13.07
N ALA A 27 4.36 -2.13 13.48
CA ALA A 27 3.81 -2.60 14.78
C ALA A 27 2.32 -2.20 15.06
N GLY A 28 1.41 -2.61 14.14
CA GLY A 28 0.02 -2.09 14.11
C GLY A 28 -0.17 -0.76 13.34
N GLY A 29 -1.29 -0.10 13.65
CA GLY A 29 -1.63 1.25 13.12
C GLY A 29 -3.16 1.56 13.09
N TYR A 30 -3.85 1.36 14.21
CA TYR A 30 -5.32 1.53 14.31
C TYR A 30 -5.71 2.94 14.83
N GLY A 31 -6.78 3.52 14.26
CA GLY A 31 -7.23 4.90 14.61
C GLY A 31 -6.44 6.10 14.06
N ASP A 32 -5.80 5.98 12.89
CA ASP A 32 -5.12 7.11 12.20
C ASP A 32 -6.09 7.72 11.15
N LYS A 33 -6.76 8.83 11.51
CA LYS A 33 -7.79 9.49 10.65
C LYS A 33 -7.32 10.21 9.32
N ARG A 34 -6.03 10.16 8.94
CA ARG A 34 -5.52 10.84 7.73
C ARG A 34 -5.12 9.75 6.66
N LEU A 35 -6.15 9.24 5.96
CA LEU A 35 -6.03 8.53 4.66
C LEU A 35 -6.90 9.21 3.54
N SER A 36 -6.39 9.37 2.32
CA SER A 36 -7.16 9.93 1.16
C SER A 36 -7.77 8.82 0.21
N PRO A 37 -8.83 9.06 -0.65
CA PRO A 37 -9.48 7.99 -1.47
C PRO A 37 -8.62 7.35 -2.60
N LYS A 38 -7.98 8.17 -3.45
CA LYS A 38 -6.93 7.72 -4.39
C LYS A 38 -5.69 6.99 -3.75
N GLU A 39 -5.12 7.50 -2.64
CA GLU A 39 -4.18 6.75 -1.75
C GLU A 39 -4.69 5.35 -1.29
N SER A 40 -5.85 5.28 -0.60
CA SER A 40 -6.51 3.98 -0.27
C SER A 40 -6.88 3.06 -1.47
N GLU A 41 -7.33 3.58 -2.64
CA GLU A 41 -7.53 2.77 -3.89
C GLU A 41 -6.24 2.08 -4.47
N VAL A 42 -5.17 2.87 -4.75
CA VAL A 42 -3.83 2.31 -5.14
C VAL A 42 -3.26 1.28 -4.11
N LEU A 43 -3.32 1.59 -2.80
CA LEU A 43 -3.06 0.62 -1.71
C LEU A 43 -3.99 -0.61 -1.72
N ARG A 44 -5.32 -0.47 -1.82
CA ARG A 44 -6.27 -1.61 -1.86
C ARG A 44 -6.01 -2.69 -2.93
N LEU A 45 -5.69 -2.28 -4.17
CA LEU A 45 -5.22 -3.22 -5.22
C LEU A 45 -3.76 -3.75 -5.00
N PHE A 46 -2.78 -2.89 -4.67
CA PHE A 46 -1.43 -3.33 -4.20
C PHE A 46 -1.44 -4.37 -3.01
N ALA A 47 -2.22 -4.08 -1.97
CA ALA A 47 -2.59 -5.00 -0.86
C ALA A 47 -3.55 -6.20 -1.16
N GLU A 48 -4.36 -6.17 -2.22
CA GLU A 48 -4.98 -7.39 -2.81
C GLU A 48 -3.94 -8.36 -3.48
N GLY A 49 -2.97 -7.81 -4.22
CA GLY A 49 -2.10 -8.59 -5.13
C GLY A 49 -1.65 -7.86 -6.40
N PHE A 50 -2.51 -7.01 -7.03
CA PHE A 50 -2.21 -6.38 -8.33
C PHE A 50 -0.98 -5.42 -8.25
N LEU A 51 -0.21 -5.38 -9.33
CA LEU A 51 1.05 -4.61 -9.46
C LEU A 51 0.81 -3.26 -10.17
N VAL A 52 1.74 -2.29 -10.08
CA VAL A 52 1.66 -0.97 -10.79
C VAL A 52 1.11 -0.96 -12.28
N THR A 53 1.56 -1.92 -13.10
CA THR A 53 0.90 -2.29 -14.39
C THR A 53 -0.65 -2.59 -14.31
N GLU A 54 -1.07 -3.65 -13.59
CA GLU A 54 -2.51 -3.99 -13.39
C GLU A 54 -3.36 -2.95 -12.60
N ILE A 55 -2.82 -2.33 -11.53
CA ILE A 55 -3.46 -1.18 -10.81
C ILE A 55 -3.79 0.02 -11.77
N ALA A 56 -2.81 0.55 -12.55
CA ALA A 56 -3.10 1.56 -13.60
C ALA A 56 -4.01 1.13 -14.79
N LYS A 57 -4.02 -0.15 -15.21
CA LYS A 57 -5.03 -0.70 -16.17
C LYS A 57 -6.49 -0.85 -15.59
N LYS A 58 -6.65 -1.46 -14.40
CA LYS A 58 -7.94 -1.54 -13.65
C LYS A 58 -8.56 -0.14 -13.28
N LEU A 59 -7.78 0.76 -12.66
CA LEU A 59 -8.17 2.21 -12.52
C LEU A 59 -8.27 3.02 -13.86
N ASN A 60 -7.50 2.66 -14.91
CA ASN A 60 -7.55 3.24 -16.28
C ASN A 60 -7.02 4.70 -16.37
N ARG A 61 -5.70 4.87 -16.15
CA ARG A 61 -5.07 6.20 -16.06
C ARG A 61 -3.68 6.26 -16.78
N SER A 62 -2.62 5.75 -16.13
CA SER A 62 -1.23 5.66 -16.67
C SER A 62 -0.37 4.97 -15.58
N ILE A 63 0.52 4.05 -15.97
CA ILE A 63 1.61 3.52 -15.06
C ILE A 63 2.49 4.65 -14.38
N LYS A 64 2.74 5.78 -15.06
CA LYS A 64 3.36 7.00 -14.46
C LYS A 64 2.50 7.74 -13.40
N THR A 65 1.22 8.04 -13.67
CA THR A 65 0.23 8.47 -12.64
C THR A 65 0.14 7.54 -11.39
N ILE A 66 0.13 6.21 -11.59
CA ILE A 66 0.30 5.22 -10.47
C ILE A 66 1.64 5.32 -9.71
N SER A 67 2.79 5.39 -10.43
CA SER A 67 4.10 5.55 -9.78
C SER A 67 4.26 6.89 -8.99
N SER A 68 3.86 8.04 -9.57
CA SER A 68 3.66 9.31 -8.80
C SER A 68 2.67 9.21 -7.60
N GLN A 69 1.51 8.53 -7.73
CA GLN A 69 0.60 8.28 -6.58
C GLN A 69 1.17 7.37 -5.45
N LYS A 70 1.67 6.16 -5.75
CA LYS A 70 2.37 5.32 -4.74
C LYS A 70 3.65 5.94 -4.12
N LYS A 71 4.47 6.73 -4.85
CA LYS A 71 5.49 7.63 -4.23
C LYS A 71 4.91 8.78 -3.33
N SER A 72 3.80 9.44 -3.72
CA SER A 72 3.03 10.34 -2.82
C SER A 72 2.43 9.66 -1.53
N ALA A 73 1.72 8.53 -1.63
CA ALA A 73 1.35 7.69 -0.45
C ALA A 73 2.55 7.08 0.36
N MET A 74 3.60 6.53 -0.28
CA MET A 74 4.90 6.22 0.39
C MET A 74 5.55 7.38 1.23
N MET A 75 5.84 8.52 0.58
CA MET A 75 6.40 9.72 1.25
C MET A 75 5.44 10.48 2.24
N LYS A 76 4.11 10.53 2.03
CA LYS A 76 3.16 11.03 3.06
C LYS A 76 2.98 10.13 4.33
N LEU A 77 2.93 8.78 4.22
CA LEU A 77 3.04 7.89 5.39
C LEU A 77 4.45 7.83 6.08
N GLY A 78 5.57 8.09 5.36
CA GLY A 78 6.94 7.87 5.89
C GLY A 78 7.54 6.43 5.77
N VAL A 79 6.92 5.54 4.98
CA VAL A 79 7.43 4.17 4.73
C VAL A 79 8.61 4.19 3.68
N ASP A 80 9.66 3.39 3.87
CA ASP A 80 10.84 3.38 2.94
C ASP A 80 10.98 2.08 2.08
N ASN A 81 9.88 1.62 1.44
CA ASN A 81 9.83 0.41 0.58
C ASN A 81 8.40 0.34 -0.08
N ASP A 82 8.34 -0.09 -1.34
CA ASP A 82 7.04 -0.42 -2.04
C ASP A 82 6.20 -1.55 -1.35
N ILE A 83 6.86 -2.67 -0.94
CA ILE A 83 6.29 -3.73 -0.06
C ILE A 83 5.79 -3.20 1.34
N ALA A 84 6.45 -2.18 1.94
CA ALA A 84 5.95 -1.51 3.18
C ALA A 84 4.52 -0.88 3.15
N LEU A 85 4.07 -0.35 2.00
CA LEU A 85 2.61 -0.10 1.76
C LEU A 85 1.67 -1.36 1.96
N LEU A 86 2.12 -2.53 1.51
CA LEU A 86 1.41 -3.83 1.68
C LEU A 86 1.37 -4.36 3.14
N ASN A 87 2.51 -4.29 3.88
CA ASN A 87 2.52 -4.37 5.36
C ASN A 87 1.59 -3.33 6.07
N TYR A 88 1.61 -2.04 5.66
CA TYR A 88 0.71 -1.00 6.20
C TYR A 88 -0.79 -1.41 6.12
N LEU A 89 -1.36 -1.67 4.93
CA LEU A 89 -2.76 -2.18 4.82
C LEU A 89 -3.08 -3.56 5.51
N SER A 90 -2.15 -4.53 5.53
CA SER A 90 -2.29 -5.75 6.38
C SER A 90 -2.25 -5.50 7.93
N SER A 91 -1.23 -4.82 8.46
CA SER A 91 -1.11 -4.39 9.88
C SER A 91 -2.23 -3.42 10.40
N VAL A 92 -2.56 -2.33 9.67
CA VAL A 92 -3.76 -1.50 9.98
C VAL A 92 -5.14 -2.24 9.79
N SER A 93 -5.26 -3.12 8.76
CA SER A 93 -6.52 -3.81 8.38
C SER A 93 -7.68 -2.83 8.02
N MET A 94 -7.42 -1.95 7.04
CA MET A 94 -8.43 -0.99 6.49
C MET A 94 -9.67 -1.65 5.82
N THR A 95 -9.43 -2.69 5.00
CA THR A 95 -10.51 -3.54 4.43
C THR A 95 -10.76 -4.83 5.29
N PRO A 96 -12.00 -5.39 5.40
CA PRO A 96 -12.21 -6.76 5.95
C PRO A 96 -11.61 -7.95 5.14
N VAL A 97 -11.43 -7.82 3.80
CA VAL A 97 -10.69 -8.81 2.96
C VAL A 97 -9.13 -8.74 3.17
N ASP A 98 -8.63 -9.32 4.28
CA ASP A 98 -7.16 -9.52 4.48
C ASP A 98 -6.58 -10.79 3.72
N LYS A 99 -7.00 -11.00 2.45
CA LYS A 99 -6.65 -12.18 1.60
C LYS A 99 -6.82 -13.55 2.30
N TYR A 13 4.43 -10.09 -2.96
CA TYR A 13 3.28 -10.11 -2.02
C TYR A 13 3.75 -10.18 -0.54
N THR A 14 3.19 -11.08 0.30
CA THR A 14 3.72 -11.34 1.66
C THR A 14 5.03 -12.22 1.60
N PRO A 15 6.27 -11.74 1.95
CA PRO A 15 7.48 -12.61 2.06
C PRO A 15 7.44 -13.49 3.36
N GLU A 16 8.57 -13.84 4.02
CA GLU A 16 8.49 -14.21 5.47
C GLU A 16 9.34 -13.36 6.45
N SER A 17 10.57 -12.95 6.15
CA SER A 17 11.48 -12.38 7.19
C SER A 17 11.48 -10.85 7.23
N VAL A 18 11.64 -10.22 6.04
CA VAL A 18 11.11 -8.85 5.81
C VAL A 18 9.58 -8.66 6.10
N ALA A 19 8.68 -9.68 6.13
CA ALA A 19 7.23 -9.44 6.42
C ALA A 19 6.95 -9.24 7.93
N LYS A 20 7.35 -10.22 8.76
CA LYS A 20 7.44 -10.08 10.23
C LYS A 20 8.30 -8.88 10.75
N LEU A 21 9.53 -8.66 10.24
CA LEU A 21 10.27 -7.39 10.46
C LEU A 21 9.47 -6.10 10.07
N LEU A 22 8.98 -5.94 8.83
CA LEU A 22 8.17 -4.77 8.42
C LEU A 22 6.92 -4.41 9.32
N GLU A 23 6.00 -5.36 9.57
CA GLU A 23 4.95 -5.19 10.61
C GLU A 23 5.43 -4.97 12.09
N LYS A 24 6.65 -5.41 12.47
CA LYS A 24 7.32 -4.94 13.71
C LYS A 24 7.95 -3.50 13.64
N ILE A 25 8.50 -3.04 12.48
CA ILE A 25 8.92 -1.62 12.25
C ILE A 25 7.74 -0.60 12.40
N SER A 26 6.62 -0.79 11.68
CA SER A 26 5.37 0.00 11.92
C SER A 26 4.66 -0.30 13.28
N ALA A 27 4.42 -1.57 13.63
CA ALA A 27 3.69 -2.00 14.87
C ALA A 27 2.23 -1.45 15.01
N GLY A 28 1.38 -1.74 14.01
CA GLY A 28 0.08 -1.03 13.85
C GLY A 28 0.17 0.35 13.15
N GLY A 29 -1.00 0.97 12.95
CA GLY A 29 -1.09 2.41 12.59
C GLY A 29 -2.43 3.07 12.95
N TYR A 30 -2.89 2.90 14.20
CA TYR A 30 -4.19 3.44 14.70
C TYR A 30 -4.20 4.98 14.96
N GLY A 31 -3.15 5.53 15.59
CA GLY A 31 -2.90 7.01 15.56
C GLY A 31 -2.46 7.69 14.24
N ASP A 32 -2.47 6.98 13.09
CA ASP A 32 -2.33 7.61 11.75
C ASP A 32 -3.74 7.76 11.09
N LYS A 33 -4.49 8.81 11.51
CA LYS A 33 -5.84 9.15 10.98
C LYS A 33 -5.94 9.79 9.54
N ARG A 34 -4.82 9.88 8.81
CA ARG A 34 -4.69 10.67 7.55
C ARG A 34 -4.29 9.68 6.41
N LEU A 35 -5.32 9.10 5.76
CA LEU A 35 -5.19 8.38 4.46
C LEU A 35 -6.03 9.13 3.37
N SER A 36 -5.44 9.49 2.22
CA SER A 36 -6.22 10.13 1.10
C SER A 36 -7.08 9.10 0.27
N PRO A 37 -8.22 9.46 -0.39
CA PRO A 37 -9.07 8.48 -1.14
C PRO A 37 -8.40 7.74 -2.35
N LYS A 38 -7.73 8.49 -3.24
CA LYS A 38 -6.90 7.93 -4.32
C LYS A 38 -5.59 7.19 -3.84
N GLU A 39 -4.89 7.65 -2.78
CA GLU A 39 -3.92 6.82 -2.00
C GLU A 39 -4.51 5.45 -1.53
N SER A 40 -5.62 5.44 -0.76
CA SER A 40 -6.36 4.20 -0.42
C SER A 40 -6.75 3.25 -1.59
N GLU A 41 -7.23 3.75 -2.74
CA GLU A 41 -7.49 2.92 -3.96
C GLU A 41 -6.21 2.27 -4.58
N VAL A 42 -5.18 3.08 -4.95
CA VAL A 42 -3.86 2.56 -5.42
C VAL A 42 -3.16 1.54 -4.44
N LEU A 43 -3.19 1.83 -3.13
CA LEU A 43 -2.73 0.94 -2.04
C LEU A 43 -3.62 -0.32 -1.86
N ARG A 44 -4.97 -0.23 -1.87
CA ARG A 44 -5.87 -1.42 -1.91
C ARG A 44 -5.58 -2.48 -3.00
N LEU A 45 -5.29 -2.04 -4.22
CA LEU A 45 -4.89 -2.95 -5.33
C LEU A 45 -3.42 -3.46 -5.24
N PHE A 46 -2.45 -2.61 -4.91
CA PHE A 46 -1.12 -3.06 -4.38
C PHE A 46 -1.18 -4.16 -3.25
N ALA A 47 -1.95 -3.89 -2.19
CA ALA A 47 -2.35 -4.88 -1.14
C ALA A 47 -3.21 -6.10 -1.57
N GLU A 48 -4.06 -6.01 -2.61
CA GLU A 48 -4.71 -7.19 -3.25
C GLU A 48 -3.75 -8.14 -4.06
N GLY A 49 -2.75 -7.59 -4.76
CA GLY A 49 -1.87 -8.37 -5.68
C GLY A 49 -1.56 -7.73 -7.05
N PHE A 50 -2.22 -6.63 -7.45
CA PHE A 50 -1.89 -5.92 -8.70
C PHE A 50 -0.64 -4.97 -8.50
N LEU A 51 -0.08 -4.60 -9.63
CA LEU A 51 1.17 -3.80 -9.76
C LEU A 51 0.88 -2.45 -10.47
N VAL A 52 1.74 -1.42 -10.35
CA VAL A 52 1.60 -0.14 -11.12
C VAL A 52 1.05 -0.24 -12.60
N THR A 53 1.59 -1.14 -13.43
CA THR A 53 1.00 -1.54 -14.75
C THR A 53 -0.50 -2.01 -14.72
N GLU A 54 -0.84 -3.09 -13.98
CA GLU A 54 -2.23 -3.59 -13.82
C GLU A 54 -3.20 -2.68 -12.99
N ILE A 55 -2.77 -2.07 -11.88
CA ILE A 55 -3.50 -0.98 -11.16
C ILE A 55 -3.93 0.21 -12.11
N ALA A 56 -3.01 0.77 -12.92
CA ALA A 56 -3.35 1.72 -14.02
C ALA A 56 -4.36 1.20 -15.10
N LYS A 57 -4.16 0.00 -15.68
CA LYS A 57 -5.18 -0.64 -16.58
C LYS A 57 -6.59 -0.92 -15.93
N LYS A 58 -6.65 -1.55 -14.74
CA LYS A 58 -7.89 -1.73 -13.94
C LYS A 58 -8.62 -0.40 -13.52
N LEU A 59 -7.93 0.55 -12.85
CA LEU A 59 -8.48 1.91 -12.61
C LEU A 59 -8.71 2.81 -13.89
N ASN A 60 -8.24 2.40 -15.10
CA ASN A 60 -8.47 3.07 -16.41
C ASN A 60 -7.70 4.43 -16.55
N ARG A 61 -6.36 4.35 -16.46
CA ARG A 61 -5.46 5.53 -16.56
C ARG A 61 -4.02 5.17 -17.08
N SER A 62 -3.10 6.14 -17.07
CA SER A 62 -1.65 5.89 -17.31
C SER A 62 -0.90 5.34 -16.05
N ILE A 63 0.14 4.52 -16.31
CA ILE A 63 1.20 4.18 -15.30
C ILE A 63 1.96 5.41 -14.67
N LYS A 64 2.10 6.55 -15.37
CA LYS A 64 2.72 7.78 -14.81
C LYS A 64 1.97 8.44 -13.60
N THR A 65 0.69 8.85 -13.77
CA THR A 65 -0.18 9.28 -12.62
C THR A 65 -0.36 8.23 -11.46
N ILE A 66 -0.39 6.92 -11.79
CA ILE A 66 -0.23 5.84 -10.77
C ILE A 66 1.11 5.85 -10.00
N SER A 67 2.26 5.95 -10.72
CA SER A 67 3.58 6.01 -10.08
C SER A 67 3.84 7.28 -9.18
N SER A 68 3.40 8.47 -9.64
CA SER A 68 3.16 9.66 -8.77
C SER A 68 2.28 9.42 -7.50
N GLN A 69 1.07 8.82 -7.63
CA GLN A 69 0.26 8.40 -6.45
C GLN A 69 0.89 7.34 -5.49
N LYS A 70 1.42 6.24 -6.02
CA LYS A 70 2.31 5.29 -5.29
C LYS A 70 3.47 5.96 -4.49
N LYS A 71 4.34 6.79 -5.12
CA LYS A 71 5.36 7.61 -4.39
C LYS A 71 4.77 8.68 -3.40
N SER A 72 3.65 9.37 -3.72
CA SER A 72 2.89 10.21 -2.75
C SER A 72 2.37 9.44 -1.48
N ALA A 73 1.65 8.32 -1.62
CA ALA A 73 1.37 7.39 -0.48
C ALA A 73 2.63 6.81 0.26
N MET A 74 3.65 6.33 -0.46
CA MET A 74 4.95 5.88 0.12
C MET A 74 5.71 6.94 1.00
N MET A 75 5.94 8.16 0.47
CA MET A 75 6.45 9.31 1.26
C MET A 75 5.47 9.89 2.33
N LYS A 76 4.15 10.07 2.07
CA LYS A 76 3.18 10.55 3.10
C LYS A 76 2.94 9.59 4.31
N LEU A 77 2.95 8.25 4.12
CA LEU A 77 3.08 7.28 5.24
C LEU A 77 4.51 7.19 5.88
N GLY A 78 5.59 7.30 5.09
CA GLY A 78 6.99 7.19 5.58
C GLY A 78 7.60 5.77 5.52
N VAL A 79 7.54 5.13 4.34
CA VAL A 79 8.04 3.74 4.14
C VAL A 79 9.15 3.74 3.02
N ASP A 80 10.15 2.84 3.12
CA ASP A 80 11.21 2.73 2.06
C ASP A 80 11.20 1.40 1.23
N ASN A 81 10.00 0.90 0.86
CA ASN A 81 9.83 -0.40 0.15
C ASN A 81 8.34 -0.51 -0.34
N ASP A 82 8.11 -1.05 -1.56
CA ASP A 82 6.74 -1.42 -2.04
C ASP A 82 6.01 -2.52 -1.20
N ILE A 83 6.73 -3.58 -0.76
CA ILE A 83 6.26 -4.57 0.26
C ILE A 83 5.79 -3.89 1.61
N ALA A 84 6.48 -2.84 2.08
CA ALA A 84 6.05 -2.04 3.26
C ALA A 84 4.65 -1.34 3.22
N LEU A 85 4.20 -0.87 2.04
CA LEU A 85 2.76 -0.55 1.80
C LEU A 85 1.77 -1.73 2.11
N LEU A 86 2.12 -2.96 1.67
CA LEU A 86 1.39 -4.21 2.03
C LEU A 86 1.43 -4.58 3.55
N ASN A 87 2.58 -4.42 4.25
CA ASN A 87 2.64 -4.44 5.73
C ASN A 87 1.66 -3.41 6.38
N TYR A 88 1.73 -2.12 6.01
CA TYR A 88 0.79 -1.07 6.47
C TYR A 88 -0.71 -1.47 6.39
N LEU A 89 -1.24 -1.81 5.19
CA LEU A 89 -2.64 -2.29 5.05
C LEU A 89 -2.99 -3.62 5.82
N SER A 90 -2.05 -4.59 5.96
CA SER A 90 -2.18 -5.71 6.94
C SER A 90 -2.18 -5.30 8.47
N SER A 91 -1.22 -4.46 8.91
CA SER A 91 -1.07 -3.96 10.30
C SER A 91 -2.22 -3.04 10.81
N VAL A 92 -2.68 -2.06 10.02
CA VAL A 92 -3.98 -1.38 10.26
C VAL A 92 -5.23 -2.31 10.07
N SER A 93 -5.24 -3.20 9.05
CA SER A 93 -6.40 -4.04 8.64
C SER A 93 -7.65 -3.20 8.23
N MET A 94 -7.47 -2.35 7.20
CA MET A 94 -8.57 -1.51 6.64
C MET A 94 -9.72 -2.31 5.94
N THR A 95 -9.35 -3.29 5.10
CA THR A 95 -10.31 -4.21 4.43
C THR A 95 -10.40 -5.59 5.20
N PRO A 96 -11.58 -6.24 5.41
CA PRO A 96 -11.64 -7.63 5.97
C PRO A 96 -10.99 -8.78 5.13
N VAL A 97 -10.77 -8.60 3.81
CA VAL A 97 -9.89 -9.47 3.00
C VAL A 97 -8.39 -9.33 3.44
N ASP A 98 -7.87 -10.35 4.13
CA ASP A 98 -6.42 -10.50 4.41
C ASP A 98 -5.44 -10.56 3.18
N LYS A 99 -5.91 -11.05 2.02
CA LYS A 99 -5.09 -11.16 0.79
C LYS A 99 -5.87 -10.50 -0.36
N TYR A 13 4.49 -10.36 -3.83
CA TYR A 13 3.51 -9.67 -2.94
C TYR A 13 2.96 -10.58 -1.78
N THR A 14 3.75 -11.53 -1.25
CA THR A 14 3.42 -12.32 -0.03
C THR A 14 4.78 -12.86 0.57
N PRO A 15 5.63 -12.06 1.29
CA PRO A 15 6.81 -12.59 2.02
C PRO A 15 6.48 -13.12 3.45
N GLU A 16 7.43 -13.79 4.14
CA GLU A 16 7.22 -14.10 5.58
C GLU A 16 8.29 -13.61 6.61
N SER A 17 9.52 -13.27 6.21
CA SER A 17 10.59 -12.90 7.19
C SER A 17 10.71 -11.36 7.31
N VAL A 18 10.92 -10.69 6.16
CA VAL A 18 10.61 -9.25 5.97
C VAL A 18 9.15 -8.83 6.33
N ALA A 19 8.09 -9.66 6.11
CA ALA A 19 6.71 -9.32 6.55
C ALA A 19 6.49 -9.31 8.09
N LYS A 20 6.97 -10.34 8.84
CA LYS A 20 7.03 -10.27 10.33
C LYS A 20 7.94 -9.13 10.91
N LEU A 21 9.20 -8.97 10.43
CA LEU A 21 10.02 -7.75 10.71
C LEU A 21 9.27 -6.41 10.43
N LEU A 22 8.76 -6.17 9.23
CA LEU A 22 8.02 -4.94 8.87
C LEU A 22 6.78 -4.57 9.74
N GLU A 23 5.81 -5.49 9.97
CA GLU A 23 4.79 -5.30 11.03
C GLU A 23 5.31 -5.10 12.49
N LYS A 24 6.50 -5.63 12.84
CA LYS A 24 7.23 -5.25 14.09
C LYS A 24 7.89 -3.81 14.07
N ILE A 25 8.46 -3.35 12.94
CA ILE A 25 8.92 -1.94 12.73
C ILE A 25 7.74 -0.90 12.85
N SER A 26 6.66 -1.03 12.05
CA SER A 26 5.49 -0.12 12.11
C SER A 26 4.55 -0.30 13.35
N ALA A 27 4.21 -1.55 13.75
CA ALA A 27 3.43 -1.88 14.98
C ALA A 27 2.00 -1.24 15.06
N GLY A 28 1.12 -1.63 14.13
CA GLY A 28 -0.16 -0.90 13.89
C GLY A 28 -0.05 0.14 12.74
N GLY A 29 0.58 1.29 13.03
CA GLY A 29 0.67 2.40 12.04
C GLY A 29 -0.63 3.20 11.84
N TYR A 30 -1.26 3.66 12.94
CA TYR A 30 -2.55 4.38 12.89
C TYR A 30 -2.31 5.86 12.47
N GLY A 31 -2.19 6.82 13.42
CA GLY A 31 -1.82 8.23 13.12
C GLY A 31 -2.79 9.02 12.20
N ASP A 32 -2.58 8.86 10.88
CA ASP A 32 -3.60 9.23 9.87
C ASP A 32 -4.57 8.02 9.62
N LYS A 33 -5.54 7.85 10.54
CA LYS A 33 -6.55 6.75 10.56
C LYS A 33 -7.74 6.77 9.51
N ARG A 34 -7.36 7.17 8.31
CA ARG A 34 -8.08 8.03 7.35
C ARG A 34 -7.83 7.43 5.93
N LEU A 35 -6.57 7.40 5.46
CA LEU A 35 -5.98 7.82 4.16
C LEU A 35 -6.81 8.05 2.84
N SER A 36 -6.30 9.05 2.08
CA SER A 36 -7.05 9.75 0.99
C SER A 36 -7.68 8.83 -0.12
N PRO A 37 -8.78 9.18 -0.87
CA PRO A 37 -9.50 8.19 -1.74
C PRO A 37 -8.68 7.49 -2.85
N LYS A 38 -7.99 8.26 -3.69
CA LYS A 38 -6.98 7.73 -4.65
C LYS A 38 -5.70 7.09 -3.99
N GLU A 39 -5.13 7.67 -2.89
CA GLU A 39 -4.12 6.97 -2.03
C GLU A 39 -4.56 5.55 -1.55
N SER A 40 -5.64 5.41 -0.75
CA SER A 40 -6.22 4.11 -0.37
C SER A 40 -6.67 3.15 -1.51
N GLU A 41 -7.22 3.62 -2.65
CA GLU A 41 -7.46 2.75 -3.86
C GLU A 41 -6.16 2.16 -4.50
N VAL A 42 -5.18 3.02 -4.88
CA VAL A 42 -3.83 2.56 -5.33
C VAL A 42 -3.12 1.61 -4.31
N LEU A 43 -3.09 1.98 -3.01
CA LEU A 43 -2.60 1.13 -1.90
C LEU A 43 -3.40 -0.19 -1.71
N ARG A 44 -4.75 -0.20 -1.79
CA ARG A 44 -5.56 -1.45 -1.80
C ARG A 44 -5.15 -2.52 -2.85
N LEU A 45 -4.99 -2.10 -4.11
CA LEU A 45 -4.49 -3.00 -5.18
C LEU A 45 -2.96 -3.32 -5.09
N PHE A 46 -2.10 -2.34 -4.77
CA PHE A 46 -0.68 -2.57 -4.35
C PHE A 46 -0.51 -3.63 -3.21
N ALA A 47 -1.12 -3.39 -2.04
CA ALA A 47 -1.39 -4.40 -0.98
C ALA A 47 -1.98 -5.78 -1.40
N GLU A 48 -3.05 -5.80 -2.23
CA GLU A 48 -3.57 -7.06 -2.84
C GLU A 48 -2.54 -7.89 -3.67
N GLY A 49 -1.74 -7.27 -4.53
CA GLY A 49 -0.84 -7.97 -5.45
C GLY A 49 -0.63 -7.36 -6.84
N PHE A 50 -1.53 -6.48 -7.31
CA PHE A 50 -1.37 -5.80 -8.60
C PHE A 50 -0.25 -4.70 -8.48
N LEU A 51 0.45 -4.49 -9.58
CA LEU A 51 1.57 -3.53 -9.72
C LEU A 51 1.09 -2.24 -10.47
N VAL A 52 1.87 -1.14 -10.47
CA VAL A 52 1.57 0.10 -11.27
C VAL A 52 0.92 -0.11 -12.69
N THR A 53 1.45 -1.02 -13.51
CA THR A 53 0.79 -1.54 -14.75
C THR A 53 -0.70 -2.05 -14.56
N GLU A 54 -0.91 -3.13 -13.79
CA GLU A 54 -2.28 -3.67 -13.51
C GLU A 54 -3.23 -2.77 -12.66
N ILE A 55 -2.72 -2.02 -11.67
CA ILE A 55 -3.47 -0.96 -10.93
C ILE A 55 -3.99 0.19 -11.86
N ALA A 56 -3.13 0.81 -12.68
CA ALA A 56 -3.58 1.72 -13.78
C ALA A 56 -4.58 1.14 -14.81
N LYS A 57 -4.49 -0.15 -15.17
CA LYS A 57 -5.52 -0.87 -15.97
C LYS A 57 -6.87 -1.20 -15.24
N LYS A 58 -6.85 -1.76 -14.02
CA LYS A 58 -8.06 -2.00 -13.18
C LYS A 58 -8.85 -0.70 -12.79
N LEU A 59 -8.16 0.34 -12.27
CA LEU A 59 -8.73 1.72 -12.16
C LEU A 59 -9.05 2.41 -13.55
N ASN A 60 -8.26 2.15 -14.61
CA ASN A 60 -8.41 2.70 -15.98
C ASN A 60 -8.15 4.23 -16.05
N ARG A 61 -6.88 4.63 -15.79
CA ARG A 61 -6.49 6.05 -15.67
C ARG A 61 -5.23 6.39 -16.52
N SER A 62 -4.02 6.05 -16.03
CA SER A 62 -2.72 6.18 -16.74
C SER A 62 -1.63 5.67 -15.76
N ILE A 63 -0.67 4.86 -16.26
CA ILE A 63 0.58 4.51 -15.50
C ILE A 63 1.44 5.74 -14.97
N LYS A 64 1.35 6.92 -15.61
CA LYS A 64 1.94 8.19 -15.11
C LYS A 64 1.26 8.78 -13.82
N THR A 65 -0.06 9.10 -13.84
CA THR A 65 -0.80 9.46 -12.59
C THR A 65 -0.87 8.36 -11.47
N ILE A 66 -0.85 7.07 -11.84
CA ILE A 66 -0.54 5.97 -10.89
C ILE A 66 0.87 6.05 -10.28
N SER A 67 1.95 6.19 -11.07
CA SER A 67 3.32 6.25 -10.52
C SER A 67 3.59 7.49 -9.60
N SER A 68 3.11 8.68 -10.00
CA SER A 68 2.94 9.85 -9.08
C SER A 68 2.10 9.58 -7.78
N GLN A 69 0.88 9.00 -7.85
CA GLN A 69 0.12 8.60 -6.63
C GLN A 69 0.73 7.44 -5.75
N LYS A 70 1.25 6.38 -6.36
CA LYS A 70 2.11 5.36 -5.70
C LYS A 70 3.32 5.95 -4.91
N LYS A 71 4.22 6.72 -5.55
CA LYS A 71 5.29 7.48 -4.84
C LYS A 71 4.78 8.59 -3.86
N SER A 72 3.69 9.34 -4.14
CA SER A 72 3.04 10.24 -3.14
C SER A 72 2.47 9.55 -1.86
N ALA A 73 1.68 8.46 -1.96
CA ALA A 73 1.32 7.62 -0.78
C ALA A 73 2.53 6.93 -0.05
N MET A 74 3.44 6.27 -0.80
CA MET A 74 4.75 5.76 -0.27
C MET A 74 5.63 6.81 0.50
N MET A 75 5.85 8.01 -0.07
CA MET A 75 6.55 9.14 0.60
C MET A 75 5.74 9.93 1.68
N LYS A 76 4.41 10.17 1.57
CA LYS A 76 3.56 10.63 2.72
C LYS A 76 3.67 9.73 4.01
N LEU A 77 3.51 8.41 3.87
CA LEU A 77 3.74 7.44 4.97
C LEU A 77 5.24 7.31 5.43
N GLY A 78 6.22 7.42 4.51
CA GLY A 78 7.66 7.30 4.84
C GLY A 78 8.17 5.86 4.99
N VAL A 79 7.88 5.01 4.00
CA VAL A 79 8.14 3.55 4.08
C VAL A 79 9.43 3.20 3.27
N ASP A 80 10.45 2.63 3.93
CA ASP A 80 11.78 2.39 3.27
C ASP A 80 11.92 1.08 2.41
N ASN A 81 10.82 0.66 1.75
CA ASN A 81 10.70 -0.66 1.07
C ASN A 81 9.33 -0.68 0.30
N ASP A 82 9.31 -1.27 -0.91
CA ASP A 82 8.04 -1.60 -1.64
C ASP A 82 7.05 -2.55 -0.87
N ILE A 83 7.57 -3.63 -0.26
CA ILE A 83 6.80 -4.54 0.65
C ILE A 83 6.13 -3.84 1.90
N ALA A 84 6.79 -2.81 2.47
CA ALA A 84 6.22 -2.00 3.57
C ALA A 84 4.83 -1.31 3.37
N LEU A 85 4.45 -0.93 2.14
CA LEU A 85 3.02 -0.68 1.77
C LEU A 85 2.01 -1.84 2.06
N LEU A 86 2.40 -3.07 1.72
CA LEU A 86 1.67 -4.33 2.06
C LEU A 86 1.57 -4.61 3.60
N ASN A 87 2.69 -4.44 4.37
CA ASN A 87 2.64 -4.44 5.85
C ASN A 87 1.71 -3.35 6.45
N TYR A 88 1.84 -2.08 6.00
CA TYR A 88 0.95 -0.96 6.39
C TYR A 88 -0.56 -1.33 6.29
N LEU A 89 -1.05 -1.70 5.09
CA LEU A 89 -2.46 -2.10 4.91
C LEU A 89 -2.94 -3.39 5.63
N SER A 90 -2.10 -4.44 5.77
CA SER A 90 -2.37 -5.57 6.71
C SER A 90 -2.39 -5.19 8.23
N SER A 91 -1.42 -4.40 8.74
CA SER A 91 -1.40 -3.86 10.13
C SER A 91 -2.62 -2.96 10.53
N VAL A 92 -2.95 -1.90 9.76
CA VAL A 92 -4.26 -1.19 9.91
C VAL A 92 -5.54 -2.06 9.63
N SER A 93 -5.45 -3.06 8.72
CA SER A 93 -6.58 -3.94 8.30
C SER A 93 -7.71 -3.18 7.54
N MET A 94 -7.33 -2.38 6.52
CA MET A 94 -8.30 -1.67 5.65
C MET A 94 -9.03 -2.61 4.61
N THR A 95 -8.28 -3.53 3.98
CA THR A 95 -8.85 -4.58 3.08
C THR A 95 -9.36 -5.81 3.92
N PRO A 96 -10.61 -6.34 3.81
CA PRO A 96 -11.03 -7.60 4.50
C PRO A 96 -10.35 -8.91 4.02
N VAL A 97 -10.12 -9.10 2.71
CA VAL A 97 -9.26 -10.18 2.16
C VAL A 97 -7.74 -9.89 2.41
N ASP A 98 -7.13 -10.51 3.43
CA ASP A 98 -5.66 -10.40 3.68
C ASP A 98 -4.84 -11.27 2.67
N LYS A 99 -4.68 -10.76 1.43
CA LYS A 99 -4.04 -11.52 0.33
C LYS A 99 -2.52 -11.22 0.19
N TYR A 13 2.37 -11.48 -1.56
CA TYR A 13 1.85 -10.52 -0.53
C TYR A 13 2.76 -10.47 0.74
N THR A 14 2.82 -11.58 1.49
CA THR A 14 3.64 -11.69 2.73
C THR A 14 4.90 -12.56 2.38
N PRO A 15 6.15 -12.03 2.31
CA PRO A 15 7.40 -12.86 2.28
C PRO A 15 7.61 -13.63 3.65
N GLU A 16 8.83 -13.81 4.20
CA GLU A 16 8.92 -14.03 5.68
C GLU A 16 9.87 -13.12 6.51
N SER A 17 10.98 -12.60 5.97
CA SER A 17 12.01 -11.94 6.83
C SER A 17 11.97 -10.39 6.73
N VAL A 18 11.91 -9.85 5.50
CA VAL A 18 11.35 -8.49 5.25
C VAL A 18 9.91 -8.27 5.84
N ALA A 19 8.99 -9.25 5.86
CA ALA A 19 7.66 -9.07 6.51
C ALA A 19 7.70 -8.90 8.06
N LYS A 20 8.43 -9.76 8.82
CA LYS A 20 8.69 -9.48 10.27
C LYS A 20 9.49 -8.17 10.55
N LEU A 21 10.61 -7.90 9.84
CA LEU A 21 11.29 -6.56 9.87
C LEU A 21 10.34 -5.35 9.59
N LEU A 22 9.63 -5.30 8.45
CA LEU A 22 8.65 -4.25 8.12
C LEU A 22 7.50 -4.00 9.14
N GLU A 23 6.85 -5.06 9.68
CA GLU A 23 5.97 -4.92 10.87
C GLU A 23 6.67 -4.33 12.13
N LYS A 24 7.97 -4.63 12.37
CA LYS A 24 8.80 -3.91 13.37
C LYS A 24 9.12 -2.41 13.02
N ILE A 25 9.44 -2.06 11.76
CA ILE A 25 9.65 -0.64 11.30
C ILE A 25 8.36 0.25 11.44
N SER A 26 7.24 -0.15 10.81
CA SER A 26 5.96 0.62 10.91
C SER A 26 5.15 0.33 12.21
N ALA A 27 4.76 -0.93 12.48
CA ALA A 27 4.05 -1.34 13.74
C ALA A 27 2.69 -0.60 14.05
N GLY A 28 1.73 -0.70 13.11
CA GLY A 28 0.47 0.09 13.18
C GLY A 28 0.36 1.15 12.07
N GLY A 29 0.34 2.43 12.45
CA GLY A 29 0.12 3.56 11.50
C GLY A 29 -1.33 4.04 11.32
N TYR A 30 -2.02 4.34 12.43
CA TYR A 30 -3.45 4.77 12.40
C TYR A 30 -3.67 6.32 12.33
N GLY A 31 -3.00 7.14 13.17
CA GLY A 31 -3.13 8.62 13.13
C GLY A 31 -2.43 9.40 11.98
N ASP A 32 -2.65 8.92 10.76
CA ASP A 32 -2.40 9.65 9.50
C ASP A 32 -3.72 10.39 9.17
N LYS A 33 -3.76 11.74 9.18
CA LYS A 33 -5.00 12.54 9.46
C LYS A 33 -6.39 11.99 9.01
N ARG A 34 -6.53 11.57 7.75
CA ARG A 34 -7.42 10.46 7.33
C ARG A 34 -6.90 9.92 5.96
N LEU A 35 -6.96 8.61 5.69
CA LEU A 35 -6.37 8.06 4.43
C LEU A 35 -7.29 8.43 3.21
N SER A 36 -6.71 9.15 2.24
CA SER A 36 -7.47 9.85 1.17
C SER A 36 -8.08 8.88 0.09
N PRO A 37 -9.13 9.19 -0.72
CA PRO A 37 -9.73 8.22 -1.69
C PRO A 37 -8.74 7.64 -2.73
N LYS A 38 -8.08 8.48 -3.53
CA LYS A 38 -6.94 8.08 -4.40
C LYS A 38 -5.74 7.31 -3.70
N GLU A 39 -5.18 7.81 -2.57
CA GLU A 39 -4.24 7.04 -1.70
C GLU A 39 -4.72 5.61 -1.29
N SER A 40 -5.88 5.52 -0.61
CA SER A 40 -6.57 4.24 -0.32
C SER A 40 -6.93 3.34 -1.55
N GLU A 41 -7.37 3.85 -2.71
CA GLU A 41 -7.59 3.07 -3.96
C GLU A 41 -6.29 2.42 -4.56
N VAL A 42 -5.23 3.23 -4.80
CA VAL A 42 -3.89 2.70 -5.21
C VAL A 42 -3.32 1.61 -4.24
N LEU A 43 -3.38 1.84 -2.91
CA LEU A 43 -3.10 0.80 -1.88
C LEU A 43 -4.09 -0.39 -1.80
N ARG A 44 -5.40 -0.20 -2.00
CA ARG A 44 -6.39 -1.30 -2.08
C ARG A 44 -6.12 -2.37 -3.17
N LEU A 45 -5.76 -1.92 -4.37
CA LEU A 45 -5.32 -2.82 -5.47
C LEU A 45 -3.91 -3.42 -5.24
N PHE A 46 -2.91 -2.61 -4.80
CA PHE A 46 -1.66 -3.14 -4.18
C PHE A 46 -1.84 -4.31 -3.13
N ALA A 47 -2.66 -4.08 -2.11
CA ALA A 47 -3.18 -5.11 -1.16
C ALA A 47 -4.00 -6.30 -1.75
N GLU A 48 -4.93 -6.07 -2.71
CA GLU A 48 -5.52 -7.15 -3.55
C GLU A 48 -4.54 -8.03 -4.40
N GLY A 49 -3.30 -7.56 -4.64
CA GLY A 49 -2.27 -8.30 -5.41
C GLY A 49 -1.88 -7.71 -6.78
N PHE A 50 -2.48 -6.59 -7.23
CA PHE A 50 -2.02 -5.86 -8.41
C PHE A 50 -0.76 -4.99 -8.05
N LEU A 51 -0.21 -4.38 -9.09
CA LEU A 51 1.05 -3.61 -9.05
C LEU A 51 0.90 -2.33 -9.92
N VAL A 52 1.77 -1.32 -9.80
CA VAL A 52 1.72 -0.08 -10.65
C VAL A 52 1.24 -0.23 -12.15
N THR A 53 1.79 -1.22 -12.88
CA THR A 53 1.24 -1.75 -14.16
C THR A 53 -0.32 -2.07 -14.17
N GLU A 54 -0.75 -3.11 -13.43
CA GLU A 54 -2.20 -3.48 -13.30
C GLU A 54 -3.12 -2.51 -12.50
N ILE A 55 -2.63 -1.85 -11.43
CA ILE A 55 -3.35 -0.73 -10.74
C ILE A 55 -3.70 0.44 -11.72
N ALA A 56 -2.74 0.95 -12.52
CA ALA A 56 -3.05 1.89 -13.63
C ALA A 56 -4.02 1.37 -14.73
N LYS A 57 -3.82 0.14 -15.28
CA LYS A 57 -4.80 -0.49 -16.21
C LYS A 57 -6.25 -0.73 -15.64
N LYS A 58 -6.41 -1.28 -14.43
CA LYS A 58 -7.72 -1.45 -13.74
C LYS A 58 -8.41 -0.09 -13.34
N LEU A 59 -7.71 0.85 -12.68
CA LEU A 59 -8.21 2.26 -12.52
C LEU A 59 -8.39 3.11 -13.85
N ASN A 60 -7.90 2.64 -15.01
CA ASN A 60 -8.05 3.28 -16.35
C ASN A 60 -7.23 4.61 -16.49
N ARG A 61 -5.90 4.48 -16.35
CA ARG A 61 -4.96 5.62 -16.39
C ARG A 61 -3.52 5.14 -16.82
N SER A 62 -2.58 6.10 -16.96
CA SER A 62 -1.15 5.78 -17.23
C SER A 62 -0.39 5.30 -15.95
N ILE A 63 0.56 4.37 -16.14
CA ILE A 63 1.59 4.03 -15.10
C ILE A 63 2.38 5.25 -14.49
N LYS A 64 2.56 6.38 -15.21
CA LYS A 64 3.14 7.63 -14.64
C LYS A 64 2.32 8.36 -13.53
N THR A 65 1.03 8.70 -13.76
CA THR A 65 0.16 9.26 -12.67
C THR A 65 -0.04 8.32 -11.43
N ILE A 66 -0.15 7.00 -11.68
CA ILE A 66 0.03 5.96 -10.62
C ILE A 66 1.42 5.95 -9.93
N SER A 67 2.55 6.04 -10.66
CA SER A 67 3.89 6.09 -10.05
C SER A 67 4.14 7.33 -9.15
N SER A 68 3.81 8.56 -9.62
CA SER A 68 3.65 9.75 -8.75
C SER A 68 2.73 9.57 -7.49
N GLN A 69 1.52 8.97 -7.63
CA GLN A 69 0.68 8.61 -6.47
C GLN A 69 1.26 7.53 -5.50
N LYS A 70 1.74 6.40 -6.04
CA LYS A 70 2.53 5.36 -5.33
C LYS A 70 3.70 5.92 -4.46
N LYS A 71 4.69 6.62 -5.03
CA LYS A 71 5.74 7.33 -4.23
C LYS A 71 5.22 8.45 -3.26
N SER A 72 4.17 9.24 -3.62
CA SER A 72 3.44 10.10 -2.64
C SER A 72 2.82 9.32 -1.44
N ALA A 73 1.84 8.41 -1.61
CA ALA A 73 1.34 7.52 -0.52
C ALA A 73 2.41 6.67 0.27
N MET A 74 3.38 6.03 -0.42
CA MET A 74 4.57 5.38 0.19
C MET A 74 5.40 6.29 1.17
N MET A 75 5.89 7.45 0.69
CA MET A 75 6.55 8.48 1.54
C MET A 75 5.62 9.21 2.60
N LYS A 76 4.36 9.56 2.26
CA LYS A 76 3.37 10.11 3.23
C LYS A 76 3.01 9.19 4.45
N LEU A 77 2.85 7.87 4.23
CA LEU A 77 2.83 6.87 5.34
C LEU A 77 4.19 6.67 6.09
N GLY A 78 5.33 6.72 5.38
CA GLY A 78 6.67 6.46 5.96
C GLY A 78 7.19 5.02 5.78
N VAL A 79 7.15 4.53 4.53
CA VAL A 79 7.52 3.12 4.20
C VAL A 79 8.56 3.13 3.03
N ASP A 80 9.52 2.18 3.00
CA ASP A 80 10.52 2.10 1.88
C ASP A 80 10.59 0.71 1.16
N ASN A 81 9.42 0.20 0.73
CA ASN A 81 9.28 -1.09 -0.01
C ASN A 81 7.79 -1.18 -0.51
N ASP A 82 7.57 -1.79 -1.70
CA ASP A 82 6.21 -2.21 -2.16
C ASP A 82 5.44 -3.21 -1.22
N ILE A 83 6.11 -4.26 -0.70
CA ILE A 83 5.60 -5.11 0.41
C ILE A 83 5.24 -4.33 1.74
N ALA A 84 6.00 -3.30 2.12
CA ALA A 84 5.65 -2.42 3.28
C ALA A 84 4.26 -1.74 3.29
N LEU A 85 3.76 -1.29 2.12
CA LEU A 85 2.32 -1.01 1.90
C LEU A 85 1.32 -2.17 2.24
N LEU A 86 1.69 -3.42 1.90
CA LEU A 86 0.91 -4.66 2.20
C LEU A 86 0.94 -5.06 3.71
N ASN A 87 2.11 -4.98 4.38
CA ASN A 87 2.21 -4.97 5.85
C ASN A 87 1.38 -3.84 6.54
N TYR A 88 1.52 -2.57 6.12
CA TYR A 88 0.62 -1.46 6.53
C TYR A 88 -0.91 -1.82 6.46
N LEU A 89 -1.46 -2.12 5.26
CA LEU A 89 -2.89 -2.50 5.13
C LEU A 89 -3.33 -3.83 5.85
N SER A 90 -2.44 -4.84 6.04
CA SER A 90 -2.69 -5.96 6.99
C SER A 90 -2.70 -5.56 8.50
N SER A 91 -1.65 -4.90 9.02
CA SER A 91 -1.59 -4.34 10.41
C SER A 91 -2.76 -3.40 10.83
N VAL A 92 -3.10 -2.36 10.04
CA VAL A 92 -4.35 -1.57 10.24
C VAL A 92 -5.68 -2.34 9.88
N SER A 93 -5.67 -3.23 8.87
CA SER A 93 -6.87 -3.97 8.36
C SER A 93 -7.99 -3.04 7.82
N MET A 94 -7.67 -2.19 6.82
CA MET A 94 -8.67 -1.29 6.18
C MET A 94 -9.76 -2.02 5.30
N THR A 95 -9.38 -3.11 4.61
CA THR A 95 -10.32 -3.96 3.83
C THR A 95 -10.82 -5.19 4.67
N PRO A 96 -12.09 -5.69 4.52
CA PRO A 96 -12.50 -7.00 5.10
C PRO A 96 -11.78 -8.28 4.55
N VAL A 97 -11.35 -8.29 3.27
CA VAL A 97 -10.40 -9.30 2.71
C VAL A 97 -8.95 -9.16 3.29
N ASP A 98 -8.77 -9.65 4.52
CA ASP A 98 -7.42 -9.95 5.11
C ASP A 98 -6.49 -10.96 4.34
N LYS A 99 -7.06 -11.82 3.46
CA LYS A 99 -6.33 -12.65 2.47
C LYS A 99 -5.76 -13.90 3.17
N TYR A 13 4.56 -9.33 -2.95
CA TYR A 13 3.41 -9.70 -2.08
C TYR A 13 3.84 -9.86 -0.59
N THR A 14 3.17 -10.70 0.20
CA THR A 14 3.64 -11.11 1.56
C THR A 14 4.90 -12.06 1.45
N PRO A 15 6.15 -11.65 1.82
CA PRO A 15 7.33 -12.58 1.89
C PRO A 15 7.30 -13.41 3.23
N GLU A 16 8.44 -13.78 3.84
CA GLU A 16 8.43 -14.14 5.30
C GLU A 16 9.42 -13.37 6.26
N SER A 17 10.56 -12.84 5.81
CA SER A 17 11.63 -12.38 6.74
C SER A 17 11.75 -10.84 6.79
N VAL A 18 11.89 -10.22 5.61
CA VAL A 18 11.42 -8.82 5.35
C VAL A 18 9.93 -8.53 5.78
N ALA A 19 9.00 -9.52 5.83
CA ALA A 19 7.62 -9.31 6.35
C ALA A 19 7.56 -9.13 7.89
N LYS A 20 8.09 -10.10 8.68
CA LYS A 20 8.24 -9.90 10.15
C LYS A 20 9.10 -8.64 10.56
N LEU A 21 10.26 -8.40 9.91
CA LEU A 21 10.98 -7.10 10.00
C LEU A 21 10.09 -5.85 9.64
N LEU A 22 9.50 -5.74 8.44
CA LEU A 22 8.65 -4.57 8.06
C LEU A 22 7.42 -4.25 8.95
N GLU A 23 6.60 -5.26 9.30
CA GLU A 23 5.59 -5.13 10.39
C GLU A 23 6.16 -4.76 11.79
N LYS A 24 7.40 -5.16 12.14
CA LYS A 24 8.11 -4.55 13.30
C LYS A 24 8.65 -3.08 13.11
N ILE A 25 9.15 -2.69 11.91
CA ILE A 25 9.54 -1.27 11.58
C ILE A 25 8.34 -0.27 11.66
N SER A 26 7.27 -0.47 10.85
CA SER A 26 6.04 0.38 10.95
C SER A 26 5.12 0.09 12.17
N ALA A 27 4.88 -1.19 12.53
CA ALA A 27 4.01 -1.58 13.70
C ALA A 27 2.51 -1.14 13.59
N GLY A 28 1.88 -1.56 12.48
CA GLY A 28 0.46 -1.27 12.19
C GLY A 28 0.07 0.19 11.89
N GLY A 29 -0.76 0.76 12.78
CA GLY A 29 -1.28 2.14 12.64
C GLY A 29 -2.79 2.28 12.38
N TYR A 30 -3.67 1.66 13.20
CA TYR A 30 -5.15 1.85 13.11
C TYR A 30 -5.65 3.31 13.36
N GLY A 31 -5.11 4.03 14.36
CA GLY A 31 -5.23 5.51 14.43
C GLY A 31 -4.37 6.36 13.46
N ASP A 32 -4.03 5.87 12.26
CA ASP A 32 -3.49 6.70 11.15
C ASP A 32 -4.68 7.12 10.22
N LYS A 33 -5.49 8.07 10.72
CA LYS A 33 -6.69 8.60 10.03
C LYS A 33 -6.47 9.67 8.89
N ARG A 34 -5.21 9.96 8.53
CA ARG A 34 -4.84 10.97 7.49
C ARG A 34 -4.12 10.26 6.29
N LEU A 35 -4.86 9.40 5.57
CA LEU A 35 -4.49 8.91 4.22
C LEU A 35 -5.45 9.48 3.13
N SER A 36 -4.95 9.90 1.96
CA SER A 36 -5.82 10.35 0.84
C SER A 36 -6.69 9.21 0.20
N PRO A 37 -7.93 9.46 -0.33
CA PRO A 37 -8.83 8.38 -0.85
C PRO A 37 -8.29 7.55 -2.06
N LYS A 38 -7.81 8.25 -3.10
CA LYS A 38 -7.02 7.67 -4.20
C LYS A 38 -5.65 7.00 -3.77
N GLU A 39 -4.90 7.54 -2.79
CA GLU A 39 -3.81 6.81 -2.08
C GLU A 39 -4.25 5.45 -1.46
N SER A 40 -5.25 5.39 -0.56
CA SER A 40 -5.82 4.09 -0.10
C SER A 40 -6.46 3.16 -1.18
N GLU A 41 -7.09 3.64 -2.27
CA GLU A 41 -7.49 2.77 -3.43
C GLU A 41 -6.29 2.07 -4.17
N VAL A 42 -5.29 2.86 -4.63
CA VAL A 42 -4.01 2.32 -5.15
C VAL A 42 -3.28 1.31 -4.19
N LEU A 43 -3.21 1.63 -2.89
CA LEU A 43 -2.73 0.73 -1.83
C LEU A 43 -3.59 -0.54 -1.57
N ARG A 44 -4.93 -0.42 -1.58
CA ARG A 44 -5.86 -1.58 -1.55
C ARG A 44 -5.65 -2.68 -2.63
N LEU A 45 -5.48 -2.27 -3.90
CA LEU A 45 -5.10 -3.21 -4.98
C LEU A 45 -3.64 -3.74 -4.85
N PHE A 46 -2.65 -2.88 -4.58
CA PHE A 46 -1.30 -3.31 -4.10
C PHE A 46 -1.28 -4.42 -2.98
N ALA A 47 -2.00 -4.16 -1.88
CA ALA A 47 -2.31 -5.14 -0.81
C ALA A 47 -3.12 -6.42 -1.20
N GLU A 48 -4.16 -6.31 -2.04
CA GLU A 48 -4.80 -7.47 -2.73
C GLU A 48 -3.84 -8.40 -3.53
N GLY A 49 -2.87 -7.82 -4.25
CA GLY A 49 -1.97 -8.56 -5.15
C GLY A 49 -1.50 -7.78 -6.39
N PHE A 50 -2.33 -6.92 -6.98
CA PHE A 50 -2.02 -6.20 -8.24
C PHE A 50 -0.81 -5.22 -8.07
N LEU A 51 -0.12 -4.96 -9.18
CA LEU A 51 1.10 -4.12 -9.23
C LEU A 51 0.81 -2.79 -9.98
N VAL A 52 1.62 -1.73 -9.79
CA VAL A 52 1.49 -0.43 -10.55
C VAL A 52 0.95 -0.49 -12.04
N THR A 53 1.54 -1.37 -12.86
CA THR A 53 0.99 -1.76 -14.20
C THR A 53 -0.51 -2.22 -14.22
N GLU A 54 -0.86 -3.32 -13.52
CA GLU A 54 -2.27 -3.78 -13.37
C GLU A 54 -3.23 -2.88 -12.56
N ILE A 55 -2.79 -2.30 -11.43
CA ILE A 55 -3.52 -1.21 -10.71
C ILE A 55 -3.94 -0.02 -11.66
N ALA A 56 -3.00 0.58 -12.43
CA ALA A 56 -3.35 1.54 -13.51
C ALA A 56 -4.34 1.04 -14.60
N LYS A 57 -4.15 -0.18 -15.16
CA LYS A 57 -5.15 -0.84 -16.04
C LYS A 57 -6.57 -1.13 -15.42
N LYS A 58 -6.64 -1.72 -14.22
CA LYS A 58 -7.90 -1.95 -13.46
C LYS A 58 -8.63 -0.63 -13.01
N LEU A 59 -7.93 0.32 -12.35
CA LEU A 59 -8.47 1.71 -12.13
C LEU A 59 -8.69 2.59 -13.42
N ASN A 60 -8.18 2.22 -14.61
CA ASN A 60 -8.36 2.94 -15.90
C ASN A 60 -7.59 4.31 -15.98
N ARG A 61 -6.25 4.22 -15.89
CA ARG A 61 -5.33 5.38 -16.03
C ARG A 61 -3.90 4.97 -16.55
N SER A 62 -2.98 5.94 -16.65
CA SER A 62 -1.55 5.68 -16.90
C SER A 62 -0.75 5.22 -15.64
N ILE A 63 0.25 4.35 -15.85
CA ILE A 63 1.31 4.01 -14.84
C ILE A 63 2.14 5.23 -14.26
N LYS A 64 2.21 6.38 -14.95
CA LYS A 64 2.77 7.64 -14.40
C LYS A 64 1.98 8.27 -13.22
N THR A 65 0.68 8.61 -13.40
CA THR A 65 -0.19 9.09 -12.26
C THR A 65 -0.38 8.06 -11.11
N ILE A 66 -0.46 6.74 -11.41
CA ILE A 66 -0.29 5.66 -10.39
C ILE A 66 1.05 5.69 -9.60
N SER A 67 2.18 5.92 -10.29
CA SER A 67 3.51 5.98 -9.64
C SER A 67 3.68 7.22 -8.72
N SER A 68 3.34 8.44 -9.20
CA SER A 68 3.04 9.60 -8.30
C SER A 68 2.03 9.33 -7.12
N GLN A 69 0.96 8.53 -7.31
CA GLN A 69 0.02 8.13 -6.24
C GLN A 69 0.59 7.13 -5.17
N LYS A 70 1.23 6.02 -5.58
CA LYS A 70 2.03 5.15 -4.66
C LYS A 70 3.23 5.88 -3.97
N LYS A 71 4.02 6.73 -4.69
CA LYS A 71 5.02 7.63 -4.06
C LYS A 71 4.44 8.71 -3.10
N SER A 72 3.27 9.34 -3.39
CA SER A 72 2.52 10.14 -2.38
C SER A 72 2.09 9.36 -1.09
N ALA A 73 1.52 8.14 -1.18
CA ALA A 73 1.33 7.25 0.02
C ALA A 73 2.64 6.73 0.70
N MET A 74 3.63 6.21 -0.06
CA MET A 74 5.01 5.93 0.46
C MET A 74 5.71 7.10 1.24
N MET A 75 5.83 8.29 0.61
CA MET A 75 6.32 9.55 1.24
C MET A 75 5.45 10.10 2.42
N LYS A 76 4.09 10.20 2.33
CA LYS A 76 3.24 10.54 3.51
C LYS A 76 3.44 9.64 4.77
N LEU A 77 3.44 8.30 4.61
CA LEU A 77 3.73 7.36 5.73
C LEU A 77 5.22 7.31 6.22
N GLY A 78 6.21 7.63 5.36
CA GLY A 78 7.64 7.41 5.68
C GLY A 78 8.21 5.97 5.53
N VAL A 79 7.50 5.09 4.81
CA VAL A 79 7.98 3.72 4.46
C VAL A 79 9.06 3.78 3.32
N ASP A 80 10.09 2.91 3.37
CA ASP A 80 11.14 2.87 2.30
C ASP A 80 11.21 1.53 1.50
N ASN A 81 10.04 1.03 1.02
CA ASN A 81 9.89 -0.26 0.30
C ASN A 81 8.41 -0.38 -0.21
N ASP A 82 8.21 -0.93 -1.42
CA ASP A 82 6.86 -1.37 -1.92
C ASP A 82 6.13 -2.44 -1.02
N ILE A 83 6.86 -3.47 -0.56
CA ILE A 83 6.38 -4.48 0.44
C ILE A 83 5.90 -3.85 1.82
N ALA A 84 6.59 -2.80 2.32
CA ALA A 84 6.15 -2.03 3.52
C ALA A 84 4.71 -1.43 3.50
N LEU A 85 4.31 -0.83 2.35
CA LEU A 85 2.89 -0.54 2.03
C LEU A 85 1.91 -1.76 2.13
N LEU A 86 2.30 -2.93 1.59
CA LEU A 86 1.54 -4.21 1.73
C LEU A 86 1.35 -4.71 3.19
N ASN A 87 2.40 -4.64 4.03
CA ASN A 87 2.28 -4.71 5.52
C ASN A 87 1.30 -3.65 6.12
N TYR A 88 1.47 -2.34 5.81
CA TYR A 88 0.57 -1.26 6.29
C TYR A 88 -0.95 -1.56 6.08
N LEU A 89 -1.38 -1.84 4.84
CA LEU A 89 -2.76 -2.31 4.55
C LEU A 89 -3.14 -3.72 5.12
N SER A 90 -2.25 -4.74 5.11
CA SER A 90 -2.48 -5.99 5.91
C SER A 90 -2.70 -5.80 7.45
N SER A 91 -2.04 -4.81 8.08
CA SER A 91 -2.38 -4.35 9.45
C SER A 91 -3.69 -3.50 9.54
N VAL A 92 -3.76 -2.27 8.97
CA VAL A 92 -4.99 -1.39 9.04
C VAL A 92 -6.31 -2.01 8.47
N SER A 93 -6.22 -2.68 7.31
CA SER A 93 -7.34 -3.39 6.64
C SER A 93 -8.48 -2.43 6.21
N MET A 94 -8.11 -1.44 5.37
CA MET A 94 -9.08 -0.55 4.69
C MET A 94 -10.18 -1.24 3.82
N THR A 95 -9.81 -2.36 3.16
CA THR A 95 -10.75 -3.30 2.50
C THR A 95 -11.33 -4.39 3.48
N PRO A 96 -12.59 -4.90 3.33
CA PRO A 96 -13.09 -6.06 4.13
C PRO A 96 -12.41 -7.45 3.87
N VAL A 97 -12.17 -7.82 2.61
CA VAL A 97 -11.31 -8.98 2.22
C VAL A 97 -9.79 -8.75 2.53
N ASP A 98 -9.35 -9.02 3.77
CA ASP A 98 -7.90 -8.99 4.13
C ASP A 98 -7.13 -10.30 3.67
N LYS A 99 -7.16 -10.55 2.34
CA LYS A 99 -6.48 -11.67 1.64
C LYS A 99 -6.54 -13.08 2.25
N TYR A 13 3.03 -10.53 -2.28
CA TYR A 13 2.09 -9.96 -1.27
C TYR A 13 2.58 -10.20 0.21
N THR A 14 2.49 -11.43 0.73
CA THR A 14 2.79 -11.72 2.17
C THR A 14 4.11 -12.57 2.27
N PRO A 15 5.34 -11.98 2.47
CA PRO A 15 6.57 -12.77 2.75
C PRO A 15 6.62 -13.39 4.19
N GLU A 16 7.75 -14.00 4.62
CA GLU A 16 7.90 -14.34 6.07
C GLU A 16 9.11 -13.70 6.84
N SER A 17 10.22 -13.31 6.20
CA SER A 17 11.40 -12.78 6.95
C SER A 17 11.44 -11.23 6.91
N VAL A 18 11.40 -10.67 5.69
CA VAL A 18 10.95 -9.27 5.46
C VAL A 18 9.51 -8.95 5.99
N ALA A 19 8.53 -9.89 6.07
CA ALA A 19 7.22 -9.61 6.73
C ALA A 19 7.30 -9.41 8.27
N LYS A 20 7.94 -10.33 9.04
CA LYS A 20 8.21 -10.08 10.49
C LYS A 20 9.07 -8.81 10.80
N LEU A 21 10.22 -8.60 10.09
CA LEU A 21 10.91 -7.28 10.08
C LEU A 21 9.97 -6.06 9.74
N LEU A 22 9.25 -6.05 8.61
CA LEU A 22 8.36 -4.93 8.22
C LEU A 22 7.21 -4.56 9.21
N GLU A 23 6.37 -5.52 9.66
CA GLU A 23 5.48 -5.29 10.84
C GLU A 23 6.19 -4.82 12.16
N LYS A 24 7.46 -5.19 12.40
CA LYS A 24 8.29 -4.58 13.47
C LYS A 24 8.86 -3.14 13.19
N ILE A 25 9.18 -2.78 11.92
CA ILE A 25 9.45 -1.38 11.47
C ILE A 25 8.21 -0.43 11.65
N SER A 26 7.03 -0.77 11.09
CA SER A 26 5.78 0.01 11.31
C SER A 26 5.20 -0.05 12.77
N ALA A 27 4.97 -1.26 13.32
CA ALA A 27 4.47 -1.48 14.71
C ALA A 27 3.10 -0.78 15.06
N GLY A 28 2.05 -1.12 14.30
CA GLY A 28 0.74 -0.42 14.37
C GLY A 28 0.46 0.48 13.13
N GLY A 29 0.08 1.74 13.39
CA GLY A 29 -0.23 2.72 12.30
C GLY A 29 -1.56 3.50 12.51
N TYR A 30 -1.68 4.26 13.59
CA TYR A 30 -2.94 4.98 13.95
C TYR A 30 -3.11 6.42 13.36
N GLY A 31 -2.02 7.16 13.02
CA GLY A 31 -2.10 8.30 12.05
C GLY A 31 -2.58 7.91 10.62
N ASP A 32 -2.54 8.78 9.59
CA ASP A 32 -3.79 9.37 9.00
C ASP A 32 -5.20 8.78 9.37
N LYS A 33 -6.11 9.66 9.88
CA LYS A 33 -7.48 9.26 10.30
C LYS A 33 -8.35 8.49 9.24
N ARG A 34 -8.21 8.83 7.95
CA ARG A 34 -8.65 7.99 6.81
C ARG A 34 -7.66 8.21 5.62
N LEU A 35 -7.38 7.13 4.87
CA LEU A 35 -6.52 7.19 3.66
C LEU A 35 -7.31 7.82 2.46
N SER A 36 -6.69 8.83 1.80
CA SER A 36 -7.34 9.65 0.73
C SER A 36 -7.90 8.84 -0.51
N PRO A 37 -8.79 9.32 -1.42
CA PRO A 37 -9.46 8.44 -2.44
C PRO A 37 -8.52 7.71 -3.45
N LYS A 38 -7.68 8.46 -4.17
CA LYS A 38 -6.59 7.90 -5.01
C LYS A 38 -5.47 7.15 -4.19
N GLU A 39 -5.00 7.68 -3.03
CA GLU A 39 -4.16 6.90 -2.04
C GLU A 39 -4.73 5.50 -1.66
N SER A 40 -5.91 5.42 -1.02
CA SER A 40 -6.62 4.16 -0.73
C SER A 40 -6.91 3.25 -1.96
N GLU A 41 -7.39 3.75 -3.12
CA GLU A 41 -7.55 2.94 -4.36
C GLU A 41 -6.24 2.26 -4.88
N VAL A 42 -5.17 3.04 -5.13
CA VAL A 42 -3.80 2.50 -5.45
C VAL A 42 -3.25 1.48 -4.39
N LEU A 43 -3.39 1.77 -3.08
CA LEU A 43 -3.05 0.83 -1.99
C LEU A 43 -3.94 -0.44 -1.89
N ARG A 44 -5.27 -0.32 -2.00
CA ARG A 44 -6.20 -1.48 -2.07
C ARG A 44 -5.91 -2.52 -3.18
N LEU A 45 -5.61 -2.08 -4.41
CA LEU A 45 -5.13 -2.99 -5.47
C LEU A 45 -3.67 -3.52 -5.27
N PHE A 46 -2.70 -2.67 -4.87
CA PHE A 46 -1.35 -3.12 -4.40
C PHE A 46 -1.38 -4.18 -3.24
N ALA A 47 -2.13 -3.90 -2.16
CA ALA A 47 -2.59 -4.87 -1.14
C ALA A 47 -3.43 -6.11 -1.60
N GLU A 48 -4.32 -6.01 -2.60
CA GLU A 48 -4.92 -7.19 -3.27
C GLU A 48 -3.88 -8.16 -3.94
N GLY A 49 -2.87 -7.63 -4.64
CA GLY A 49 -2.02 -8.44 -5.56
C GLY A 49 -1.71 -7.83 -6.94
N PHE A 50 -2.44 -6.80 -7.43
CA PHE A 50 -2.06 -6.10 -8.67
C PHE A 50 -0.82 -5.17 -8.42
N LEU A 51 -0.15 -4.84 -9.52
CA LEU A 51 1.09 -4.03 -9.54
C LEU A 51 0.83 -2.71 -10.30
N VAL A 52 1.62 -1.64 -10.05
CA VAL A 52 1.49 -0.31 -10.77
C VAL A 52 1.03 -0.32 -12.28
N THR A 53 1.64 -1.20 -13.09
CA THR A 53 1.15 -1.61 -14.44
C THR A 53 -0.36 -2.04 -14.52
N GLU A 54 -0.75 -3.17 -13.90
CA GLU A 54 -2.17 -3.60 -13.74
C GLU A 54 -3.11 -2.64 -12.96
N ILE A 55 -2.66 -2.00 -11.86
CA ILE A 55 -3.40 -0.92 -11.14
C ILE A 55 -3.76 0.29 -12.08
N ALA A 56 -2.81 0.86 -12.84
CA ALA A 56 -3.11 1.83 -13.93
C ALA A 56 -4.10 1.36 -15.03
N LYS A 57 -3.93 0.13 -15.58
CA LYS A 57 -4.94 -0.50 -16.48
C LYS A 57 -6.36 -0.77 -15.88
N LYS A 58 -6.47 -1.33 -14.66
CA LYS A 58 -7.74 -1.52 -13.91
C LYS A 58 -8.44 -0.17 -13.48
N LEU A 59 -7.73 0.75 -12.79
CA LEU A 59 -8.23 2.15 -12.60
C LEU A 59 -8.44 3.03 -13.88
N ASN A 60 -7.93 2.62 -15.07
CA ASN A 60 -8.13 3.29 -16.39
C ASN A 60 -7.36 4.65 -16.50
N ARG A 61 -6.03 4.56 -16.39
CA ARG A 61 -5.10 5.73 -16.44
C ARG A 61 -3.68 5.32 -16.96
N SER A 62 -2.75 6.30 -17.04
CA SER A 62 -1.31 6.02 -17.24
C SER A 62 -0.60 5.49 -15.95
N ILE A 63 0.41 4.62 -16.14
CA ILE A 63 1.46 4.34 -15.11
C ILE A 63 2.22 5.59 -14.54
N LYS A 64 2.31 6.72 -15.27
CA LYS A 64 2.85 8.01 -14.74
C LYS A 64 2.05 8.62 -13.54
N THR A 65 0.76 8.95 -13.70
CA THR A 65 -0.11 9.38 -12.55
C THR A 65 -0.30 8.34 -11.39
N ILE A 66 -0.33 7.03 -11.72
CA ILE A 66 -0.11 5.94 -10.71
C ILE A 66 1.24 6.03 -9.95
N SER A 67 2.37 6.26 -10.63
CA SER A 67 3.69 6.40 -9.98
C SER A 67 3.82 7.66 -9.07
N SER A 68 3.38 8.86 -9.52
CA SER A 68 3.08 10.02 -8.65
C SER A 68 2.19 9.72 -7.40
N GLN A 69 1.05 9.01 -7.52
CA GLN A 69 0.27 8.56 -6.34
C GLN A 69 0.93 7.44 -5.45
N LYS A 70 1.54 6.40 -6.04
CA LYS A 70 2.37 5.38 -5.34
C LYS A 70 3.54 6.01 -4.50
N LYS A 71 4.45 6.82 -5.11
CA LYS A 71 5.44 7.61 -4.33
C LYS A 71 4.85 8.66 -3.34
N SER A 72 3.74 9.36 -3.66
CA SER A 72 3.00 10.22 -2.69
C SER A 72 2.41 9.45 -1.46
N ALA A 73 1.63 8.37 -1.61
CA ALA A 73 1.25 7.46 -0.49
C ALA A 73 2.45 6.77 0.26
N MET A 74 3.47 6.24 -0.44
CA MET A 74 4.78 5.82 0.16
C MET A 74 5.46 6.86 1.10
N MET A 75 5.70 8.10 0.62
CA MET A 75 6.25 9.21 1.44
C MET A 75 5.27 9.83 2.50
N LYS A 76 3.98 10.05 2.20
CA LYS A 76 2.99 10.56 3.19
C LYS A 76 2.63 9.57 4.36
N LEU A 77 2.62 8.24 4.14
CA LEU A 77 2.63 7.24 5.25
C LEU A 77 4.02 7.07 5.95
N GLY A 78 5.14 7.14 5.21
CA GLY A 78 6.51 7.02 5.79
C GLY A 78 7.13 5.62 5.70
N VAL A 79 7.25 5.08 4.48
CA VAL A 79 7.77 3.71 4.23
C VAL A 79 8.92 3.75 3.16
N ASP A 80 9.86 2.81 3.21
CA ASP A 80 10.96 2.71 2.18
C ASP A 80 10.96 1.37 1.35
N ASN A 81 9.78 0.89 0.92
CA ASN A 81 9.61 -0.36 0.14
C ASN A 81 8.13 -0.44 -0.38
N ASP A 82 7.92 -0.99 -1.58
CA ASP A 82 6.55 -1.40 -2.06
C ASP A 82 5.83 -2.51 -1.20
N ILE A 83 6.55 -3.57 -0.80
CA ILE A 83 6.09 -4.57 0.21
C ILE A 83 5.70 -3.92 1.60
N ALA A 84 6.41 -2.88 2.06
CA ALA A 84 6.01 -2.08 3.26
C ALA A 84 4.59 -1.42 3.29
N LEU A 85 4.10 -0.90 2.15
CA LEU A 85 2.66 -0.58 1.97
C LEU A 85 1.66 -1.78 2.22
N LEU A 86 2.06 -2.98 1.81
CA LEU A 86 1.35 -4.26 2.08
C LEU A 86 1.39 -4.72 3.59
N ASN A 87 2.54 -4.56 4.28
CA ASN A 87 2.60 -4.62 5.77
C ASN A 87 1.72 -3.55 6.49
N TYR A 88 1.75 -2.27 6.05
CA TYR A 88 0.86 -1.20 6.57
C TYR A 88 -0.66 -1.60 6.52
N LEU A 89 -1.21 -1.85 5.32
CA LEU A 89 -2.62 -2.28 5.17
C LEU A 89 -2.99 -3.64 5.85
N SER A 90 -2.10 -4.65 5.91
CA SER A 90 -2.28 -5.84 6.78
C SER A 90 -2.21 -5.56 8.34
N SER A 91 -1.19 -4.82 8.81
CA SER A 91 -0.99 -4.46 10.26
C SER A 91 -2.12 -3.57 10.87
N VAL A 92 -2.50 -2.46 10.20
CA VAL A 92 -3.76 -1.72 10.53
C VAL A 92 -5.07 -2.55 10.21
N SER A 93 -5.09 -3.34 9.12
CA SER A 93 -6.28 -4.09 8.61
C SER A 93 -7.47 -3.15 8.24
N MET A 94 -7.25 -2.29 7.21
CA MET A 94 -8.30 -1.36 6.71
C MET A 94 -9.54 -2.08 6.08
N THR A 95 -9.30 -3.09 5.22
CA THR A 95 -10.36 -3.98 4.68
C THR A 95 -10.43 -5.33 5.49
N PRO A 96 -11.61 -5.93 5.83
CA PRO A 96 -11.67 -7.27 6.49
C PRO A 96 -11.09 -8.51 5.70
N VAL A 97 -11.12 -8.48 4.35
CA VAL A 97 -10.36 -9.42 3.49
C VAL A 97 -8.82 -9.16 3.53
N ASP A 98 -8.10 -9.82 4.45
CA ASP A 98 -6.61 -9.86 4.43
C ASP A 98 -6.05 -10.96 3.43
N LYS A 99 -6.56 -10.98 2.18
CA LYS A 99 -6.27 -12.00 1.13
C LYS A 99 -6.44 -13.47 1.60
N TYR A 13 4.41 -9.53 -3.69
CA TYR A 13 3.21 -9.63 -2.82
C TYR A 13 3.46 -10.68 -1.70
N THR A 14 3.21 -10.29 -0.42
CA THR A 14 3.35 -11.19 0.76
C THR A 14 4.65 -12.08 0.83
N PRO A 15 5.88 -11.56 1.17
CA PRO A 15 7.09 -12.40 1.37
C PRO A 15 7.01 -13.26 2.70
N GLU A 16 8.10 -13.63 3.39
CA GLU A 16 7.96 -14.04 4.82
C GLU A 16 8.85 -13.36 5.91
N SER A 17 10.07 -12.91 5.63
CA SER A 17 11.00 -12.48 6.73
C SER A 17 11.20 -10.94 6.78
N VAL A 18 11.38 -10.31 5.60
CA VAL A 18 10.98 -8.89 5.38
C VAL A 18 9.49 -8.58 5.78
N ALA A 19 8.48 -9.47 5.60
CA ALA A 19 7.10 -9.21 6.08
C ALA A 19 6.96 -9.13 7.64
N LYS A 20 7.47 -10.13 8.41
CA LYS A 20 7.57 -10.00 9.90
C LYS A 20 8.42 -8.78 10.42
N LEU A 21 9.66 -8.58 9.91
CA LEU A 21 10.44 -7.33 10.16
C LEU A 21 9.67 -6.01 9.82
N LEU A 22 9.11 -5.86 8.62
CA LEU A 22 8.29 -4.70 8.23
C LEU A 22 7.08 -4.34 9.15
N GLU A 23 6.17 -5.28 9.48
CA GLU A 23 5.21 -5.06 10.60
C GLU A 23 5.81 -4.71 12.00
N LYS A 24 7.01 -5.21 12.33
CA LYS A 24 7.78 -4.72 13.51
C LYS A 24 8.40 -3.27 13.38
N ILE A 25 8.83 -2.83 12.19
CA ILE A 25 9.15 -1.39 11.87
C ILE A 25 7.89 -0.45 12.02
N SER A 26 6.76 -0.73 11.33
CA SER A 26 5.52 0.10 11.44
C SER A 26 4.83 0.03 12.84
N ALA A 27 4.38 -1.16 13.30
CA ALA A 27 3.75 -1.37 14.64
C ALA A 27 2.54 -0.45 15.02
N GLY A 28 1.48 -0.47 14.18
CA GLY A 28 0.38 0.52 14.25
C GLY A 28 0.45 1.60 13.15
N GLY A 29 0.08 2.84 13.48
CA GLY A 29 0.01 3.96 12.48
C GLY A 29 -1.40 4.29 11.99
N TYR A 30 -2.08 3.29 11.40
CA TYR A 30 -3.50 3.35 11.00
C TYR A 30 -3.82 4.47 9.94
N GLY A 31 -5.06 4.96 9.81
CA GLY A 31 -5.36 6.15 8.96
C GLY A 31 -4.78 7.47 9.53
N ASP A 32 -3.56 7.84 9.11
CA ASP A 32 -2.65 8.61 10.02
C ASP A 32 -2.86 10.16 10.22
N LYS A 33 -3.78 10.78 9.46
CA LYS A 33 -4.41 12.13 9.70
C LYS A 33 -5.40 12.60 8.54
N ARG A 34 -5.18 11.98 7.38
CA ARG A 34 -5.30 12.49 6.00
C ARG A 34 -5.97 11.32 5.19
N LEU A 35 -5.26 10.19 5.00
CA LEU A 35 -4.98 9.43 3.75
C LEU A 35 -6.05 9.48 2.60
N SER A 36 -5.59 9.99 1.46
CA SER A 36 -6.48 10.50 0.37
C SER A 36 -7.26 9.39 -0.42
N PRO A 37 -8.41 9.65 -1.11
CA PRO A 37 -9.20 8.59 -1.81
C PRO A 37 -8.43 7.77 -2.89
N LYS A 38 -7.84 8.45 -3.88
CA LYS A 38 -6.91 7.83 -4.87
C LYS A 38 -5.61 7.19 -4.26
N GLU A 39 -4.93 7.80 -3.24
CA GLU A 39 -3.90 7.11 -2.41
C GLU A 39 -4.36 5.76 -1.76
N SER A 40 -5.46 5.77 -0.98
CA SER A 40 -6.13 4.54 -0.50
C SER A 40 -6.55 3.52 -1.59
N GLU A 41 -7.13 3.93 -2.74
CA GLU A 41 -7.46 3.03 -3.89
C GLU A 41 -6.22 2.32 -4.54
N VAL A 42 -5.21 3.10 -4.99
CA VAL A 42 -3.90 2.55 -5.48
C VAL A 42 -3.21 1.55 -4.50
N LEU A 43 -3.17 1.88 -3.20
CA LEU A 43 -2.63 1.02 -2.13
C LEU A 43 -3.55 -0.17 -1.72
N ARG A 44 -4.89 -0.04 -1.76
CA ARG A 44 -5.85 -1.19 -1.70
C ARG A 44 -5.67 -2.31 -2.75
N LEU A 45 -5.46 -1.95 -4.03
CA LEU A 45 -5.11 -2.94 -5.08
C LEU A 45 -3.66 -3.50 -4.94
N PHE A 46 -2.65 -2.67 -4.64
CA PHE A 46 -1.33 -3.15 -4.13
C PHE A 46 -1.41 -4.20 -2.96
N ALA A 47 -2.14 -3.88 -1.88
CA ALA A 47 -2.51 -4.81 -0.80
C ALA A 47 -3.40 -6.04 -1.16
N GLU A 48 -4.37 -5.93 -2.10
CA GLU A 48 -5.04 -7.10 -2.74
C GLU A 48 -4.08 -8.12 -3.44
N GLY A 49 -3.08 -7.62 -4.17
CA GLY A 49 -2.19 -8.45 -5.02
C GLY A 49 -1.81 -7.88 -6.40
N PHE A 50 -2.52 -6.86 -6.94
CA PHE A 50 -2.17 -6.25 -8.24
C PHE A 50 -0.89 -5.35 -8.11
N LEU A 51 -0.28 -5.13 -9.27
CA LEU A 51 0.97 -4.37 -9.45
C LEU A 51 0.69 -3.03 -10.19
N VAL A 52 1.59 -2.04 -10.08
CA VAL A 52 1.46 -0.72 -10.80
C VAL A 52 0.94 -0.75 -12.30
N THR A 53 1.42 -1.70 -13.12
CA THR A 53 0.81 -2.08 -14.43
C THR A 53 -0.73 -2.45 -14.38
N GLU A 54 -1.10 -3.56 -13.71
CA GLU A 54 -2.53 -3.95 -13.49
C GLU A 54 -3.44 -2.93 -12.74
N ILE A 55 -2.95 -2.28 -11.68
CA ILE A 55 -3.64 -1.14 -11.00
C ILE A 55 -3.96 0.05 -11.97
N ALA A 56 -3.00 0.55 -12.76
CA ALA A 56 -3.27 1.50 -13.87
C ALA A 56 -4.29 1.02 -14.96
N LYS A 57 -4.21 -0.23 -15.44
CA LYS A 57 -5.26 -0.85 -16.31
C LYS A 57 -6.70 -1.00 -15.66
N LYS A 58 -6.80 -1.58 -14.45
CA LYS A 58 -8.07 -1.71 -13.67
C LYS A 58 -8.73 -0.35 -13.27
N LEU A 59 -7.99 0.58 -12.66
CA LEU A 59 -8.45 2.00 -12.50
C LEU A 59 -8.60 2.85 -13.82
N ASN A 60 -8.03 2.42 -14.98
CA ASN A 60 -8.14 3.08 -16.31
C ASN A 60 -7.33 4.42 -16.41
N ARG A 61 -5.99 4.32 -16.29
CA ARG A 61 -5.05 5.46 -16.43
C ARG A 61 -3.63 5.04 -16.94
N SER A 62 -2.67 5.99 -16.95
CA SER A 62 -1.23 5.68 -17.13
C SER A 62 -0.55 5.12 -15.84
N ILE A 63 0.39 4.18 -16.03
CA ILE A 63 1.41 3.80 -14.99
C ILE A 63 2.24 4.99 -14.38
N LYS A 64 2.51 6.09 -15.11
CA LYS A 64 3.12 7.32 -14.55
C LYS A 64 2.33 8.05 -13.41
N THR A 65 1.04 8.39 -13.62
CA THR A 65 0.17 8.93 -12.53
C THR A 65 -0.08 7.92 -11.35
N ILE A 66 -0.17 6.61 -11.62
CA ILE A 66 -0.04 5.54 -10.58
C ILE A 66 1.27 5.60 -9.74
N SER A 67 2.44 5.75 -10.39
CA SER A 67 3.72 5.88 -9.65
C SER A 67 3.80 7.15 -8.77
N SER A 68 3.56 8.36 -9.31
CA SER A 68 3.33 9.60 -8.49
C SER A 68 2.28 9.50 -7.32
N GLN A 69 1.16 8.77 -7.53
CA GLN A 69 0.16 8.47 -6.47
C GLN A 69 0.61 7.45 -5.38
N LYS A 70 1.19 6.29 -5.74
CA LYS A 70 1.89 5.40 -4.78
C LYS A 70 3.09 6.07 -4.03
N LYS A 71 3.94 6.86 -4.71
CA LYS A 71 5.02 7.68 -4.07
C LYS A 71 4.48 8.79 -3.11
N SER A 72 3.39 9.50 -3.45
CA SER A 72 2.65 10.36 -2.47
C SER A 72 2.11 9.61 -1.21
N ALA A 73 1.41 8.46 -1.35
CA ALA A 73 1.11 7.56 -0.20
C ALA A 73 2.34 6.97 0.57
N MET A 74 3.36 6.43 -0.13
CA MET A 74 4.66 6.03 0.47
C MET A 74 5.41 7.14 1.31
N MET A 75 5.65 8.30 0.69
CA MET A 75 6.16 9.53 1.38
C MET A 75 5.25 10.10 2.53
N LYS A 76 3.92 10.20 2.39
CA LYS A 76 3.01 10.55 3.53
C LYS A 76 3.05 9.58 4.76
N LEU A 77 3.06 8.25 4.54
CA LEU A 77 3.32 7.26 5.63
C LEU A 77 4.77 7.22 6.20
N GLY A 78 5.80 7.59 5.42
CA GLY A 78 7.23 7.41 5.81
C GLY A 78 7.85 6.00 5.63
N VAL A 79 7.27 5.14 4.77
CA VAL A 79 7.75 3.75 4.54
C VAL A 79 8.84 3.75 3.42
N ASP A 80 10.00 3.10 3.63
CA ASP A 80 11.10 3.07 2.63
C ASP A 80 11.18 1.79 1.72
N ASN A 81 10.02 1.30 1.22
CA ASN A 81 9.91 0.06 0.41
C ASN A 81 8.46 -0.04 -0.21
N ASP A 82 8.36 -0.53 -1.46
CA ASP A 82 7.06 -0.96 -2.07
C ASP A 82 6.25 -2.06 -1.32
N ILE A 83 6.93 -3.13 -0.86
CA ILE A 83 6.37 -4.15 0.08
C ILE A 83 5.85 -3.55 1.44
N ALA A 84 6.50 -2.50 1.98
CA ALA A 84 6.04 -1.82 3.23
C ALA A 84 4.62 -1.17 3.25
N LEU A 85 4.16 -0.60 2.12
CA LEU A 85 2.71 -0.32 1.88
C LEU A 85 1.75 -1.55 2.10
N LEU A 86 2.18 -2.73 1.61
CA LEU A 86 1.52 -4.04 1.83
C LEU A 86 1.57 -4.54 3.31
N ASN A 87 2.71 -4.40 4.04
CA ASN A 87 2.74 -4.57 5.52
C ASN A 87 1.72 -3.66 6.26
N TYR A 88 1.76 -2.34 6.00
CA TYR A 88 0.81 -1.34 6.55
C TYR A 88 -0.68 -1.79 6.43
N LEU A 89 -1.21 -1.97 5.20
CA LEU A 89 -2.59 -2.48 5.01
C LEU A 89 -2.89 -3.92 5.55
N SER A 90 -1.96 -4.89 5.48
CA SER A 90 -2.10 -6.20 6.18
C SER A 90 -2.17 -6.16 7.74
N SER A 91 -1.27 -5.38 8.39
CA SER A 91 -1.17 -5.21 9.86
C SER A 91 -2.32 -4.37 10.49
N VAL A 92 -2.59 -3.16 9.97
CA VAL A 92 -3.81 -2.37 10.35
C VAL A 92 -5.16 -3.06 9.95
N SER A 93 -5.20 -3.79 8.81
CA SER A 93 -6.42 -4.41 8.24
C SER A 93 -7.50 -3.37 7.80
N MET A 94 -7.11 -2.38 6.97
CA MET A 94 -8.08 -1.40 6.38
C MET A 94 -9.07 -2.07 5.36
N THR A 95 -8.54 -2.93 4.45
CA THR A 95 -9.38 -3.86 3.64
C THR A 95 -9.96 -5.06 4.49
N PRO A 96 -11.28 -5.40 4.49
CA PRO A 96 -11.79 -6.64 5.14
C PRO A 96 -11.34 -8.00 4.52
N VAL A 97 -11.21 -8.08 3.18
CA VAL A 97 -10.45 -9.16 2.49
C VAL A 97 -8.91 -9.05 2.76
N ASP A 98 -8.44 -9.67 3.86
CA ASP A 98 -6.98 -9.88 4.12
C ASP A 98 -6.40 -11.15 3.40
N LYS A 99 -6.76 -11.36 2.10
CA LYS A 99 -6.37 -12.52 1.26
C LYS A 99 -6.56 -13.92 1.91
N TYR A 13 4.54 -9.99 -3.97
CA TYR A 13 3.40 -9.93 -3.03
C TYR A 13 3.70 -10.94 -1.88
N THR A 14 3.75 -10.45 -0.63
CA THR A 14 3.94 -11.31 0.59
C THR A 14 5.28 -12.16 0.54
N PRO A 15 6.50 -11.65 0.91
CA PRO A 15 7.70 -12.50 1.14
C PRO A 15 7.55 -13.40 2.42
N GLU A 16 8.61 -13.75 3.18
CA GLU A 16 8.36 -14.23 4.58
C GLU A 16 9.15 -13.55 5.75
N SER A 17 10.38 -13.06 5.54
CA SER A 17 11.21 -12.55 6.68
C SER A 17 11.23 -11.01 6.75
N VAL A 18 11.47 -10.33 5.61
CA VAL A 18 11.09 -8.90 5.44
C VAL A 18 9.58 -8.58 5.72
N ALA A 19 8.59 -9.49 5.46
CA ALA A 19 7.17 -9.26 5.88
C ALA A 19 6.96 -9.28 7.41
N LYS A 20 7.38 -10.36 8.14
CA LYS A 20 7.38 -10.34 9.64
C LYS A 20 8.19 -9.15 10.27
N LEU A 21 9.46 -8.93 9.87
CA LEU A 21 10.22 -7.69 10.20
C LEU A 21 9.46 -6.36 9.91
N LEU A 22 8.98 -6.10 8.68
CA LEU A 22 8.23 -4.86 8.35
C LEU A 22 6.97 -4.55 9.25
N GLU A 23 6.03 -5.51 9.41
CA GLU A 23 4.96 -5.38 10.45
C GLU A 23 5.44 -5.27 11.95
N LYS A 24 6.63 -5.79 12.30
CA LYS A 24 7.32 -5.43 13.58
C LYS A 24 7.96 -3.99 13.63
N ILE A 25 8.53 -3.45 12.54
CA ILE A 25 8.96 -2.01 12.42
C ILE A 25 7.77 -1.00 12.63
N SER A 26 6.66 -1.15 11.89
CA SER A 26 5.43 -0.32 12.15
C SER A 26 4.71 -0.62 13.50
N ALA A 27 4.28 -1.88 13.75
CA ALA A 27 3.64 -2.31 15.04
C ALA A 27 2.38 -1.49 15.50
N GLY A 28 1.37 -1.40 14.62
CA GLY A 28 0.22 -0.47 14.80
C GLY A 28 0.45 0.91 14.15
N GLY A 29 0.14 1.05 12.85
CA GLY A 29 0.26 2.38 12.16
C GLY A 29 -0.94 3.35 12.30
N TYR A 30 -1.43 3.51 13.52
CA TYR A 30 -2.63 4.30 13.86
C TYR A 30 -2.28 5.80 14.17
N GLY A 31 -3.27 6.68 13.99
CA GLY A 31 -3.02 8.15 13.96
C GLY A 31 -3.62 8.82 12.72
N ASP A 32 -3.22 8.38 11.51
CA ASP A 32 -3.87 8.84 10.25
C ASP A 32 -5.19 8.02 9.99
N LYS A 33 -6.24 8.42 10.72
CA LYS A 33 -7.57 7.72 10.79
C LYS A 33 -8.57 7.94 9.59
N ARG A 34 -7.98 7.94 8.41
CA ARG A 34 -8.28 8.79 7.23
C ARG A 34 -8.40 7.79 6.05
N LEU A 35 -7.33 7.15 5.55
CA LEU A 35 -6.70 7.30 4.22
C LEU A 35 -7.50 7.80 2.96
N SER A 36 -6.81 8.64 2.18
CA SER A 36 -7.39 9.36 1.01
C SER A 36 -8.02 8.48 -0.12
N PRO A 37 -8.97 8.94 -1.00
CA PRO A 37 -9.63 8.07 -2.02
C PRO A 37 -8.68 7.39 -3.05
N LYS A 38 -7.87 8.18 -3.77
CA LYS A 38 -6.84 7.67 -4.70
C LYS A 38 -5.60 6.99 -4.00
N GLU A 39 -5.01 7.59 -2.93
CA GLU A 39 -4.06 6.90 -2.02
C GLU A 39 -4.51 5.49 -1.52
N SER A 40 -5.67 5.39 -0.82
CA SER A 40 -6.32 4.09 -0.50
C SER A 40 -6.64 3.16 -1.69
N GLU A 41 -7.21 3.59 -2.83
CA GLU A 41 -7.39 2.73 -4.03
C GLU A 41 -6.08 2.09 -4.60
N VAL A 42 -5.05 2.92 -4.91
CA VAL A 42 -3.69 2.41 -5.27
C VAL A 42 -3.08 1.42 -4.22
N LEU A 43 -3.12 1.75 -2.91
CA LEU A 43 -2.77 0.83 -1.80
C LEU A 43 -3.65 -0.44 -1.68
N ARG A 44 -4.98 -0.36 -1.84
CA ARG A 44 -5.91 -1.51 -1.77
C ARG A 44 -5.66 -2.63 -2.82
N LEU A 45 -5.42 -2.24 -4.08
CA LEU A 45 -4.95 -3.18 -5.12
C LEU A 45 -3.48 -3.67 -4.91
N PHE A 46 -2.53 -2.79 -4.56
CA PHE A 46 -1.18 -3.21 -4.07
C PHE A 46 -1.19 -4.25 -2.88
N ALA A 47 -1.92 -3.94 -1.79
CA ALA A 47 -2.32 -4.87 -0.71
C ALA A 47 -3.11 -6.16 -1.11
N GLU A 48 -3.99 -6.13 -2.12
CA GLU A 48 -4.55 -7.35 -2.75
C GLU A 48 -3.51 -8.28 -3.49
N GLY A 49 -2.55 -7.70 -4.22
CA GLY A 49 -1.66 -8.45 -5.14
C GLY A 49 -1.24 -7.73 -6.43
N PHE A 50 -2.06 -6.82 -6.98
CA PHE A 50 -1.78 -6.12 -8.25
C PHE A 50 -0.58 -5.11 -8.12
N LEU A 51 -0.05 -4.75 -9.27
CA LEU A 51 1.19 -3.95 -9.45
C LEU A 51 0.85 -2.64 -10.22
N VAL A 52 1.66 -1.58 -10.08
CA VAL A 52 1.55 -0.31 -10.86
C VAL A 52 1.03 -0.41 -12.35
N THR A 53 1.58 -1.34 -13.15
CA THR A 53 1.03 -1.72 -14.49
C THR A 53 -0.50 -2.12 -14.54
N GLU A 54 -0.91 -3.20 -13.85
CA GLU A 54 -2.34 -3.62 -13.76
C GLU A 54 -3.23 -2.66 -12.92
N ILE A 55 -2.78 -2.12 -11.75
CA ILE A 55 -3.46 -1.01 -11.03
C ILE A 55 -3.80 0.23 -11.95
N ALA A 56 -2.85 0.75 -12.75
CA ALA A 56 -3.15 1.77 -13.78
C ALA A 56 -4.21 1.37 -14.86
N LYS A 57 -4.00 0.24 -15.58
CA LYS A 57 -5.05 -0.31 -16.51
C LYS A 57 -6.46 -0.60 -15.87
N LYS A 58 -6.51 -1.24 -14.69
CA LYS A 58 -7.76 -1.50 -13.91
C LYS A 58 -8.45 -0.22 -13.33
N LEU A 59 -7.73 0.71 -12.67
CA LEU A 59 -8.24 2.10 -12.41
C LEU A 59 -8.50 3.03 -13.67
N ASN A 60 -8.16 2.57 -14.90
CA ASN A 60 -8.43 3.26 -16.20
C ASN A 60 -7.57 4.55 -16.41
N ARG A 61 -6.24 4.37 -16.39
CA ARG A 61 -5.25 5.48 -16.47
C ARG A 61 -3.82 4.98 -16.89
N SER A 62 -2.88 5.92 -17.09
CA SER A 62 -1.46 5.58 -17.36
C SER A 62 -0.65 5.19 -16.08
N ILE A 63 0.37 4.33 -16.26
CA ILE A 63 1.42 4.04 -15.22
C ILE A 63 2.19 5.30 -14.65
N LYS A 64 2.26 6.44 -15.37
CA LYS A 64 2.84 7.71 -14.83
C LYS A 64 2.03 8.42 -13.70
N THR A 65 0.72 8.71 -13.90
CA THR A 65 -0.17 9.18 -12.79
C THR A 65 -0.36 8.17 -11.60
N ILE A 66 -0.37 6.85 -11.89
CA ILE A 66 -0.13 5.81 -10.84
C ILE A 66 1.23 5.95 -10.10
N SER A 67 2.38 6.04 -10.82
CA SER A 67 3.71 6.14 -10.17
C SER A 67 3.94 7.42 -9.30
N SER A 68 3.47 8.59 -9.78
CA SER A 68 3.24 9.79 -8.93
C SER A 68 2.35 9.57 -7.65
N GLN A 69 1.15 8.96 -7.75
CA GLN A 69 0.37 8.57 -6.53
C GLN A 69 1.01 7.49 -5.59
N LYS A 70 1.54 6.39 -6.14
CA LYS A 70 2.41 5.41 -5.43
C LYS A 70 3.62 6.02 -4.65
N LYS A 71 4.46 6.88 -5.26
CA LYS A 71 5.49 7.67 -4.52
C LYS A 71 4.93 8.74 -3.51
N SER A 72 3.86 9.50 -3.86
CA SER A 72 3.09 10.32 -2.89
C SER A 72 2.56 9.52 -1.64
N ALA A 73 1.80 8.43 -1.82
CA ALA A 73 1.45 7.48 -0.73
C ALA A 73 2.64 6.82 0.05
N MET A 74 3.73 6.38 -0.61
CA MET A 74 5.03 6.04 0.08
C MET A 74 5.59 7.12 1.06
N MET A 75 5.82 8.36 0.58
CA MET A 75 6.25 9.50 1.44
C MET A 75 5.19 10.04 2.46
N LYS A 76 3.90 10.14 2.07
CA LYS A 76 2.78 10.55 2.97
C LYS A 76 2.45 9.56 4.13
N LEU A 77 2.56 8.22 3.92
CA LEU A 77 2.59 7.23 5.03
C LEU A 77 3.95 7.15 5.82
N GLY A 78 5.09 7.24 5.13
CA GLY A 78 6.44 7.13 5.75
C GLY A 78 7.08 5.73 5.65
N VAL A 79 7.27 5.23 4.42
CA VAL A 79 7.84 3.87 4.17
C VAL A 79 9.02 3.94 3.14
N ASP A 80 9.89 2.91 3.11
CA ASP A 80 10.99 2.82 2.09
C ASP A 80 11.04 1.50 1.24
N ASN A 81 9.87 0.95 0.87
CA ASN A 81 9.74 -0.34 0.13
C ASN A 81 8.24 -0.50 -0.34
N ASP A 82 8.01 -1.05 -1.54
CA ASP A 82 6.64 -1.49 -1.99
C ASP A 82 5.95 -2.57 -1.10
N ILE A 83 6.71 -3.58 -0.64
CA ILE A 83 6.28 -4.55 0.42
C ILE A 83 5.84 -3.83 1.77
N ALA A 84 6.52 -2.75 2.18
CA ALA A 84 6.12 -1.93 3.35
C ALA A 84 4.73 -1.20 3.31
N LEU A 85 4.28 -0.76 2.12
CA LEU A 85 2.83 -0.45 1.87
C LEU A 85 1.82 -1.60 2.23
N LEU A 86 2.17 -2.85 1.87
CA LEU A 86 1.44 -4.08 2.28
C LEU A 86 1.45 -4.37 3.81
N ASN A 87 2.63 -4.23 4.49
CA ASN A 87 2.70 -4.22 5.98
C ASN A 87 1.81 -3.12 6.66
N TYR A 88 1.86 -1.87 6.18
CA TYR A 88 0.95 -0.79 6.63
C TYR A 88 -0.56 -1.20 6.58
N LEU A 89 -1.09 -1.55 5.40
CA LEU A 89 -2.51 -1.98 5.26
C LEU A 89 -2.92 -3.28 6.04
N SER A 90 -2.04 -4.29 6.20
CA SER A 90 -2.22 -5.37 7.22
C SER A 90 -2.19 -4.91 8.72
N SER A 91 -1.14 -4.18 9.17
CA SER A 91 -1.06 -3.59 10.54
C SER A 91 -2.23 -2.67 10.99
N VAL A 92 -2.64 -1.68 10.18
CA VAL A 92 -3.93 -0.96 10.42
C VAL A 92 -5.22 -1.82 10.20
N SER A 93 -5.24 -2.72 9.19
CA SER A 93 -6.42 -3.53 8.79
C SER A 93 -7.60 -2.66 8.23
N MET A 94 -7.32 -1.89 7.17
CA MET A 94 -8.34 -1.09 6.45
C MET A 94 -9.42 -1.94 5.68
N THR A 95 -8.98 -2.98 4.94
CA THR A 95 -9.88 -3.93 4.24
C THR A 95 -10.20 -5.20 5.10
N PRO A 96 -11.44 -5.78 5.13
CA PRO A 96 -11.68 -7.09 5.79
C PRO A 96 -10.99 -8.37 5.19
N VAL A 97 -10.52 -8.35 3.93
CA VAL A 97 -9.60 -9.37 3.37
C VAL A 97 -8.18 -9.31 4.03
N ASP A 98 -8.00 -10.03 5.16
CA ASP A 98 -6.66 -10.20 5.80
C ASP A 98 -5.74 -11.27 5.09
N LYS A 99 -5.51 -11.07 3.78
CA LYS A 99 -4.68 -11.93 2.90
C LYS A 99 -4.92 -13.46 2.94
N TYR A 13 2.99 -10.90 -2.79
CA TYR A 13 2.51 -9.96 -1.73
C TYR A 13 3.29 -10.16 -0.38
N THR A 14 3.22 -11.37 0.20
CA THR A 14 3.91 -11.69 1.47
C THR A 14 5.26 -12.43 1.16
N PRO A 15 6.48 -11.82 1.31
CA PRO A 15 7.76 -12.60 1.49
C PRO A 15 7.78 -13.40 2.85
N GLU A 16 8.93 -13.70 3.50
CA GLU A 16 8.86 -14.08 4.95
C GLU A 16 9.64 -13.18 5.96
N SER A 17 10.79 -12.60 5.60
CA SER A 17 11.72 -12.02 6.61
C SER A 17 11.69 -10.48 6.63
N VAL A 18 11.79 -9.84 5.46
CA VAL A 18 11.20 -8.51 5.21
C VAL A 18 9.68 -8.38 5.58
N ALA A 19 8.82 -9.43 5.54
CA ALA A 19 7.37 -9.26 5.90
C ALA A 19 7.12 -9.16 7.42
N LYS A 20 7.62 -10.14 8.21
CA LYS A 20 7.70 -10.01 9.69
C LYS A 20 8.51 -8.79 10.25
N LEU A 21 9.72 -8.50 9.73
CA LEU A 21 10.43 -7.20 9.99
C LEU A 21 9.56 -5.94 9.67
N LEU A 22 8.98 -5.81 8.48
CA LEU A 22 8.11 -4.67 8.10
C LEU A 22 6.88 -4.40 9.01
N GLU A 23 6.01 -5.40 9.28
CA GLU A 23 5.02 -5.29 10.39
C GLU A 23 5.57 -5.05 11.83
N LYS A 24 6.83 -5.45 12.13
CA LYS A 24 7.56 -4.94 13.33
C LYS A 24 7.98 -3.43 13.25
N ILE A 25 8.46 -2.90 12.09
CA ILE A 25 8.74 -1.44 11.88
C ILE A 25 7.46 -0.53 12.07
N SER A 26 6.35 -0.80 11.35
CA SER A 26 5.06 -0.08 11.61
C SER A 26 4.39 -0.41 12.99
N ALA A 27 4.22 -1.69 13.34
CA ALA A 27 3.56 -2.15 14.60
C ALA A 27 2.12 -1.59 14.84
N GLY A 28 1.22 -1.85 13.87
CA GLY A 28 -0.07 -1.12 13.78
C GLY A 28 -0.02 0.25 13.05
N GLY A 29 -1.13 0.96 13.22
CA GLY A 29 -1.32 2.35 12.72
C GLY A 29 -2.80 2.79 12.69
N TYR A 30 -3.51 2.65 13.83
CA TYR A 30 -4.98 2.87 13.90
C TYR A 30 -5.34 4.38 14.09
N GLY A 31 -6.34 4.84 13.32
CA GLY A 31 -6.56 6.29 13.13
C GLY A 31 -5.54 6.90 12.16
N ASP A 32 -5.87 6.89 10.85
CA ASP A 32 -4.99 7.49 9.81
C ASP A 32 -4.96 9.04 9.92
N LYS A 33 -3.76 9.62 10.10
CA LYS A 33 -3.58 11.11 10.24
C LYS A 33 -4.23 12.03 9.15
N ARG A 34 -4.39 11.46 7.95
CA ARG A 34 -4.90 12.03 6.68
C ARG A 34 -5.43 10.81 5.86
N LEU A 35 -4.57 9.98 5.25
CA LEU A 35 -4.53 9.54 3.83
C LEU A 35 -5.75 9.65 2.86
N SER A 36 -5.40 10.15 1.66
CA SER A 36 -6.34 10.50 0.57
C SER A 36 -7.15 9.32 -0.08
N PRO A 37 -8.34 9.55 -0.75
CA PRO A 37 -9.11 8.46 -1.41
C PRO A 37 -8.39 7.72 -2.57
N LYS A 38 -7.87 8.45 -3.56
CA LYS A 38 -6.94 7.91 -4.59
C LYS A 38 -5.64 7.22 -4.02
N GLU A 39 -4.95 7.77 -2.98
CA GLU A 39 -3.90 7.04 -2.22
C GLU A 39 -4.37 5.67 -1.63
N SER A 40 -5.44 5.65 -0.80
CA SER A 40 -6.06 4.39 -0.32
C SER A 40 -6.59 3.39 -1.41
N GLU A 41 -7.17 3.83 -2.54
CA GLU A 41 -7.54 2.94 -3.70
C GLU A 41 -6.32 2.25 -4.41
N VAL A 42 -5.30 3.04 -4.86
CA VAL A 42 -4.00 2.49 -5.35
C VAL A 42 -3.33 1.46 -4.36
N LEU A 43 -3.31 1.78 -3.05
CA LEU A 43 -2.95 0.85 -1.96
C LEU A 43 -3.85 -0.40 -1.80
N ARG A 44 -5.18 -0.26 -1.84
CA ARG A 44 -6.13 -1.39 -1.78
C ARG A 44 -5.93 -2.51 -2.83
N LEU A 45 -5.65 -2.12 -4.08
CA LEU A 45 -5.25 -3.05 -5.15
C LEU A 45 -3.80 -3.62 -4.98
N PHE A 46 -2.81 -2.76 -4.68
CA PHE A 46 -1.47 -3.21 -4.23
C PHE A 46 -1.45 -4.27 -3.09
N ALA A 47 -2.18 -3.99 -1.99
CA ALA A 47 -2.56 -4.97 -0.94
C ALA A 47 -3.35 -6.25 -1.39
N GLU A 48 -4.36 -6.12 -2.27
CA GLU A 48 -5.01 -7.27 -2.95
C GLU A 48 -4.08 -8.24 -3.76
N GLY A 49 -3.02 -7.72 -4.40
CA GLY A 49 -2.16 -8.52 -5.31
C GLY A 49 -1.84 -7.91 -6.69
N PHE A 50 -2.55 -6.86 -7.15
CA PHE A 50 -2.19 -6.15 -8.40
C PHE A 50 -0.92 -5.25 -8.17
N LEU A 51 -0.33 -4.83 -9.28
CA LEU A 51 0.97 -4.09 -9.34
C LEU A 51 0.76 -2.77 -10.12
N VAL A 52 1.61 -1.74 -9.96
CA VAL A 52 1.55 -0.47 -10.78
C VAL A 52 1.04 -0.58 -12.27
N THR A 53 1.59 -1.52 -13.04
CA THR A 53 1.05 -1.97 -14.36
C THR A 53 -0.47 -2.38 -14.35
N GLU A 54 -0.86 -3.50 -13.68
CA GLU A 54 -2.29 -3.91 -13.51
C GLU A 54 -3.23 -2.90 -12.79
N ILE A 55 -2.80 -2.26 -11.68
CA ILE A 55 -3.54 -1.14 -11.01
C ILE A 55 -3.89 0.04 -11.99
N ALA A 56 -2.92 0.58 -12.77
CA ALA A 56 -3.21 1.50 -13.89
C ALA A 56 -4.18 0.99 -15.00
N LYS A 57 -4.03 -0.24 -15.51
CA LYS A 57 -5.04 -0.89 -16.41
C LYS A 57 -6.49 -1.08 -15.82
N LYS A 58 -6.61 -1.70 -14.63
CA LYS A 58 -7.89 -1.82 -13.87
C LYS A 58 -8.57 -0.46 -13.49
N LEU A 59 -7.87 0.46 -12.81
CA LEU A 59 -8.37 1.85 -12.62
C LEU A 59 -8.51 2.74 -13.91
N ASN A 60 -7.96 2.34 -15.08
CA ASN A 60 -8.08 3.03 -16.38
C ASN A 60 -7.31 4.39 -16.44
N ARG A 61 -5.98 4.31 -16.24
CA ARG A 61 -5.06 5.47 -16.35
C ARG A 61 -3.61 5.05 -16.81
N SER A 62 -2.65 5.99 -16.80
CA SER A 62 -1.22 5.68 -17.05
C SER A 62 -0.48 5.16 -15.77
N ILE A 63 0.51 4.27 -16.00
CA ILE A 63 1.52 3.86 -14.97
C ILE A 63 2.36 5.04 -14.32
N LYS A 64 2.58 6.18 -15.01
CA LYS A 64 3.22 7.40 -14.45
C LYS A 64 2.43 8.11 -13.31
N THR A 65 1.16 8.53 -13.54
CA THR A 65 0.24 9.00 -12.46
C THR A 65 0.00 7.99 -11.30
N ILE A 66 -0.09 6.67 -11.59
CA ILE A 66 -0.01 5.60 -10.54
C ILE A 66 1.30 5.58 -9.72
N SER A 67 2.47 5.69 -10.38
CA SER A 67 3.77 5.73 -9.67
C SER A 67 3.99 7.03 -8.82
N SER A 68 3.67 8.23 -9.35
CA SER A 68 3.44 9.45 -8.52
C SER A 68 2.40 9.31 -7.34
N GLN A 69 1.28 8.60 -7.53
CA GLN A 69 0.33 8.27 -6.46
C GLN A 69 0.84 7.27 -5.35
N LYS A 70 1.44 6.13 -5.74
CA LYS A 70 2.18 5.26 -4.77
C LYS A 70 3.36 5.98 -4.05
N LYS A 71 4.22 6.78 -4.74
CA LYS A 71 5.24 7.66 -4.10
C LYS A 71 4.66 8.74 -3.11
N SER A 72 3.52 9.39 -3.46
CA SER A 72 2.74 10.24 -2.53
C SER A 72 2.23 9.51 -1.23
N ALA A 73 1.58 8.34 -1.35
CA ALA A 73 1.28 7.46 -0.17
C ALA A 73 2.52 6.87 0.57
N MET A 74 3.54 6.33 -0.14
CA MET A 74 4.88 6.01 0.42
C MET A 74 5.55 7.12 1.31
N MET A 75 5.71 8.35 0.79
CA MET A 75 6.20 9.51 1.57
C MET A 75 5.23 10.08 2.66
N LYS A 76 3.91 10.25 2.41
CA LYS A 76 2.93 10.63 3.48
C LYS A 76 2.85 9.65 4.71
N LEU A 77 2.89 8.32 4.48
CA LEU A 77 3.00 7.31 5.56
C LEU A 77 4.42 7.14 6.21
N GLY A 78 5.51 7.32 5.44
CA GLY A 78 6.90 7.13 5.94
C GLY A 78 7.47 5.71 5.77
N VAL A 79 7.41 5.16 4.55
CA VAL A 79 7.87 3.78 4.24
C VAL A 79 8.91 3.81 3.07
N ASP A 80 9.95 2.95 3.10
CA ASP A 80 10.98 2.92 2.01
C ASP A 80 11.01 1.60 1.17
N ASN A 81 9.83 1.11 0.75
CA ASN A 81 9.67 -0.16 -0.05
C ASN A 81 8.20 -0.25 -0.57
N ASP A 82 8.01 -0.88 -1.74
CA ASP A 82 6.65 -1.36 -2.18
C ASP A 82 5.96 -2.36 -1.21
N ILE A 83 6.63 -3.45 -0.82
CA ILE A 83 6.13 -4.43 0.21
C ILE A 83 5.77 -3.76 1.59
N ALA A 84 6.48 -2.71 2.01
CA ALA A 84 6.08 -1.85 3.16
C ALA A 84 4.68 -1.17 3.12
N LEU A 85 4.23 -0.64 1.97
CA LEU A 85 2.79 -0.33 1.75
C LEU A 85 1.80 -1.54 1.96
N LEU A 86 2.18 -2.72 1.49
CA LEU A 86 1.43 -3.99 1.68
C LEU A 86 1.37 -4.48 3.18
N ASN A 87 2.49 -4.40 3.94
CA ASN A 87 2.49 -4.46 5.42
C ASN A 87 1.58 -3.39 6.10
N TYR A 88 1.65 -2.11 5.69
CA TYR A 88 0.78 -1.04 6.23
C TYR A 88 -0.73 -1.40 6.19
N LEU A 89 -1.30 -1.67 4.99
CA LEU A 89 -2.70 -2.14 4.88
C LEU A 89 -3.05 -3.49 5.60
N SER A 90 -2.15 -4.50 5.61
CA SER A 90 -2.30 -5.71 6.46
C SER A 90 -2.26 -5.50 8.01
N SER A 91 -1.22 -4.82 8.54
CA SER A 91 -1.09 -4.44 9.98
C SER A 91 -2.22 -3.54 10.57
N VAL A 92 -2.61 -2.45 9.88
CA VAL A 92 -3.85 -1.69 10.22
C VAL A 92 -5.18 -2.52 10.04
N SER A 93 -5.28 -3.33 8.96
CA SER A 93 -6.52 -4.04 8.53
C SER A 93 -7.73 -3.10 8.24
N MET A 94 -7.50 -2.07 7.40
CA MET A 94 -8.54 -1.11 6.95
C MET A 94 -9.66 -1.74 6.08
N THR A 95 -9.28 -2.55 5.07
CA THR A 95 -10.23 -3.43 4.33
C THR A 95 -10.36 -4.82 5.04
N PRO A 96 -11.56 -5.43 5.31
CA PRO A 96 -11.67 -6.82 5.81
C PRO A 96 -11.19 -7.97 4.84
N VAL A 97 -11.17 -7.75 3.52
CA VAL A 97 -10.57 -8.68 2.53
C VAL A 97 -9.00 -8.64 2.54
N ASP A 98 -8.37 -9.40 3.46
CA ASP A 98 -6.89 -9.57 3.50
C ASP A 98 -6.30 -10.59 2.44
N LYS A 99 -6.93 -10.70 1.24
CA LYS A 99 -6.66 -11.73 0.20
C LYS A 99 -6.64 -13.18 0.72
N TYR A 13 2.52 -10.10 -2.86
CA TYR A 13 3.63 -10.08 -1.88
C TYR A 13 5.05 -10.20 -2.54
N THR A 14 5.60 -11.42 -2.74
CA THR A 14 6.99 -11.70 -3.20
C THR A 14 7.94 -12.12 -2.02
N PRO A 15 8.48 -11.26 -1.10
CA PRO A 15 9.39 -11.72 -0.01
C PRO A 15 8.67 -12.37 1.22
N GLU A 16 9.43 -13.12 2.05
CA GLU A 16 8.88 -13.52 3.38
C GLU A 16 9.61 -12.95 4.64
N SER A 17 10.88 -12.52 4.56
CA SER A 17 11.61 -12.02 5.75
C SER A 17 11.48 -10.49 5.88
N VAL A 18 11.74 -9.71 4.81
CA VAL A 18 11.39 -8.26 4.76
C VAL A 18 9.86 -7.94 4.90
N ALA A 19 8.91 -8.79 4.45
CA ALA A 19 7.47 -8.59 4.77
C ALA A 19 7.09 -8.86 6.25
N LYS A 20 7.48 -10.01 6.87
CA LYS A 20 7.29 -10.21 8.33
C LYS A 20 8.11 -9.23 9.24
N LEU A 21 9.40 -8.96 8.95
CA LEU A 21 10.15 -7.82 9.55
C LEU A 21 9.46 -6.43 9.38
N LEU A 22 9.04 -5.98 8.18
CA LEU A 22 8.28 -4.71 8.02
C LEU A 22 6.97 -4.57 8.86
N GLU A 23 6.06 -5.58 8.88
CA GLU A 23 4.99 -5.63 9.92
C GLU A 23 5.41 -5.67 11.41
N LYS A 24 6.59 -6.20 11.71
CA LYS A 24 7.22 -6.10 13.06
C LYS A 24 7.95 -4.73 13.38
N ILE A 25 8.47 -4.00 12.36
CA ILE A 25 8.93 -2.57 12.46
C ILE A 25 7.73 -1.59 12.71
N SER A 26 6.72 -1.54 11.81
CA SER A 26 5.52 -0.67 12.00
C SER A 26 4.48 -1.25 13.03
N ALA A 27 3.87 -2.43 12.75
CA ALA A 27 2.95 -3.12 13.71
C ALA A 27 1.74 -2.29 14.25
N GLY A 28 0.95 -1.72 13.33
CA GLY A 28 -0.09 -0.73 13.71
C GLY A 28 -0.53 0.16 12.53
N GLY A 29 -0.60 1.47 12.77
CA GLY A 29 -1.36 2.40 11.89
C GLY A 29 -2.79 2.77 12.34
N TYR A 30 -3.40 2.07 13.33
CA TYR A 30 -4.78 2.36 13.82
C TYR A 30 -5.07 3.83 14.28
N GLY A 31 -4.11 4.48 14.97
CA GLY A 31 -4.11 5.96 15.11
C GLY A 31 -3.41 6.84 14.04
N ASP A 32 -2.94 6.31 12.88
CA ASP A 32 -2.28 7.13 11.82
C ASP A 32 -3.21 7.47 10.60
N LYS A 33 -4.46 7.92 10.77
CA LYS A 33 -5.52 7.42 9.83
C LYS A 33 -5.48 8.02 8.39
N ARG A 34 -6.29 8.97 7.91
CA ARG A 34 -5.82 10.31 7.42
C ARG A 34 -5.26 10.27 5.96
N LEU A 35 -6.01 9.66 5.04
CA LEU A 35 -5.52 9.28 3.69
C LEU A 35 -6.44 9.82 2.57
N SER A 36 -5.86 10.39 1.49
CA SER A 36 -6.64 10.87 0.32
C SER A 36 -7.28 9.71 -0.56
N PRO A 37 -8.33 9.94 -1.42
CA PRO A 37 -9.03 8.83 -2.14
C PRO A 37 -8.17 7.98 -3.10
N LYS A 38 -7.44 8.62 -4.02
CA LYS A 38 -6.44 7.96 -4.88
C LYS A 38 -5.18 7.40 -4.13
N GLU A 39 -4.62 8.07 -3.09
CA GLU A 39 -3.72 7.41 -2.08
C GLU A 39 -4.22 6.03 -1.54
N SER A 40 -5.40 5.99 -0.88
CA SER A 40 -5.99 4.72 -0.39
C SER A 40 -6.53 3.71 -1.45
N GLU A 41 -7.01 4.11 -2.64
CA GLU A 41 -7.27 3.16 -3.78
C GLU A 41 -6.00 2.47 -4.36
N VAL A 42 -4.96 3.26 -4.75
CA VAL A 42 -3.63 2.70 -5.10
C VAL A 42 -3.02 1.75 -4.00
N LEU A 43 -3.11 2.10 -2.71
CA LEU A 43 -2.75 1.21 -1.58
C LEU A 43 -3.68 -0.01 -1.36
N ARG A 44 -5.02 0.14 -1.42
CA ARG A 44 -5.97 -1.00 -1.36
C ARG A 44 -5.75 -2.16 -2.37
N LEU A 45 -5.45 -1.82 -3.62
CA LEU A 45 -5.01 -2.80 -4.63
C LEU A 45 -3.56 -3.30 -4.40
N PHE A 46 -2.56 -2.42 -4.13
CA PHE A 46 -1.23 -2.87 -3.64
C PHE A 46 -1.24 -3.91 -2.47
N ALA A 47 -1.91 -3.56 -1.36
CA ALA A 47 -2.30 -4.47 -0.26
C ALA A 47 -3.08 -5.78 -0.62
N GLU A 48 -4.11 -5.72 -1.49
CA GLU A 48 -4.72 -6.93 -2.10
C GLU A 48 -3.75 -7.88 -2.90
N GLY A 49 -2.71 -7.34 -3.55
CA GLY A 49 -1.74 -8.12 -4.37
C GLY A 49 -1.51 -7.66 -5.83
N PHE A 50 -2.21 -6.62 -6.32
CA PHE A 50 -1.90 -5.98 -7.61
C PHE A 50 -0.62 -5.09 -7.48
N LEU A 51 0.08 -4.98 -8.60
CA LEU A 51 1.34 -4.18 -8.76
C LEU A 51 1.03 -2.91 -9.58
N VAL A 52 1.83 -1.84 -9.48
CA VAL A 52 1.69 -0.59 -10.32
C VAL A 52 1.19 -0.75 -11.81
N THR A 53 1.77 -1.68 -12.59
CA THR A 53 1.21 -2.15 -13.89
C THR A 53 -0.31 -2.60 -13.87
N GLU A 54 -0.66 -3.64 -13.10
CA GLU A 54 -2.07 -4.09 -12.90
C GLU A 54 -3.02 -3.13 -12.14
N ILE A 55 -2.58 -2.46 -11.06
CA ILE A 55 -3.30 -1.30 -10.44
C ILE A 55 -3.69 -0.19 -11.48
N ALA A 56 -2.75 0.30 -12.30
CA ALA A 56 -3.06 1.21 -13.44
C ALA A 56 -4.09 0.67 -14.48
N LYS A 57 -3.91 -0.56 -15.01
CA LYS A 57 -4.95 -1.26 -15.83
C LYS A 57 -6.37 -1.46 -15.16
N LYS A 58 -6.43 -1.96 -13.91
CA LYS A 58 -7.68 -2.10 -13.11
C LYS A 58 -8.38 -0.75 -12.76
N LEU A 59 -7.66 0.25 -12.20
CA LEU A 59 -8.18 1.65 -12.09
C LEU A 59 -8.40 2.44 -13.45
N ASN A 60 -7.96 1.92 -14.61
CA ASN A 60 -8.13 2.52 -15.96
C ASN A 60 -7.32 3.84 -16.18
N ARG A 61 -5.99 3.72 -16.04
CA ARG A 61 -5.03 4.82 -16.24
C ARG A 61 -3.62 4.30 -16.67
N SER A 62 -2.68 5.22 -16.97
CA SER A 62 -1.27 4.87 -17.22
C SER A 62 -0.48 4.57 -15.90
N ILE A 63 0.51 3.67 -16.00
CA ILE A 63 1.56 3.46 -14.94
C ILE A 63 2.31 4.76 -14.45
N LYS A 64 2.41 5.82 -15.27
CA LYS A 64 2.93 7.14 -14.85
C LYS A 64 2.13 7.87 -13.73
N THR A 65 0.82 8.17 -13.92
CA THR A 65 -0.05 8.74 -12.83
C THR A 65 -0.21 7.84 -11.57
N ILE A 66 -0.27 6.50 -11.76
CA ILE A 66 0.00 5.52 -10.65
C ILE A 66 1.38 5.69 -9.94
N SER A 67 2.49 5.86 -10.67
CA SER A 67 3.84 6.00 -10.07
C SER A 67 4.03 7.33 -9.25
N SER A 68 3.65 8.49 -9.81
CA SER A 68 3.40 9.75 -9.03
C SER A 68 2.52 9.58 -7.76
N GLN A 69 1.33 8.94 -7.87
CA GLN A 69 0.52 8.60 -6.67
C GLN A 69 1.14 7.58 -5.65
N LYS A 70 1.81 6.52 -6.13
CA LYS A 70 2.66 5.60 -5.32
C LYS A 70 3.80 6.30 -4.52
N LYS A 71 4.74 7.02 -5.17
CA LYS A 71 5.78 7.80 -4.43
C LYS A 71 5.25 8.94 -3.52
N SER A 72 4.22 9.71 -3.93
CA SER A 72 3.41 10.55 -2.99
C SER A 72 2.85 9.78 -1.75
N ALA A 73 2.08 8.68 -1.90
CA ALA A 73 1.66 7.84 -0.75
C ALA A 73 2.81 7.18 0.09
N MET A 74 3.79 6.48 -0.51
CA MET A 74 5.06 6.05 0.16
C MET A 74 5.72 7.09 1.12
N MET A 75 6.10 8.25 0.57
CA MET A 75 6.59 9.42 1.34
C MET A 75 5.59 10.05 2.37
N LYS A 76 4.31 10.28 2.01
CA LYS A 76 3.29 10.86 2.93
C LYS A 76 2.84 9.94 4.12
N LEU A 77 2.71 8.61 3.94
CA LEU A 77 2.67 7.65 5.07
C LEU A 77 4.01 7.55 5.90
N GLY A 78 5.18 7.62 5.25
CA GLY A 78 6.49 7.48 5.94
C GLY A 78 7.12 6.08 5.87
N VAL A 79 7.18 5.49 4.67
CA VAL A 79 7.75 4.14 4.42
C VAL A 79 8.83 4.23 3.30
N ASP A 80 9.87 3.37 3.34
CA ASP A 80 10.87 3.29 2.23
C ASP A 80 10.88 1.95 1.44
N ASN A 81 9.68 1.41 1.12
CA ASN A 81 9.49 0.15 0.35
C ASN A 81 7.97 0.01 0.02
N ASP A 82 7.60 -0.44 -1.20
CA ASP A 82 6.21 -0.90 -1.51
C ASP A 82 5.67 -2.08 -0.64
N ILE A 83 6.50 -3.09 -0.33
CA ILE A 83 6.18 -4.16 0.68
C ILE A 83 5.70 -3.64 2.08
N ALA A 84 6.31 -2.55 2.58
CA ALA A 84 5.84 -1.80 3.76
C ALA A 84 4.40 -1.18 3.69
N LEU A 85 3.97 -0.65 2.52
CA LEU A 85 2.54 -0.32 2.25
C LEU A 85 1.53 -1.53 2.34
N LEU A 86 1.91 -2.71 1.80
CA LEU A 86 1.15 -3.98 1.96
C LEU A 86 0.97 -4.43 3.45
N ASN A 87 2.08 -4.39 4.22
CA ASN A 87 2.02 -4.43 5.69
C ASN A 87 1.06 -3.36 6.30
N TYR A 88 1.25 -2.06 6.03
CA TYR A 88 0.40 -0.98 6.59
C TYR A 88 -1.13 -1.29 6.53
N LEU A 89 -1.66 -1.54 5.31
CA LEU A 89 -3.08 -1.91 5.17
C LEU A 89 -3.51 -3.29 5.75
N SER A 90 -2.66 -4.35 5.77
CA SER A 90 -2.91 -5.56 6.62
C SER A 90 -2.86 -5.32 8.16
N SER A 91 -1.88 -4.55 8.70
CA SER A 91 -1.82 -4.12 10.12
C SER A 91 -3.05 -3.33 10.66
N VAL A 92 -3.48 -2.24 9.98
CA VAL A 92 -4.83 -1.64 10.21
C VAL A 92 -6.03 -2.60 9.92
N SER A 93 -5.95 -3.43 8.85
CA SER A 93 -7.07 -4.26 8.35
C SER A 93 -8.31 -3.42 7.93
N MET A 94 -8.12 -2.46 6.98
CA MET A 94 -9.24 -1.63 6.45
C MET A 94 -10.36 -2.43 5.71
N THR A 95 -9.97 -3.42 4.89
CA THR A 95 -10.89 -4.44 4.32
C THR A 95 -11.07 -5.65 5.31
N PRO A 96 -12.28 -6.28 5.49
CA PRO A 96 -12.41 -7.57 6.22
C PRO A 96 -11.76 -8.84 5.56
N VAL A 97 -11.52 -8.86 4.23
CA VAL A 97 -10.68 -9.88 3.55
C VAL A 97 -9.17 -9.71 3.91
N ASP A 98 -8.72 -10.38 5.00
CA ASP A 98 -7.35 -10.20 5.54
C ASP A 98 -6.33 -11.06 4.71
N LYS A 99 -5.76 -10.46 3.65
CA LYS A 99 -5.06 -11.20 2.57
C LYS A 99 -3.76 -11.89 3.07
N TYR A 13 2.20 -10.47 -1.99
CA TYR A 13 3.32 -9.59 -1.54
C TYR A 13 4.52 -9.54 -2.54
N THR A 14 5.31 -10.63 -2.66
CA THR A 14 6.60 -10.73 -3.43
C THR A 14 7.71 -11.33 -2.48
N PRO A 15 8.27 -10.64 -1.44
CA PRO A 15 9.23 -11.27 -0.50
C PRO A 15 8.56 -12.06 0.68
N GLU A 16 9.35 -12.82 1.45
CA GLU A 16 8.81 -13.39 2.73
C GLU A 16 9.56 -13.03 4.04
N SER A 17 10.84 -12.63 4.01
CA SER A 17 11.56 -12.23 5.25
C SER A 17 11.44 -10.71 5.51
N VAL A 18 11.70 -9.85 4.50
CA VAL A 18 11.38 -8.40 4.57
C VAL A 18 9.85 -8.08 4.72
N ALA A 19 8.88 -8.85 4.17
CA ALA A 19 7.45 -8.66 4.51
C ALA A 19 7.08 -9.00 6.00
N LYS A 20 7.48 -10.19 6.53
CA LYS A 20 7.31 -10.48 7.98
C LYS A 20 8.11 -9.53 8.94
N LEU A 21 9.41 -9.28 8.69
CA LEU A 21 10.16 -8.16 9.35
C LEU A 21 9.48 -6.76 9.25
N LEU A 22 9.06 -6.26 8.08
CA LEU A 22 8.33 -4.95 7.98
C LEU A 22 7.02 -4.82 8.81
N GLU A 23 6.10 -5.80 8.78
CA GLU A 23 5.01 -5.88 9.80
C GLU A 23 5.46 -6.00 11.29
N LYS A 24 6.63 -6.59 11.57
CA LYS A 24 7.27 -6.54 12.92
C LYS A 24 7.97 -5.17 13.29
N ILE A 25 8.54 -4.42 12.32
CA ILE A 25 9.02 -3.00 12.48
C ILE A 25 7.83 -2.03 12.79
N SER A 26 6.83 -1.91 11.88
CA SER A 26 5.66 -1.01 12.09
C SER A 26 4.59 -1.56 13.08
N ALA A 27 3.98 -2.73 12.82
CA ALA A 27 3.06 -3.42 13.78
C ALA A 27 1.83 -2.60 14.29
N GLY A 28 1.01 -2.10 13.36
CA GLY A 28 -0.09 -1.15 13.68
C GLY A 28 0.26 0.31 13.39
N GLY A 29 -0.42 0.92 12.40
CA GLY A 29 -0.35 2.40 12.19
C GLY A 29 -1.57 3.18 12.74
N TYR A 30 -1.80 3.09 14.06
CA TYR A 30 -2.96 3.73 14.74
C TYR A 30 -2.65 5.19 15.19
N GLY A 31 -3.69 6.03 15.28
CA GLY A 31 -3.50 7.51 15.28
C GLY A 31 -3.24 8.22 13.92
N ASP A 32 -3.17 7.49 12.79
CA ASP A 32 -3.10 8.09 11.43
C ASP A 32 -4.54 8.32 10.86
N LYS A 33 -5.15 9.44 11.26
CA LYS A 33 -6.47 9.90 10.76
C LYS A 33 -6.54 10.54 9.33
N ARG A 34 -5.42 10.58 8.58
CA ARG A 34 -5.26 11.40 7.36
C ARG A 34 -4.82 10.46 6.19
N LEU A 35 -5.82 9.89 5.49
CA LEU A 35 -5.63 9.22 4.17
C LEU A 35 -6.52 9.88 3.06
N SER A 36 -5.95 10.19 1.88
CA SER A 36 -6.73 10.72 0.72
C SER A 36 -7.44 9.59 -0.13
N PRO A 37 -8.58 9.79 -0.87
CA PRO A 37 -9.28 8.68 -1.59
C PRO A 37 -8.43 7.92 -2.66
N LYS A 38 -7.90 8.62 -3.66
CA LYS A 38 -6.93 8.07 -4.64
C LYS A 38 -5.61 7.44 -4.05
N GLU A 39 -4.97 8.05 -3.04
CA GLU A 39 -3.98 7.36 -2.15
C GLU A 39 -4.48 6.00 -1.57
N SER A 40 -5.62 5.98 -0.84
CA SER A 40 -6.29 4.73 -0.38
C SER A 40 -6.72 3.70 -1.48
N GLU A 41 -7.16 4.11 -2.68
CA GLU A 41 -7.47 3.17 -3.82
C GLU A 41 -6.20 2.47 -4.42
N VAL A 42 -5.16 3.25 -4.81
CA VAL A 42 -3.82 2.69 -5.17
C VAL A 42 -3.19 1.77 -4.08
N LEU A 43 -3.26 2.17 -2.79
CA LEU A 43 -2.94 1.29 -1.64
C LEU A 43 -3.85 0.07 -1.46
N ARG A 44 -5.19 0.18 -1.60
CA ARG A 44 -6.12 -0.98 -1.55
C ARG A 44 -5.81 -2.14 -2.52
N LEU A 45 -5.54 -1.83 -3.79
CA LEU A 45 -5.08 -2.83 -4.76
C LEU A 45 -3.60 -3.31 -4.52
N PHE A 46 -2.64 -2.41 -4.22
CA PHE A 46 -1.29 -2.80 -3.73
C PHE A 46 -1.27 -3.77 -2.49
N ALA A 47 -1.98 -3.39 -1.42
CA ALA A 47 -2.37 -4.27 -0.29
C ALA A 47 -3.19 -5.57 -0.58
N GLU A 48 -4.21 -5.53 -1.46
CA GLU A 48 -4.80 -6.77 -2.07
C GLU A 48 -3.77 -7.74 -2.71
N GLY A 49 -2.78 -7.18 -3.43
CA GLY A 49 -1.78 -7.96 -4.17
C GLY A 49 -1.51 -7.53 -5.62
N PHE A 50 -2.39 -6.75 -6.29
CA PHE A 50 -2.11 -6.22 -7.65
C PHE A 50 -0.92 -5.21 -7.57
N LEU A 51 -0.12 -5.21 -8.61
CA LEU A 51 1.14 -4.42 -8.70
C LEU A 51 0.91 -3.17 -9.58
N VAL A 52 1.73 -2.12 -9.47
CA VAL A 52 1.62 -0.89 -10.34
C VAL A 52 1.23 -1.08 -11.86
N THR A 53 1.76 -2.11 -12.52
CA THR A 53 1.21 -2.66 -13.80
C THR A 53 -0.33 -2.99 -13.78
N GLU A 54 -0.78 -4.02 -13.03
CA GLU A 54 -2.23 -4.34 -12.90
C GLU A 54 -3.13 -3.29 -12.17
N ILE A 55 -2.64 -2.56 -11.15
CA ILE A 55 -3.34 -1.37 -10.57
C ILE A 55 -3.65 -0.27 -11.64
N ALA A 56 -2.67 0.16 -12.45
CA ALA A 56 -2.94 1.03 -13.62
C ALA A 56 -3.94 0.49 -14.67
N LYS A 57 -3.80 -0.76 -15.15
CA LYS A 57 -4.84 -1.43 -15.99
C LYS A 57 -6.28 -1.57 -15.35
N LYS A 58 -6.39 -2.03 -14.10
CA LYS A 58 -7.68 -2.10 -13.34
C LYS A 58 -8.33 -0.71 -13.02
N LEU A 59 -7.59 0.27 -12.45
CA LEU A 59 -8.04 1.69 -12.39
C LEU A 59 -8.23 2.45 -13.76
N ASN A 60 -7.78 1.89 -14.91
CA ASN A 60 -7.93 2.46 -16.28
C ASN A 60 -7.05 3.74 -16.50
N ARG A 61 -5.73 3.57 -16.36
CA ARG A 61 -4.74 4.68 -16.42
C ARG A 61 -3.31 4.17 -16.81
N SER A 62 -2.33 5.10 -16.93
CA SER A 62 -0.90 4.73 -17.14
C SER A 62 -0.18 4.30 -15.81
N ILE A 63 0.78 3.36 -15.95
CA ILE A 63 1.79 3.06 -14.88
C ILE A 63 2.60 4.31 -14.33
N LYS A 64 2.82 5.38 -15.14
CA LYS A 64 3.43 6.64 -14.64
C LYS A 64 2.59 7.48 -13.62
N THR A 65 1.33 7.85 -13.94
CA THR A 65 0.40 8.47 -12.93
C THR A 65 0.09 7.60 -11.67
N ILE A 66 0.00 6.27 -11.84
CA ILE A 66 0.11 5.30 -10.70
C ILE A 66 1.43 5.37 -9.90
N SER A 67 2.62 5.39 -10.54
CA SER A 67 3.91 5.46 -9.83
C SER A 67 4.11 6.79 -9.02
N SER A 68 3.82 7.96 -9.62
CA SER A 68 3.61 9.24 -8.86
C SER A 68 2.61 9.16 -7.66
N GLN A 69 1.40 8.59 -7.82
CA GLN A 69 0.47 8.33 -6.69
C GLN A 69 0.95 7.31 -5.59
N LYS A 70 1.54 6.17 -5.99
CA LYS A 70 2.31 5.24 -5.10
C LYS A 70 3.42 5.93 -4.24
N LYS A 71 4.40 6.61 -4.86
CA LYS A 71 5.40 7.44 -4.12
C LYS A 71 4.83 8.65 -3.29
N SER A 72 3.77 9.35 -3.75
CA SER A 72 2.96 10.26 -2.88
C SER A 72 2.29 9.62 -1.62
N ALA A 73 1.55 8.50 -1.74
CA ALA A 73 1.08 7.71 -0.55
C ALA A 73 2.21 7.12 0.38
N MET A 74 3.28 6.56 -0.20
CA MET A 74 4.54 6.20 0.52
C MET A 74 5.18 7.36 1.36
N MET A 75 5.50 8.50 0.72
CA MET A 75 5.94 9.75 1.40
C MET A 75 4.91 10.40 2.40
N LYS A 76 3.60 10.51 2.09
CA LYS A 76 2.53 10.84 3.08
C LYS A 76 2.52 10.02 4.41
N LEU A 77 2.59 8.69 4.33
CA LEU A 77 2.69 7.82 5.53
C LEU A 77 4.09 7.76 6.23
N GLY A 78 5.18 8.16 5.56
CA GLY A 78 6.56 8.04 6.12
C GLY A 78 7.28 6.67 5.99
N VAL A 79 6.69 5.72 5.24
CA VAL A 79 7.28 4.39 4.95
C VAL A 79 8.39 4.51 3.85
N ASP A 80 9.51 3.78 4.00
CA ASP A 80 10.60 3.79 2.99
C ASP A 80 10.76 2.50 2.13
N ASN A 81 9.63 1.93 1.66
CA ASN A 81 9.60 0.70 0.82
C ASN A 81 8.14 0.49 0.28
N ASP A 82 8.00 -0.01 -0.96
CA ASP A 82 6.71 -0.50 -1.52
C ASP A 82 6.04 -1.69 -0.76
N ILE A 83 6.82 -2.73 -0.39
CA ILE A 83 6.40 -3.84 0.53
C ILE A 83 5.86 -3.35 1.93
N ALA A 84 6.48 -2.31 2.51
CA ALA A 84 5.97 -1.60 3.71
C ALA A 84 4.54 -0.97 3.61
N LEU A 85 4.11 -0.44 2.45
CA LEU A 85 2.69 -0.12 2.16
C LEU A 85 1.68 -1.33 2.23
N LEU A 86 2.08 -2.48 1.66
CA LEU A 86 1.32 -3.76 1.74
C LEU A 86 1.13 -4.28 3.21
N ASN A 87 2.24 -4.30 4.00
CA ASN A 87 2.14 -4.36 5.48
C ASN A 87 1.21 -3.27 6.07
N TYR A 88 1.44 -1.96 5.84
CA TYR A 88 0.61 -0.87 6.40
C TYR A 88 -0.93 -1.15 6.39
N LEU A 89 -1.52 -1.39 5.20
CA LEU A 89 -2.95 -1.78 5.12
C LEU A 89 -3.33 -3.16 5.74
N SER A 90 -2.52 -4.23 5.62
CA SER A 90 -2.69 -5.47 6.45
C SER A 90 -2.61 -5.27 8.02
N SER A 91 -1.68 -4.44 8.50
CA SER A 91 -1.49 -4.09 9.93
C SER A 91 -2.58 -3.16 10.55
N VAL A 92 -2.88 -1.98 9.95
CA VAL A 92 -4.12 -1.21 10.33
C VAL A 92 -5.48 -1.95 10.13
N SER A 93 -5.58 -2.80 9.08
CA SER A 93 -6.83 -3.52 8.70
C SER A 93 -7.98 -2.58 8.23
N MET A 94 -7.70 -1.75 7.21
CA MET A 94 -8.73 -0.84 6.61
C MET A 94 -9.87 -1.58 5.83
N THR A 95 -9.53 -2.64 5.07
CA THR A 95 -10.51 -3.53 4.41
C THR A 95 -10.77 -4.86 5.22
N PRO A 96 -11.99 -5.46 5.26
CA PRO A 96 -12.20 -6.81 5.88
C PRO A 96 -11.47 -8.04 5.25
N VAL A 97 -11.14 -8.00 3.94
CA VAL A 97 -10.15 -8.92 3.33
C VAL A 97 -8.71 -8.72 3.93
N ASP A 98 -8.21 -9.73 4.65
CA ASP A 98 -6.78 -9.81 5.08
C ASP A 98 -5.66 -9.70 3.98
N LYS A 99 -5.96 -10.13 2.73
CA LYS A 99 -5.17 -9.73 1.54
C LYS A 99 -5.66 -8.35 1.09
N TYR A 13 2.47 -10.44 -2.99
CA TYR A 13 2.03 -9.62 -1.82
C TYR A 13 2.42 -10.21 -0.41
N THR A 14 2.45 -11.54 -0.24
CA THR A 14 2.63 -12.19 1.08
C THR A 14 4.06 -12.84 1.24
N PRO A 15 5.18 -12.08 1.49
CA PRO A 15 6.49 -12.68 1.85
C PRO A 15 6.54 -13.28 3.30
N GLU A 16 7.69 -13.86 3.72
CA GLU A 16 7.85 -14.21 5.17
C GLU A 16 9.01 -13.54 5.94
N SER A 17 10.09 -13.06 5.30
CA SER A 17 11.30 -12.53 6.01
C SER A 17 11.37 -10.99 5.97
N VAL A 18 11.24 -10.40 4.77
CA VAL A 18 10.73 -9.02 4.61
C VAL A 18 9.32 -8.76 5.23
N ALA A 19 8.41 -9.76 5.45
CA ALA A 19 7.11 -9.51 6.15
C ALA A 19 7.26 -9.39 7.69
N LYS A 20 7.91 -10.36 8.36
CA LYS A 20 8.31 -10.22 9.80
C LYS A 20 9.16 -8.93 10.13
N LEU A 21 10.23 -8.63 9.34
CA LEU A 21 10.94 -7.34 9.39
C LEU A 21 10.03 -6.08 9.23
N LEU A 22 9.22 -6.00 8.16
CA LEU A 22 8.33 -4.85 7.91
C LEU A 22 7.23 -4.55 8.98
N GLU A 23 6.45 -5.55 9.43
CA GLU A 23 5.66 -5.42 10.69
C GLU A 23 6.48 -5.07 11.99
N LYS A 24 7.76 -5.47 12.09
CA LYS A 24 8.70 -4.89 13.10
C LYS A 24 9.07 -3.37 12.90
N ILE A 25 9.34 -2.90 11.66
CA ILE A 25 9.52 -1.46 11.34
C ILE A 25 8.24 -0.60 11.64
N SER A 26 7.07 -0.96 11.10
CA SER A 26 5.79 -0.23 11.36
C SER A 26 5.23 -0.43 12.80
N ALA A 27 4.83 -1.67 13.18
CA ALA A 27 4.32 -2.00 14.55
C ALA A 27 3.12 -1.14 15.09
N GLY A 28 2.01 -1.11 14.33
CA GLY A 28 0.94 -0.08 14.53
C GLY A 28 1.13 1.19 13.66
N GLY A 29 0.05 1.67 13.04
CA GLY A 29 0.08 2.96 12.29
C GLY A 29 -1.28 3.66 12.12
N TYR A 30 -1.93 4.03 13.23
CA TYR A 30 -3.34 4.50 13.24
C TYR A 30 -3.44 6.04 13.47
N GLY A 31 -4.16 6.74 12.57
CA GLY A 31 -4.46 8.20 12.73
C GLY A 31 -3.66 9.16 11.82
N ASP A 32 -3.86 9.11 10.50
CA ASP A 32 -3.14 10.00 9.53
C ASP A 32 -4.08 11.10 8.95
N LYS A 33 -4.30 12.28 9.54
CA LYS A 33 -5.67 12.92 9.60
C LYS A 33 -6.94 12.33 8.85
N ARG A 34 -6.87 12.08 7.54
CA ARG A 34 -7.58 10.94 6.88
C ARG A 34 -6.78 10.53 5.60
N LEU A 35 -6.87 9.26 5.18
CA LEU A 35 -6.22 8.79 3.93
C LEU A 35 -6.94 9.30 2.63
N SER A 36 -6.15 9.63 1.59
CA SER A 36 -6.70 10.12 0.29
C SER A 36 -7.53 9.05 -0.54
N PRO A 37 -8.47 9.43 -1.46
CA PRO A 37 -9.28 8.46 -2.25
C PRO A 37 -8.47 7.55 -3.22
N LYS A 38 -7.69 8.17 -4.13
CA LYS A 38 -6.67 7.46 -4.94
C LYS A 38 -5.55 6.78 -4.06
N GLU A 39 -4.94 7.44 -3.03
CA GLU A 39 -4.04 6.76 -2.03
C GLU A 39 -4.57 5.40 -1.47
N SER A 40 -5.75 5.40 -0.85
CA SER A 40 -6.46 4.16 -0.49
C SER A 40 -6.72 3.18 -1.67
N GLU A 41 -7.44 3.53 -2.75
CA GLU A 41 -7.64 2.62 -3.93
C GLU A 41 -6.33 1.94 -4.49
N VAL A 42 -5.28 2.74 -4.76
CA VAL A 42 -3.92 2.24 -5.13
C VAL A 42 -3.31 1.26 -4.08
N LEU A 43 -3.35 1.58 -2.76
CA LEU A 43 -3.02 0.63 -1.67
C LEU A 43 -3.92 -0.64 -1.62
N ARG A 44 -5.26 -0.53 -1.69
CA ARG A 44 -6.17 -1.70 -1.72
C ARG A 44 -5.90 -2.77 -2.83
N LEU A 45 -5.60 -2.33 -4.06
CA LEU A 45 -5.14 -3.22 -5.15
C LEU A 45 -3.67 -3.72 -4.99
N PHE A 46 -2.70 -2.84 -4.65
CA PHE A 46 -1.35 -3.26 -4.18
C PHE A 46 -1.35 -4.37 -3.08
N ALA A 47 -2.13 -4.15 -2.01
CA ALA A 47 -2.51 -5.16 -1.00
C ALA A 47 -3.33 -6.40 -1.47
N GLU A 48 -4.30 -6.30 -2.39
CA GLU A 48 -4.88 -7.50 -3.09
C GLU A 48 -3.81 -8.45 -3.73
N GLY A 49 -2.87 -7.88 -4.49
CA GLY A 49 -1.96 -8.64 -5.38
C GLY A 49 -1.70 -8.04 -6.77
N PHE A 50 -2.35 -6.93 -7.20
CA PHE A 50 -1.95 -6.20 -8.41
C PHE A 50 -0.68 -5.32 -8.09
N LEU A 51 0.01 -4.97 -9.16
CA LEU A 51 1.25 -4.15 -9.17
C LEU A 51 0.97 -2.82 -9.93
N VAL A 52 1.78 -1.77 -9.71
CA VAL A 52 1.65 -0.45 -10.44
C VAL A 52 1.18 -0.49 -11.95
N THR A 53 1.79 -1.34 -12.77
CA THR A 53 1.28 -1.73 -14.12
C THR A 53 -0.24 -2.15 -14.18
N GLU A 54 -0.61 -3.25 -13.50
CA GLU A 54 -2.03 -3.71 -13.41
C GLU A 54 -3.02 -2.82 -12.60
N ILE A 55 -2.61 -2.28 -11.44
CA ILE A 55 -3.33 -1.17 -10.73
C ILE A 55 -3.72 0.02 -11.70
N ALA A 56 -2.77 0.58 -12.47
CA ALA A 56 -3.08 1.57 -13.53
C ALA A 56 -4.08 1.12 -14.63
N LYS A 57 -3.86 -0.04 -15.27
CA LYS A 57 -4.87 -0.69 -16.17
C LYS A 57 -6.29 -0.97 -15.57
N LYS A 58 -6.38 -1.57 -14.37
CA LYS A 58 -7.65 -1.77 -13.60
C LYS A 58 -8.37 -0.46 -13.17
N LEU A 59 -7.68 0.52 -12.54
CA LEU A 59 -8.22 1.89 -12.34
C LEU A 59 -8.47 2.75 -13.64
N ASN A 60 -8.00 2.33 -14.84
CA ASN A 60 -8.16 3.05 -16.14
C ASN A 60 -7.30 4.36 -16.25
N ARG A 61 -5.98 4.20 -16.09
CA ARG A 61 -4.99 5.31 -16.21
C ARG A 61 -3.55 4.80 -16.60
N SER A 62 -2.59 5.73 -16.75
CA SER A 62 -1.16 5.38 -16.97
C SER A 62 -0.41 4.98 -15.66
N ILE A 63 0.65 4.15 -15.82
CA ILE A 63 1.66 3.89 -14.74
C ILE A 63 2.38 5.17 -14.16
N LYS A 64 2.51 6.29 -14.91
CA LYS A 64 3.01 7.58 -14.37
C LYS A 64 2.14 8.28 -13.29
N THR A 65 0.85 8.58 -13.56
CA THR A 65 -0.10 9.06 -12.51
C THR A 65 -0.34 8.07 -11.31
N ILE A 66 -0.35 6.74 -11.59
CA ILE A 66 -0.13 5.71 -10.52
C ILE A 66 1.16 5.88 -9.69
N SER A 67 2.33 6.04 -10.33
CA SER A 67 3.63 6.18 -9.62
C SER A 67 3.71 7.47 -8.75
N SER A 68 3.32 8.64 -9.31
CA SER A 68 2.97 9.85 -8.50
C SER A 68 2.03 9.65 -7.26
N GLN A 69 0.93 8.85 -7.37
CA GLN A 69 0.17 8.40 -6.17
C GLN A 69 0.92 7.44 -5.22
N LYS A 70 1.42 6.27 -5.67
CA LYS A 70 2.21 5.34 -4.79
C LYS A 70 3.46 5.96 -4.09
N LYS A 71 4.23 6.86 -4.74
CA LYS A 71 5.27 7.69 -4.08
C LYS A 71 4.72 8.81 -3.13
N SER A 72 3.67 9.58 -3.52
CA SER A 72 2.92 10.45 -2.57
C SER A 72 2.36 9.70 -1.30
N ALA A 73 1.67 8.56 -1.48
CA ALA A 73 1.35 7.59 -0.40
C ALA A 73 2.57 7.01 0.38
N MET A 74 3.60 6.44 -0.26
CA MET A 74 4.88 6.06 0.41
C MET A 74 5.56 7.15 1.32
N MET A 75 5.71 8.37 0.79
CA MET A 75 6.17 9.56 1.54
C MET A 75 5.19 10.11 2.63
N LYS A 76 3.87 10.26 2.35
CA LYS A 76 2.83 10.68 3.34
C LYS A 76 2.50 9.66 4.47
N LEU A 77 2.47 8.35 4.18
CA LEU A 77 2.48 7.28 5.21
C LEU A 77 3.84 7.13 5.98
N GLY A 78 5.01 7.34 5.33
CA GLY A 78 6.34 7.23 5.99
C GLY A 78 6.96 5.82 5.95
N VAL A 79 7.10 5.23 4.75
CA VAL A 79 7.54 3.81 4.59
C VAL A 79 8.74 3.75 3.58
N ASP A 80 9.82 3.02 3.91
CA ASP A 80 11.03 2.94 3.02
C ASP A 80 11.15 1.66 2.12
N ASN A 81 10.02 1.20 1.53
CA ASN A 81 9.96 0.00 0.64
C ASN A 81 8.56 -0.06 -0.07
N ASP A 82 8.52 -0.59 -1.29
CA ASP A 82 7.25 -0.90 -2.03
C ASP A 82 6.34 -1.98 -1.32
N ILE A 83 6.94 -3.10 -0.89
CA ILE A 83 6.32 -4.13 0.02
C ILE A 83 5.82 -3.53 1.40
N ALA A 84 6.47 -2.49 1.95
CA ALA A 84 5.97 -1.76 3.16
C ALA A 84 4.54 -1.13 3.12
N LEU A 85 4.09 -0.60 1.96
CA LEU A 85 2.64 -0.35 1.68
C LEU A 85 1.68 -1.57 1.94
N LEU A 86 2.17 -2.78 1.58
CA LEU A 86 1.48 -4.08 1.78
C LEU A 86 1.43 -4.55 3.26
N ASN A 87 2.56 -4.48 4.01
CA ASN A 87 2.55 -4.55 5.50
C ASN A 87 1.63 -3.49 6.19
N TYR A 88 1.67 -2.21 5.75
CA TYR A 88 0.76 -1.14 6.22
C TYR A 88 -0.74 -1.53 6.14
N LEU A 89 -1.28 -1.91 4.97
CA LEU A 89 -2.68 -2.43 4.86
C LEU A 89 -2.99 -3.73 5.67
N SER A 90 -2.07 -4.72 5.75
CA SER A 90 -2.15 -5.80 6.78
C SER A 90 -2.20 -5.33 8.28
N SER A 91 -1.35 -4.38 8.71
CA SER A 91 -1.35 -3.78 10.08
C SER A 91 -2.57 -2.87 10.41
N VAL A 92 -2.88 -1.83 9.61
CA VAL A 92 -4.11 -1.01 9.81
C VAL A 92 -5.46 -1.78 9.57
N SER A 93 -5.55 -2.55 8.46
CA SER A 93 -6.78 -3.25 8.01
C SER A 93 -7.91 -2.28 7.57
N MET A 94 -7.67 -1.55 6.46
CA MET A 94 -8.71 -0.67 5.83
C MET A 94 -9.95 -1.47 5.28
N THR A 95 -9.67 -2.55 4.53
CA THR A 95 -10.69 -3.51 4.04
C THR A 95 -10.95 -4.67 5.07
N PRO A 96 -12.17 -5.27 5.20
CA PRO A 96 -12.36 -6.55 5.95
C PRO A 96 -11.69 -7.85 5.38
N VAL A 97 -11.30 -7.87 4.09
CA VAL A 97 -10.44 -8.94 3.51
C VAL A 97 -8.97 -8.80 4.02
N ASP A 98 -8.49 -9.72 4.87
CA ASP A 98 -7.07 -9.76 5.31
C ASP A 98 -6.07 -10.32 4.21
N LYS A 99 -6.08 -9.69 3.03
CA LYS A 99 -5.39 -10.17 1.81
C LYS A 99 -5.04 -8.95 0.92
N TYR A 13 5.27 -9.27 -3.55
CA TYR A 13 4.01 -9.57 -2.79
C TYR A 13 4.33 -9.84 -1.28
N THR A 14 3.32 -10.24 -0.49
CA THR A 14 3.42 -10.60 0.95
C THR A 14 4.59 -11.64 1.26
N PRO A 15 5.77 -11.24 1.80
CA PRO A 15 6.92 -12.18 2.02
C PRO A 15 6.81 -13.05 3.32
N GLU A 16 7.91 -13.65 3.83
CA GLU A 16 7.89 -14.10 5.26
C GLU A 16 9.00 -13.55 6.23
N SER A 17 10.19 -13.13 5.76
CA SER A 17 11.28 -12.69 6.70
C SER A 17 11.38 -11.14 6.76
N VAL A 18 11.51 -10.50 5.58
CA VAL A 18 11.14 -9.07 5.40
C VAL A 18 9.65 -8.72 5.76
N ALA A 19 8.67 -9.66 5.72
CA ALA A 19 7.28 -9.40 6.18
C ALA A 19 7.13 -9.29 7.72
N LYS A 20 7.62 -10.29 8.50
CA LYS A 20 7.67 -10.18 9.98
C LYS A 20 8.57 -9.00 10.50
N LEU A 21 9.78 -8.78 9.94
CA LEU A 21 10.52 -7.50 10.08
C LEU A 21 9.69 -6.22 9.73
N LEU A 22 9.09 -6.08 8.55
CA LEU A 22 8.30 -4.89 8.17
C LEU A 22 7.09 -4.52 9.09
N GLU A 23 6.17 -5.46 9.39
CA GLU A 23 5.18 -5.27 10.49
C GLU A 23 5.76 -4.97 11.92
N LYS A 24 6.98 -5.45 12.24
CA LYS A 24 7.77 -4.94 13.42
C LYS A 24 8.32 -3.47 13.27
N ILE A 25 8.86 -3.07 12.10
CA ILE A 25 9.28 -1.66 11.76
C ILE A 25 8.09 -0.63 11.89
N SER A 26 6.97 -0.84 11.18
CA SER A 26 5.77 0.05 11.28
C SER A 26 4.90 -0.15 12.56
N ALA A 27 4.72 -1.39 13.08
CA ALA A 27 4.05 -1.69 14.38
C ALA A 27 2.57 -1.19 14.52
N GLY A 28 1.67 -1.77 13.71
CA GLY A 28 0.34 -1.15 13.45
C GLY A 28 0.28 -0.31 12.17
N GLY A 29 1.11 0.73 12.06
CA GLY A 29 1.10 1.67 10.91
C GLY A 29 -0.14 2.55 10.81
N TYR A 30 -0.49 3.28 11.87
CA TYR A 30 -1.70 4.14 11.90
C TYR A 30 -1.68 5.35 10.89
N GLY A 31 -0.49 5.89 10.59
CA GLY A 31 -0.31 7.02 9.65
C GLY A 31 -0.53 8.38 10.35
N ASP A 32 -1.26 9.28 9.68
CA ASP A 32 -1.84 10.46 10.35
C ASP A 32 -3.37 10.29 10.52
N LYS A 33 -3.94 9.38 11.34
CA LYS A 33 -5.29 8.71 11.16
C LYS A 33 -6.38 9.05 10.05
N ARG A 34 -5.98 9.77 9.01
CA ARG A 34 -6.81 10.34 7.93
C ARG A 34 -6.14 9.79 6.64
N LEU A 35 -6.72 8.72 6.06
CA LEU A 35 -6.19 8.10 4.81
C LEU A 35 -6.98 8.62 3.58
N SER A 36 -6.29 9.14 2.55
CA SER A 36 -6.96 9.75 1.38
C SER A 36 -7.56 8.69 0.39
N PRO A 37 -8.68 8.93 -0.37
CA PRO A 37 -9.35 7.87 -1.18
C PRO A 37 -8.46 7.20 -2.27
N LYS A 38 -7.84 8.01 -3.13
CA LYS A 38 -6.82 7.53 -4.12
C LYS A 38 -5.51 6.92 -3.49
N GLU A 39 -4.98 7.45 -2.35
CA GLU A 39 -3.95 6.76 -1.52
C GLU A 39 -4.36 5.33 -1.05
N SER A 40 -5.44 5.20 -0.27
CA SER A 40 -5.99 3.88 0.12
C SER A 40 -6.46 2.95 -1.05
N GLU A 41 -7.03 3.44 -2.17
CA GLU A 41 -7.28 2.64 -3.41
C GLU A 41 -6.00 1.99 -4.05
N VAL A 42 -4.97 2.80 -4.40
CA VAL A 42 -3.66 2.26 -4.89
C VAL A 42 -2.98 1.23 -3.92
N LEU A 43 -2.95 1.54 -2.60
CA LEU A 43 -2.58 0.58 -1.53
C LEU A 43 -3.47 -0.68 -1.43
N ARG A 44 -4.81 -0.56 -1.46
CA ARG A 44 -5.74 -1.72 -1.45
C ARG A 44 -5.49 -2.81 -2.52
N LEU A 45 -5.26 -2.39 -3.76
CA LEU A 45 -4.89 -3.29 -4.87
C LEU A 45 -3.43 -3.81 -4.79
N PHE A 46 -2.43 -2.94 -4.50
CA PHE A 46 -1.07 -3.37 -4.10
C PHE A 46 -1.01 -4.47 -2.99
N ALA A 47 -1.70 -4.21 -1.86
CA ALA A 47 -2.04 -5.21 -0.82
C ALA A 47 -2.80 -6.50 -1.27
N GLU A 48 -3.88 -6.37 -2.09
CA GLU A 48 -4.57 -7.53 -2.70
C GLU A 48 -3.68 -8.52 -3.53
N GLY A 49 -2.79 -7.98 -4.37
CA GLY A 49 -2.00 -8.76 -5.35
C GLY A 49 -1.80 -8.15 -6.74
N PHE A 50 -2.46 -7.03 -7.10
CA PHE A 50 -2.15 -6.29 -8.35
C PHE A 50 -0.85 -5.42 -8.13
N LEU A 51 -0.20 -5.16 -9.24
CA LEU A 51 1.07 -4.40 -9.33
C LEU A 51 0.81 -3.02 -10.02
N VAL A 52 1.66 -2.01 -9.82
CA VAL A 52 1.53 -0.66 -10.47
C VAL A 52 1.01 -0.62 -11.98
N THR A 53 1.52 -1.50 -12.84
CA THR A 53 0.92 -1.81 -14.18
C THR A 53 -0.62 -2.17 -14.17
N GLU A 54 -1.01 -3.28 -13.52
CA GLU A 54 -2.44 -3.67 -13.31
C GLU A 54 -3.32 -2.73 -12.44
N ILE A 55 -2.82 -2.23 -11.29
CA ILE A 55 -3.47 -1.13 -10.50
C ILE A 55 -3.87 0.11 -11.38
N ALA A 56 -2.95 0.64 -12.23
CA ALA A 56 -3.31 1.65 -13.26
C ALA A 56 -4.37 1.20 -14.30
N LYS A 57 -4.17 0.08 -15.02
CA LYS A 57 -5.22 -0.50 -15.93
C LYS A 57 -6.65 -0.74 -15.32
N LYS A 58 -6.75 -1.34 -14.12
CA LYS A 58 -8.01 -1.37 -13.31
C LYS A 58 -8.62 0.02 -12.96
N LEU A 59 -7.86 0.93 -12.33
CA LEU A 59 -8.33 2.32 -12.05
C LEU A 59 -8.48 3.30 -13.29
N ASN A 60 -8.09 2.89 -14.52
CA ASN A 60 -8.00 3.73 -15.74
C ASN A 60 -6.88 4.82 -15.70
N ARG A 61 -5.63 4.35 -15.61
CA ARG A 61 -4.40 5.19 -15.60
C ARG A 61 -3.30 4.59 -16.54
N SER A 62 -2.25 5.38 -16.80
CA SER A 62 -1.13 4.99 -17.72
C SER A 62 0.25 4.70 -17.06
N ILE A 63 0.29 3.95 -15.94
CA ILE A 63 1.51 3.77 -15.07
C ILE A 63 2.08 5.07 -14.39
N LYS A 64 2.23 6.20 -15.10
CA LYS A 64 2.69 7.50 -14.56
C LYS A 64 1.78 8.17 -13.49
N THR A 65 0.47 8.31 -13.76
CA THR A 65 -0.55 8.74 -12.75
C THR A 65 -0.61 7.83 -11.48
N ILE A 66 -0.52 6.50 -11.65
CA ILE A 66 -0.20 5.57 -10.51
C ILE A 66 1.13 5.86 -9.80
N SER A 67 2.26 6.01 -10.53
CA SER A 67 3.57 6.26 -9.90
C SER A 67 3.65 7.62 -9.11
N SER A 68 3.09 8.72 -9.65
CA SER A 68 2.76 9.95 -8.84
C SER A 68 1.90 9.71 -7.55
N GLN A 69 0.78 8.97 -7.63
CA GLN A 69 0.02 8.56 -6.41
C GLN A 69 0.74 7.58 -5.41
N LYS A 70 1.33 6.50 -5.92
CA LYS A 70 2.20 5.56 -5.18
C LYS A 70 3.39 6.24 -4.43
N LYS A 71 4.19 7.11 -5.07
CA LYS A 71 5.15 8.00 -4.36
C LYS A 71 4.51 9.04 -3.37
N SER A 72 3.37 9.68 -3.69
CA SER A 72 2.56 10.47 -2.71
C SER A 72 2.12 9.69 -1.43
N ALA A 73 1.45 8.53 -1.55
CA ALA A 73 1.22 7.60 -0.41
C ALA A 73 2.51 7.05 0.30
N MET A 74 3.50 6.52 -0.43
CA MET A 74 4.83 6.10 0.11
C MET A 74 5.58 7.16 0.99
N MET A 75 5.77 8.38 0.45
CA MET A 75 6.28 9.54 1.23
C MET A 75 5.33 10.09 2.34
N LYS A 76 4.01 10.30 2.11
CA LYS A 76 3.07 10.77 3.17
C LYS A 76 2.82 9.77 4.36
N LEU A 77 2.74 8.45 4.10
CA LEU A 77 2.85 7.42 5.17
C LEU A 77 4.26 7.28 5.83
N GLY A 78 5.36 7.45 5.06
CA GLY A 78 6.74 7.36 5.58
C GLY A 78 7.36 5.95 5.53
N VAL A 79 7.38 5.33 4.35
CA VAL A 79 7.82 3.91 4.17
C VAL A 79 8.95 3.85 3.09
N ASP A 80 10.12 3.29 3.41
CA ASP A 80 11.25 3.19 2.43
C ASP A 80 11.36 1.83 1.64
N ASN A 81 10.22 1.31 1.16
CA ASN A 81 10.13 0.02 0.44
C ASN A 81 8.69 -0.11 -0.18
N ASP A 82 8.57 -0.58 -1.43
CA ASP A 82 7.26 -1.00 -2.02
C ASP A 82 6.50 -2.17 -1.30
N ILE A 83 7.22 -3.22 -0.84
CA ILE A 83 6.69 -4.24 0.12
C ILE A 83 6.13 -3.62 1.46
N ALA A 84 6.77 -2.56 2.01
CA ALA A 84 6.24 -1.84 3.21
C ALA A 84 4.82 -1.22 3.13
N LEU A 85 4.41 -0.68 1.98
CA LEU A 85 2.97 -0.45 1.65
C LEU A 85 2.02 -1.69 1.83
N LEU A 86 2.49 -2.89 1.45
CA LEU A 86 1.79 -4.19 1.69
C LEU A 86 1.70 -4.59 3.20
N ASN A 87 2.81 -4.51 3.99
CA ASN A 87 2.72 -4.58 5.49
C ASN A 87 1.74 -3.55 6.14
N TYR A 88 1.81 -2.27 5.70
CA TYR A 88 0.90 -1.19 6.11
C TYR A 88 -0.62 -1.57 5.99
N LEU A 89 -1.09 -1.92 4.78
CA LEU A 89 -2.48 -2.42 4.60
C LEU A 89 -2.81 -3.82 5.25
N SER A 90 -1.88 -4.78 5.35
CA SER A 90 -2.06 -5.97 6.24
C SER A 90 -2.23 -5.66 7.77
N SER A 91 -1.46 -4.70 8.32
CA SER A 91 -1.62 -4.21 9.72
C SER A 91 -2.88 -3.35 10.00
N VAL A 92 -3.15 -2.26 9.23
CA VAL A 92 -4.42 -1.47 9.39
C VAL A 92 -5.70 -2.18 8.85
N SER A 93 -5.65 -2.73 7.63
CA SER A 93 -6.79 -3.37 6.92
C SER A 93 -7.98 -2.40 6.66
N MET A 94 -7.72 -1.42 5.78
CA MET A 94 -8.77 -0.52 5.25
C MET A 94 -9.93 -1.21 4.45
N THR A 95 -9.62 -2.29 3.71
CA THR A 95 -10.64 -3.17 3.07
C THR A 95 -11.11 -4.36 3.99
N PRO A 96 -12.37 -4.88 3.92
CA PRO A 96 -12.76 -6.13 4.65
C PRO A 96 -12.05 -7.45 4.24
N VAL A 97 -11.76 -7.66 2.93
CA VAL A 97 -10.87 -8.75 2.44
C VAL A 97 -9.37 -8.53 2.80
N ASP A 98 -8.97 -8.90 4.04
CA ASP A 98 -7.55 -8.90 4.47
C ASP A 98 -6.64 -10.06 3.92
N LYS A 99 -6.82 -10.46 2.64
CA LYS A 99 -6.00 -11.47 1.92
C LYS A 99 -6.06 -12.86 2.59
N TYR A 13 2.40 -9.97 -2.62
CA TYR A 13 1.95 -9.57 -1.25
C TYR A 13 2.68 -10.27 -0.06
N THR A 14 2.82 -11.60 -0.11
CA THR A 14 3.42 -12.41 0.99
C THR A 14 4.87 -12.89 0.63
N PRO A 15 5.99 -12.12 0.89
CA PRO A 15 7.36 -12.71 1.01
C PRO A 15 7.50 -13.55 2.34
N GLU A 16 8.69 -13.72 2.95
CA GLU A 16 8.72 -14.09 4.41
C GLU A 16 9.60 -13.23 5.39
N SER A 17 10.71 -12.62 4.94
CA SER A 17 11.72 -12.07 5.91
C SER A 17 11.66 -10.54 6.00
N VAL A 18 11.67 -9.85 4.84
CA VAL A 18 11.05 -8.52 4.68
C VAL A 18 9.60 -8.38 5.27
N ALA A 19 8.65 -9.34 5.16
CA ALA A 19 7.32 -9.21 5.82
C ALA A 19 7.38 -9.20 7.37
N LYS A 20 8.06 -10.15 8.05
CA LYS A 20 8.32 -10.03 9.53
C LYS A 20 9.13 -8.74 9.95
N LEU A 21 10.27 -8.44 9.29
CA LEU A 21 10.96 -7.12 9.44
C LEU A 21 10.04 -5.87 9.29
N LEU A 22 9.33 -5.72 8.16
CA LEU A 22 8.43 -4.57 7.88
C LEU A 22 7.25 -4.35 8.88
N GLU A 23 6.49 -5.40 9.27
CA GLU A 23 5.62 -5.33 10.48
C GLU A 23 6.33 -4.93 11.80
N LYS A 24 7.62 -5.29 11.99
CA LYS A 24 8.44 -4.71 13.09
C LYS A 24 8.88 -3.20 12.90
N ILE A 25 9.26 -2.76 11.68
CA ILE A 25 9.56 -1.33 11.34
C ILE A 25 8.32 -0.38 11.51
N SER A 26 7.20 -0.66 10.81
CA SER A 26 5.94 0.15 10.95
C SER A 26 5.07 -0.20 12.19
N ALA A 27 4.75 -1.49 12.45
CA ALA A 27 4.06 -1.94 13.70
C ALA A 27 2.63 -1.34 13.95
N GLY A 28 1.68 -1.68 13.06
CA GLY A 28 0.40 -0.96 12.96
C GLY A 28 0.48 0.22 11.97
N GLY A 29 0.94 1.38 12.47
CA GLY A 29 0.94 2.64 11.66
C GLY A 29 -0.45 3.24 11.40
N TYR A 30 -1.30 3.40 12.43
CA TYR A 30 -2.74 3.72 12.25
C TYR A 30 -3.01 5.01 11.42
N GLY A 31 -3.89 4.90 10.39
CA GLY A 31 -4.14 5.98 9.39
C GLY A 31 -4.35 7.39 9.98
N ASP A 32 -3.46 8.32 9.62
CA ASP A 32 -3.13 9.49 10.46
C ASP A 32 -4.27 10.56 10.38
N LYS A 33 -5.25 10.56 11.30
CA LYS A 33 -6.73 10.60 11.00
C LYS A 33 -7.41 10.91 9.59
N ARG A 34 -6.63 11.04 8.51
CA ARG A 34 -7.06 11.52 7.18
C ARG A 34 -6.46 10.57 6.09
N LEU A 35 -7.30 9.79 5.37
CA LEU A 35 -6.87 9.07 4.13
C LEU A 35 -7.44 9.74 2.84
N SER A 36 -6.60 9.92 1.80
CA SER A 36 -7.06 10.41 0.48
C SER A 36 -7.78 9.32 -0.42
N PRO A 37 -8.72 9.69 -1.36
CA PRO A 37 -9.41 8.70 -2.24
C PRO A 37 -8.48 7.88 -3.17
N LYS A 38 -7.73 8.57 -4.05
CA LYS A 38 -6.72 7.96 -4.94
C LYS A 38 -5.53 7.25 -4.21
N GLU A 39 -4.94 7.83 -3.13
CA GLU A 39 -4.05 7.12 -2.16
C GLU A 39 -4.61 5.74 -1.64
N SER A 40 -5.78 5.74 -0.96
CA SER A 40 -6.49 4.49 -0.59
C SER A 40 -6.89 3.53 -1.75
N GLU A 41 -7.37 4.00 -2.93
CA GLU A 41 -7.59 3.13 -4.13
C GLU A 41 -6.31 2.38 -4.66
N VAL A 42 -5.22 3.13 -4.97
CA VAL A 42 -3.89 2.54 -5.28
C VAL A 42 -3.37 1.51 -4.19
N LEU A 43 -3.51 1.84 -2.89
CA LEU A 43 -3.19 0.92 -1.76
C LEU A 43 -4.12 -0.30 -1.61
N ARG A 44 -5.45 -0.14 -1.68
CA ARG A 44 -6.42 -1.26 -1.69
C ARG A 44 -6.19 -2.37 -2.77
N LEU A 45 -5.91 -1.97 -4.02
CA LEU A 45 -5.45 -2.93 -5.06
C LEU A 45 -4.02 -3.52 -4.81
N PHE A 46 -3.01 -2.69 -4.48
CA PHE A 46 -1.67 -3.18 -4.02
C PHE A 46 -1.71 -4.21 -2.84
N ALA A 47 -2.46 -3.90 -1.78
CA ALA A 47 -2.90 -4.84 -0.72
C ALA A 47 -3.77 -6.08 -1.14
N GLU A 48 -4.74 -5.94 -2.08
CA GLU A 48 -5.41 -7.11 -2.72
C GLU A 48 -4.46 -8.14 -3.43
N GLY A 49 -3.40 -7.67 -4.09
CA GLY A 49 -2.53 -8.52 -4.95
C GLY A 49 -2.26 -8.03 -6.38
N PHE A 50 -2.82 -6.90 -6.86
CA PHE A 50 -2.39 -6.26 -8.12
C PHE A 50 -1.07 -5.45 -7.87
N LEU A 51 -0.43 -5.10 -8.98
CA LEU A 51 0.89 -4.42 -9.05
C LEU A 51 0.72 -3.08 -9.81
N VAL A 52 1.56 -2.07 -9.57
CA VAL A 52 1.51 -0.74 -10.29
C VAL A 52 1.08 -0.75 -11.81
N THR A 53 1.69 -1.64 -12.63
CA THR A 53 1.23 -2.00 -14.01
C THR A 53 -0.30 -2.38 -14.14
N GLU A 54 -0.74 -3.47 -13.49
CA GLU A 54 -2.18 -3.86 -13.42
C GLU A 54 -3.12 -2.89 -12.63
N ILE A 55 -2.70 -2.28 -11.51
CA ILE A 55 -3.43 -1.16 -10.84
C ILE A 55 -3.73 0.03 -11.81
N ALA A 56 -2.73 0.56 -12.54
CA ALA A 56 -2.97 1.54 -13.63
C ALA A 56 -3.94 1.08 -14.77
N LYS A 57 -3.74 -0.11 -15.35
CA LYS A 57 -4.71 -0.74 -16.30
C LYS A 57 -6.17 -0.99 -15.77
N LYS A 58 -6.32 -1.55 -14.55
CA LYS A 58 -7.63 -1.72 -13.85
C LYS A 58 -8.32 -0.39 -13.43
N LEU A 59 -7.63 0.56 -12.76
CA LEU A 59 -8.13 1.96 -12.59
C LEU A 59 -8.34 2.80 -13.91
N ASN A 60 -7.82 2.37 -15.08
CA ASN A 60 -7.90 3.09 -16.38
C ASN A 60 -7.07 4.41 -16.41
N ARG A 61 -5.74 4.26 -16.19
CA ARG A 61 -4.75 5.36 -16.25
C ARG A 61 -3.37 4.82 -16.78
N SER A 62 -2.36 5.70 -16.83
CA SER A 62 -0.96 5.28 -17.13
C SER A 62 -0.17 4.94 -15.82
N ILE A 63 0.79 4.00 -15.91
CA ILE A 63 1.76 3.69 -14.80
C ILE A 63 2.54 4.92 -14.20
N LYS A 64 2.76 6.00 -14.96
CA LYS A 64 3.33 7.27 -14.44
C LYS A 64 2.57 8.03 -13.32
N THR A 65 1.29 8.40 -13.55
CA THR A 65 0.40 8.91 -12.46
C THR A 65 0.11 7.88 -11.31
N ILE A 66 0.19 6.57 -11.60
CA ILE A 66 0.26 5.53 -10.51
C ILE A 66 1.57 5.59 -9.68
N SER A 67 2.73 5.67 -10.32
CA SER A 67 4.04 5.74 -9.64
C SER A 67 4.27 7.05 -8.81
N SER A 68 3.95 8.23 -9.38
CA SER A 68 3.76 9.50 -8.61
C SER A 68 2.75 9.40 -7.42
N GLN A 69 1.53 8.86 -7.60
CA GLN A 69 0.57 8.64 -6.48
C GLN A 69 0.98 7.57 -5.41
N LYS A 70 1.50 6.39 -5.78
CA LYS A 70 2.14 5.46 -4.82
C LYS A 70 3.39 6.04 -4.09
N LYS A 71 4.30 6.80 -4.74
CA LYS A 71 5.40 7.53 -4.05
C LYS A 71 4.93 8.68 -3.10
N SER A 72 3.92 9.49 -3.50
CA SER A 72 3.15 10.35 -2.56
C SER A 72 2.50 9.60 -1.35
N ALA A 73 1.76 8.49 -1.57
CA ALA A 73 1.30 7.58 -0.48
C ALA A 73 2.40 6.93 0.42
N MET A 74 3.43 6.32 -0.19
CA MET A 74 4.70 5.88 0.47
C MET A 74 5.38 6.95 1.41
N MET A 75 5.72 8.14 0.86
CA MET A 75 6.20 9.29 1.67
C MET A 75 5.18 9.94 2.67
N LYS A 76 3.86 10.01 2.38
CA LYS A 76 2.80 10.28 3.40
C LYS A 76 2.88 9.40 4.70
N LEU A 77 2.97 8.08 4.54
CA LEU A 77 3.12 7.13 5.68
C LEU A 77 4.55 7.04 6.32
N GLY A 78 5.62 7.47 5.62
CA GLY A 78 7.02 7.27 6.08
C GLY A 78 7.71 5.92 5.76
N VAL A 79 7.07 5.06 4.95
CA VAL A 79 7.62 3.75 4.55
C VAL A 79 8.71 3.91 3.44
N ASP A 80 9.84 3.20 3.56
CA ASP A 80 10.95 3.26 2.57
C ASP A 80 11.16 1.95 1.76
N ASN A 81 10.08 1.45 1.13
CA ASN A 81 10.03 0.19 0.33
C ASN A 81 8.60 0.04 -0.32
N ASP A 82 8.49 -0.81 -1.35
CA ASP A 82 7.16 -1.29 -1.89
C ASP A 82 6.29 -2.10 -0.87
N ILE A 83 6.80 -3.21 -0.34
CA ILE A 83 6.03 -4.21 0.49
C ILE A 83 5.47 -3.63 1.84
N ALA A 84 6.20 -2.67 2.45
CA ALA A 84 5.73 -1.84 3.59
C ALA A 84 4.29 -1.22 3.52
N LEU A 85 3.87 -0.71 2.35
CA LEU A 85 2.45 -0.37 2.05
C LEU A 85 1.41 -1.54 2.21
N LEU A 86 1.77 -2.73 1.70
CA LEU A 86 0.98 -3.98 1.84
C LEU A 86 0.84 -4.49 3.32
N ASN A 87 1.96 -4.48 4.07
CA ASN A 87 1.97 -4.57 5.53
C ASN A 87 1.17 -3.46 6.28
N TYR A 88 1.24 -2.17 5.88
CA TYR A 88 0.35 -1.10 6.39
C TYR A 88 -1.17 -1.49 6.34
N LEU A 89 -1.76 -1.68 5.15
CA LEU A 89 -3.20 -2.08 5.06
C LEU A 89 -3.59 -3.43 5.74
N SER A 90 -2.72 -4.47 5.70
CA SER A 90 -2.87 -5.68 6.55
C SER A 90 -2.79 -5.46 8.11
N SER A 91 -1.79 -4.68 8.58
CA SER A 91 -1.60 -4.33 10.03
C SER A 91 -2.73 -3.45 10.63
N VAL A 92 -3.07 -2.30 10.00
CA VAL A 92 -4.31 -1.54 10.36
C VAL A 92 -5.65 -2.31 10.17
N SER A 93 -5.74 -3.21 9.16
CA SER A 93 -6.95 -4.01 8.84
C SER A 93 -8.15 -3.16 8.34
N MET A 94 -7.92 -2.30 7.32
CA MET A 94 -9.00 -1.47 6.72
C MET A 94 -10.04 -2.30 5.88
N THR A 95 -9.55 -3.23 5.05
CA THR A 95 -10.38 -4.24 4.34
C THR A 95 -10.52 -5.58 5.15
N PRO A 96 -11.72 -6.23 5.31
CA PRO A 96 -11.82 -7.60 5.87
C PRO A 96 -11.22 -8.78 5.02
N VAL A 97 -11.32 -8.70 3.67
CA VAL A 97 -10.57 -9.57 2.74
C VAL A 97 -9.02 -9.28 2.76
N ASP A 98 -8.27 -10.01 3.59
CA ASP A 98 -6.77 -9.94 3.60
C ASP A 98 -6.14 -10.86 2.49
N LYS A 99 -6.49 -10.58 1.22
CA LYS A 99 -6.26 -11.45 0.03
C LYS A 99 -6.49 -12.97 0.21
N TYR A 13 4.30 -10.24 -3.15
CA TYR A 13 3.13 -9.70 -2.40
C TYR A 13 2.80 -10.37 -1.03
N THR A 14 3.38 -11.54 -0.73
CA THR A 14 3.26 -12.21 0.60
C THR A 14 4.66 -12.81 0.99
N PRO A 15 5.67 -12.01 1.49
CA PRO A 15 6.92 -12.58 2.06
C PRO A 15 6.76 -13.13 3.50
N GLU A 16 7.81 -13.76 4.07
CA GLU A 16 7.75 -14.11 5.53
C GLU A 16 8.88 -13.54 6.46
N SER A 17 10.04 -13.12 5.93
CA SER A 17 11.20 -12.69 6.78
C SER A 17 11.41 -11.15 6.74
N VAL A 18 11.46 -10.58 5.54
CA VAL A 18 11.08 -9.15 5.31
C VAL A 18 9.62 -8.78 5.79
N ALA A 19 8.63 -9.71 5.86
CA ALA A 19 7.26 -9.35 6.31
C ALA A 19 7.14 -9.26 7.86
N LYS A 20 7.64 -10.25 8.62
CA LYS A 20 7.89 -10.09 10.09
C LYS A 20 8.78 -8.86 10.50
N LEU A 21 9.95 -8.65 9.83
CA LEU A 21 10.74 -7.40 9.96
C LEU A 21 9.93 -6.10 9.68
N LEU A 22 9.30 -5.92 8.51
CA LEU A 22 8.49 -4.72 8.19
C LEU A 22 7.33 -4.38 9.16
N GLU A 23 6.47 -5.36 9.54
CA GLU A 23 5.54 -5.19 10.68
C GLU A 23 6.20 -4.86 12.05
N LYS A 24 7.42 -5.37 12.33
CA LYS A 24 8.25 -4.91 13.48
C LYS A 24 8.91 -3.49 13.35
N ILE A 25 9.28 -3.02 12.14
CA ILE A 25 9.67 -1.60 11.86
C ILE A 25 8.48 -0.60 12.10
N SER A 26 7.32 -0.77 11.42
CA SER A 26 6.15 0.12 11.63
C SER A 26 5.30 -0.27 12.88
N ALA A 27 4.60 -1.43 12.90
CA ALA A 27 3.77 -1.88 14.07
C ALA A 27 2.71 -0.85 14.58
N GLY A 28 1.85 -0.35 13.69
CA GLY A 28 1.11 0.90 13.95
C GLY A 28 0.57 1.62 12.69
N GLY A 29 0.20 2.89 12.90
CA GLY A 29 -0.55 3.67 11.88
C GLY A 29 -2.10 3.53 11.85
N TYR A 30 -2.72 2.98 12.91
CA TYR A 30 -4.17 2.66 12.96
C TYR A 30 -5.10 3.92 13.12
N GLY A 31 -4.81 4.78 14.12
CA GLY A 31 -5.68 5.94 14.45
C GLY A 31 -5.41 7.32 13.81
N ASP A 32 -4.31 7.53 13.07
CA ASP A 32 -3.97 8.85 12.48
C ASP A 32 -4.89 9.13 11.25
N LYS A 33 -5.86 10.04 11.45
CA LYS A 33 -7.11 10.16 10.64
C LYS A 33 -7.07 10.61 9.14
N ARG A 34 -5.89 10.56 8.50
CA ARG A 34 -5.62 11.22 7.20
C ARG A 34 -5.20 10.16 6.14
N LEU A 35 -6.24 9.58 5.50
CA LEU A 35 -6.12 8.79 4.24
C LEU A 35 -6.86 9.52 3.07
N SER A 36 -6.22 9.70 1.90
CA SER A 36 -6.91 10.28 0.70
C SER A 36 -7.63 9.18 -0.19
N PRO A 37 -8.66 9.48 -1.05
CA PRO A 37 -9.43 8.44 -1.79
C PRO A 37 -8.62 7.58 -2.81
N LYS A 38 -8.02 8.27 -3.77
CA LYS A 38 -7.05 7.70 -4.74
C LYS A 38 -5.76 7.06 -4.10
N GLU A 39 -5.17 7.64 -3.04
CA GLU A 39 -4.21 6.95 -2.12
C GLU A 39 -4.73 5.57 -1.58
N SER A 40 -5.86 5.53 -0.85
CA SER A 40 -6.49 4.25 -0.43
C SER A 40 -6.83 3.24 -1.57
N GLU A 41 -7.41 3.67 -2.71
CA GLU A 41 -7.62 2.81 -3.92
C GLU A 41 -6.32 2.16 -4.52
N VAL A 42 -5.31 2.99 -4.91
CA VAL A 42 -3.97 2.49 -5.34
C VAL A 42 -3.29 1.51 -4.34
N LEU A 43 -3.31 1.83 -3.02
CA LEU A 43 -2.86 0.94 -1.93
C LEU A 43 -3.71 -0.35 -1.73
N ARG A 44 -5.05 -0.27 -1.80
CA ARG A 44 -5.94 -1.46 -1.81
C ARG A 44 -5.62 -2.55 -2.86
N LEU A 45 -5.36 -2.13 -4.11
CA LEU A 45 -4.92 -3.06 -5.19
C LEU A 45 -3.44 -3.55 -5.06
N PHE A 46 -2.50 -2.64 -4.76
CA PHE A 46 -1.14 -3.01 -4.26
C PHE A 46 -1.15 -4.09 -3.12
N ALA A 47 -1.82 -3.83 -1.97
CA ALA A 47 -2.19 -4.82 -0.94
C ALA A 47 -2.93 -6.13 -1.40
N GLU A 48 -3.97 -6.05 -2.28
CA GLU A 48 -4.59 -7.23 -2.92
C GLU A 48 -3.63 -8.19 -3.72
N GLY A 49 -2.64 -7.63 -4.42
CA GLY A 49 -1.75 -8.41 -5.32
C GLY A 49 -1.43 -7.79 -6.70
N PHE A 50 -2.15 -6.76 -7.16
CA PHE A 50 -1.88 -6.13 -8.47
C PHE A 50 -0.61 -5.19 -8.37
N LEU A 51 -0.05 -4.94 -9.55
CA LEU A 51 1.20 -4.18 -9.75
C LEU A 51 0.90 -2.84 -10.49
N VAL A 52 1.76 -1.83 -10.37
CA VAL A 52 1.61 -0.51 -11.08
C VAL A 52 1.05 -0.55 -12.56
N THR A 53 1.56 -1.49 -13.39
CA THR A 53 0.93 -1.90 -14.68
C THR A 53 -0.60 -2.29 -14.60
N GLU A 54 -0.95 -3.38 -13.88
CA GLU A 54 -2.37 -3.80 -13.68
C GLU A 54 -3.27 -2.82 -12.86
N ILE A 55 -2.79 -2.22 -11.76
CA ILE A 55 -3.49 -1.13 -11.02
C ILE A 55 -3.89 0.08 -11.94
N ALA A 56 -2.95 0.65 -12.73
CA ALA A 56 -3.30 1.68 -13.77
C ALA A 56 -4.22 1.22 -14.95
N LYS A 57 -4.15 -0.04 -15.41
CA LYS A 57 -5.15 -0.61 -16.37
C LYS A 57 -6.58 -0.87 -15.76
N LYS A 58 -6.70 -1.53 -14.58
CA LYS A 58 -7.97 -1.63 -13.81
C LYS A 58 -8.65 -0.27 -13.45
N LEU A 59 -7.94 0.65 -12.76
CA LEU A 59 -8.43 2.04 -12.53
C LEU A 59 -8.55 2.94 -13.82
N ASN A 60 -7.78 2.66 -14.89
CA ASN A 60 -7.85 3.34 -16.21
C ASN A 60 -7.38 4.83 -16.17
N ARG A 61 -6.07 5.01 -15.91
CA ARG A 61 -5.46 6.35 -15.78
C ARG A 61 -4.12 6.44 -16.57
N SER A 62 -2.98 6.11 -15.95
CA SER A 62 -1.65 6.01 -16.61
C SER A 62 -0.67 5.38 -15.58
N ILE A 63 0.22 4.47 -16.02
CA ILE A 63 1.34 3.94 -15.15
C ILE A 63 2.26 5.03 -14.48
N LYS A 64 2.47 6.19 -15.14
CA LYS A 64 3.09 7.40 -14.53
C LYS A 64 2.23 8.10 -13.42
N THR A 65 0.96 8.45 -13.69
CA THR A 65 -0.03 8.86 -12.63
C THR A 65 -0.14 7.89 -11.42
N ILE A 66 -0.21 6.58 -11.68
CA ILE A 66 -0.12 5.53 -10.62
C ILE A 66 1.21 5.53 -9.82
N SER A 67 2.36 5.59 -10.51
CA SER A 67 3.66 5.64 -9.82
C SER A 67 3.94 6.96 -9.04
N SER A 68 3.55 8.15 -9.57
CA SER A 68 3.43 9.40 -8.76
C SER A 68 2.40 9.32 -7.57
N GLN A 69 1.20 8.74 -7.76
CA GLN A 69 0.23 8.51 -6.67
C GLN A 69 0.68 7.51 -5.56
N LYS A 70 1.12 6.29 -5.90
CA LYS A 70 1.80 5.39 -4.92
C LYS A 70 3.04 6.01 -4.22
N LYS A 71 3.94 6.76 -4.91
CA LYS A 71 5.02 7.53 -4.24
C LYS A 71 4.53 8.72 -3.35
N SER A 72 3.49 9.49 -3.73
CA SER A 72 2.75 10.39 -2.78
C SER A 72 2.20 9.70 -1.50
N ALA A 73 1.47 8.57 -1.60
CA ALA A 73 1.12 7.71 -0.42
C ALA A 73 2.34 7.11 0.36
N MET A 74 3.30 6.44 -0.31
CA MET A 74 4.59 5.97 0.30
C MET A 74 5.43 7.05 1.09
N MET A 75 5.66 8.22 0.46
CA MET A 75 6.27 9.42 1.11
C MET A 75 5.41 10.07 2.26
N LYS A 76 4.08 10.25 2.13
CA LYS A 76 3.22 10.70 3.28
C LYS A 76 3.22 9.78 4.53
N LEU A 77 3.13 8.45 4.34
CA LEU A 77 3.36 7.46 5.44
C LEU A 77 4.84 7.35 5.96
N GLY A 78 5.85 7.62 5.11
CA GLY A 78 7.28 7.45 5.47
C GLY A 78 7.85 6.02 5.42
N VAL A 79 7.48 5.23 4.39
CA VAL A 79 7.88 3.79 4.30
C VAL A 79 8.98 3.64 3.20
N ASP A 80 10.13 3.04 3.54
CA ASP A 80 11.27 2.85 2.60
C ASP A 80 11.29 1.52 1.76
N ASN A 81 10.12 1.02 1.31
CA ASN A 81 9.98 -0.26 0.58
C ASN A 81 8.52 -0.36 0.01
N ASP A 82 8.36 -0.91 -1.22
CA ASP A 82 7.04 -1.35 -1.77
C ASP A 82 6.25 -2.39 -0.89
N ILE A 83 6.94 -3.42 -0.38
CA ILE A 83 6.39 -4.41 0.60
C ILE A 83 5.88 -3.77 1.95
N ALA A 84 6.56 -2.73 2.46
CA ALA A 84 6.09 -1.93 3.63
C ALA A 84 4.67 -1.28 3.53
N LEU A 85 4.27 -0.80 2.34
CA LEU A 85 2.84 -0.47 2.02
C LEU A 85 1.82 -1.65 2.20
N LEU A 86 2.17 -2.87 1.76
CA LEU A 86 1.40 -4.12 2.01
C LEU A 86 1.26 -4.49 3.51
N ASN A 87 2.38 -4.45 4.28
CA ASN A 87 2.35 -4.46 5.75
C ASN A 87 1.50 -3.33 6.39
N TYR A 88 1.59 -2.06 5.96
CA TYR A 88 0.69 -0.98 6.40
C TYR A 88 -0.83 -1.35 6.30
N LEU A 89 -1.34 -1.67 5.09
CA LEU A 89 -2.75 -2.09 4.91
C LEU A 89 -3.18 -3.44 5.58
N SER A 90 -2.32 -4.49 5.60
CA SER A 90 -2.54 -5.69 6.45
C SER A 90 -2.46 -5.46 8.01
N SER A 91 -1.54 -4.59 8.51
CA SER A 91 -1.49 -4.19 9.94
C SER A 91 -2.76 -3.41 10.39
N VAL A 92 -3.04 -2.23 9.82
CA VAL A 92 -4.33 -1.49 10.05
C VAL A 92 -5.63 -2.31 9.80
N SER A 93 -5.63 -3.15 8.74
CA SER A 93 -6.79 -3.97 8.30
C SER A 93 -7.98 -3.11 7.78
N MET A 94 -7.73 -2.25 6.77
CA MET A 94 -8.81 -1.46 6.11
C MET A 94 -9.87 -2.31 5.33
N THR A 95 -9.40 -3.30 4.54
CA THR A 95 -10.26 -4.31 3.87
C THR A 95 -10.57 -5.54 4.81
N PRO A 96 -11.77 -6.19 4.77
CA PRO A 96 -11.99 -7.50 5.47
C PRO A 96 -11.20 -8.74 4.93
N VAL A 97 -10.83 -8.77 3.64
CA VAL A 97 -9.88 -9.78 3.08
C VAL A 97 -8.43 -9.56 3.60
N ASP A 98 -8.06 -10.30 4.67
CA ASP A 98 -6.67 -10.30 5.21
C ASP A 98 -5.53 -10.70 4.22
N LYS A 99 -5.80 -11.66 3.29
CA LYS A 99 -4.93 -11.98 2.13
C LYS A 99 -3.63 -12.67 2.60
N TYR A 13 2.87 -10.28 -2.85
CA TYR A 13 2.17 -9.86 -1.60
C TYR A 13 2.19 -10.97 -0.48
N THR A 14 2.87 -12.12 -0.64
CA THR A 14 3.12 -13.08 0.47
C THR A 14 4.67 -13.26 0.69
N PRO A 15 5.44 -12.29 1.28
CA PRO A 15 6.80 -12.57 1.80
C PRO A 15 6.80 -13.21 3.22
N GLU A 16 7.94 -13.73 3.68
CA GLU A 16 8.05 -14.08 5.15
C GLU A 16 9.22 -13.43 5.96
N SER A 17 10.29 -12.92 5.34
CA SER A 17 11.46 -12.38 6.10
C SER A 17 11.43 -10.84 6.14
N VAL A 18 11.34 -10.21 4.95
CA VAL A 18 10.82 -8.82 4.79
C VAL A 18 9.40 -8.58 5.41
N ALA A 19 8.44 -9.55 5.44
CA ALA A 19 7.15 -9.35 6.13
C ALA A 19 7.26 -9.31 7.69
N LYS A 20 7.95 -10.28 8.35
CA LYS A 20 8.28 -10.16 9.81
C LYS A 20 9.14 -8.90 10.19
N LEU A 21 10.25 -8.62 9.47
CA LEU A 21 10.97 -7.32 9.56
C LEU A 21 10.05 -6.07 9.40
N LEU A 22 9.32 -5.89 8.29
CA LEU A 22 8.43 -4.72 8.08
C LEU A 22 7.31 -4.49 9.14
N GLU A 23 6.54 -5.52 9.53
CA GLU A 23 5.66 -5.44 10.74
C GLU A 23 6.39 -5.07 12.07
N LYS A 24 7.66 -5.48 12.25
CA LYS A 24 8.52 -4.93 13.35
C LYS A 24 8.99 -3.44 13.15
N ILE A 25 9.38 -3.01 11.93
CA ILE A 25 9.75 -1.57 11.64
C ILE A 25 8.56 -0.58 11.85
N SER A 26 7.39 -0.80 11.19
CA SER A 26 6.19 0.02 11.40
C SER A 26 5.41 -0.31 12.72
N ALA A 27 4.88 -1.54 12.89
CA ALA A 27 4.15 -1.96 14.13
C ALA A 27 2.95 -1.07 14.59
N GLY A 28 1.97 -0.86 13.69
CA GLY A 28 0.84 0.07 13.95
C GLY A 28 0.36 0.83 12.68
N GLY A 29 0.14 2.14 12.82
CA GLY A 29 -0.48 2.98 11.76
C GLY A 29 -1.87 3.51 12.15
N TYR A 30 -1.93 4.59 12.94
CA TYR A 30 -3.22 5.11 13.49
C TYR A 30 -3.47 6.64 13.29
N GLY A 31 -2.45 7.52 13.37
CA GLY A 31 -2.62 8.97 13.13
C GLY A 31 -2.94 9.52 11.71
N ASP A 32 -3.40 8.68 10.76
CA ASP A 32 -4.04 9.17 9.50
C ASP A 32 -5.57 8.78 9.47
N LYS A 33 -6.41 9.43 10.28
CA LYS A 33 -7.86 9.10 10.48
C LYS A 33 -8.91 9.53 9.38
N ARG A 34 -8.48 9.38 8.12
CA ARG A 34 -8.52 10.39 7.04
C ARG A 34 -8.54 9.65 5.67
N LEU A 35 -7.41 8.98 5.32
CA LEU A 35 -6.72 8.84 4.00
C LEU A 35 -7.48 9.03 2.63
N SER A 36 -6.78 9.75 1.71
CA SER A 36 -7.36 10.31 0.47
C SER A 36 -7.93 9.27 -0.57
N PRO A 37 -8.95 9.55 -1.44
CA PRO A 37 -9.61 8.50 -2.28
C PRO A 37 -8.70 7.77 -3.32
N LYS A 38 -7.95 8.52 -4.13
CA LYS A 38 -6.91 7.97 -5.01
C LYS A 38 -5.68 7.31 -4.28
N GLU A 39 -5.15 7.88 -3.17
CA GLU A 39 -4.23 7.16 -2.22
C GLU A 39 -4.76 5.76 -1.75
N SER A 40 -5.92 5.69 -1.09
CA SER A 40 -6.59 4.41 -0.74
C SER A 40 -6.94 3.47 -1.95
N GLU A 41 -7.43 3.93 -3.11
CA GLU A 41 -7.54 3.10 -4.35
C GLU A 41 -6.21 2.42 -4.84
N VAL A 42 -5.15 3.23 -5.15
CA VAL A 42 -3.79 2.67 -5.46
C VAL A 42 -3.24 1.63 -4.42
N LEU A 43 -3.41 1.92 -3.11
CA LEU A 43 -3.06 1.01 -2.00
C LEU A 43 -3.97 -0.24 -1.88
N ARG A 44 -5.30 -0.13 -2.00
CA ARG A 44 -6.23 -1.28 -2.08
C ARG A 44 -5.91 -2.36 -3.16
N LEU A 45 -5.49 -1.92 -4.34
CA LEU A 45 -5.02 -2.84 -5.40
C LEU A 45 -3.58 -3.42 -5.16
N PHE A 46 -2.61 -2.58 -4.79
CA PHE A 46 -1.31 -3.04 -4.20
C PHE A 46 -1.46 -4.12 -3.04
N ALA A 47 -2.32 -3.82 -2.06
CA ALA A 47 -2.79 -4.76 -1.00
C ALA A 47 -3.70 -5.95 -1.40
N GLU A 48 -4.49 -5.88 -2.49
CA GLU A 48 -5.02 -7.08 -3.20
C GLU A 48 -3.90 -8.06 -3.70
N GLY A 49 -2.87 -7.51 -4.36
CA GLY A 49 -1.88 -8.27 -5.16
C GLY A 49 -1.74 -7.86 -6.64
N PHE A 50 -2.16 -6.65 -7.06
CA PHE A 50 -1.80 -6.10 -8.39
C PHE A 50 -0.48 -5.27 -8.29
N LEU A 51 0.13 -5.14 -9.46
CA LEU A 51 1.40 -4.43 -9.72
C LEU A 51 1.08 -3.10 -10.46
N VAL A 52 1.96 -2.08 -10.34
CA VAL A 52 1.80 -0.76 -11.03
C VAL A 52 1.23 -0.75 -12.51
N THR A 53 1.69 -1.69 -13.36
CA THR A 53 1.04 -2.02 -14.67
C THR A 53 -0.50 -2.37 -14.59
N GLU A 54 -0.87 -3.48 -13.92
CA GLU A 54 -2.30 -3.83 -13.65
C GLU A 54 -3.14 -2.80 -12.83
N ILE A 55 -2.59 -2.20 -11.77
CA ILE A 55 -3.24 -1.07 -11.03
C ILE A 55 -3.63 0.13 -11.94
N ALA A 56 -2.70 0.66 -12.77
CA ALA A 56 -3.02 1.69 -13.79
C ALA A 56 -4.06 1.28 -14.88
N LYS A 57 -3.94 0.07 -15.46
CA LYS A 57 -5.00 -0.52 -16.34
C LYS A 57 -6.43 -0.69 -15.70
N LYS A 58 -6.55 -1.32 -14.52
CA LYS A 58 -7.84 -1.38 -13.75
C LYS A 58 -8.46 0.00 -13.37
N LEU A 59 -7.71 0.89 -12.71
CA LEU A 59 -8.16 2.28 -12.46
C LEU A 59 -8.29 3.21 -13.73
N ASN A 60 -7.83 2.79 -14.93
CA ASN A 60 -7.96 3.50 -16.23
C ASN A 60 -7.12 4.82 -16.30
N ARG A 61 -5.80 4.64 -16.13
CA ARG A 61 -4.80 5.73 -16.20
C ARG A 61 -3.41 5.19 -16.68
N SER A 62 -2.42 6.09 -16.89
CA SER A 62 -1.03 5.68 -17.20
C SER A 62 -0.26 5.13 -15.96
N ILE A 63 0.68 4.21 -16.20
CA ILE A 63 1.71 3.76 -15.19
C ILE A 63 2.47 4.92 -14.43
N LYS A 64 2.72 6.08 -15.08
CA LYS A 64 3.22 7.30 -14.43
C LYS A 64 2.29 7.98 -13.37
N THR A 65 1.01 8.24 -13.69
CA THR A 65 -0.03 8.63 -12.68
C THR A 65 -0.13 7.68 -11.44
N ILE A 66 -0.09 6.37 -11.67
CA ILE A 66 0.08 5.36 -10.58
C ILE A 66 1.41 5.48 -9.80
N SER A 67 2.57 5.54 -10.47
CA SER A 67 3.87 5.71 -9.80
C SER A 67 4.04 7.06 -9.00
N SER A 68 3.49 8.18 -9.51
CA SER A 68 3.28 9.43 -8.74
C SER A 68 2.38 9.26 -7.46
N GLN A 69 1.17 8.66 -7.55
CA GLN A 69 0.37 8.32 -6.34
C GLN A 69 0.95 7.28 -5.34
N LYS A 70 1.55 6.19 -5.83
CA LYS A 70 2.39 5.28 -5.02
C LYS A 70 3.52 5.99 -4.23
N LYS A 71 4.50 6.68 -4.87
CA LYS A 71 5.47 7.53 -4.12
C LYS A 71 4.87 8.69 -3.25
N SER A 72 3.73 9.28 -3.64
CA SER A 72 2.94 10.18 -2.75
C SER A 72 2.37 9.46 -1.48
N ALA A 73 1.49 8.45 -1.59
CA ALA A 73 1.07 7.59 -0.44
C ALA A 73 2.21 6.89 0.40
N MET A 74 3.26 6.35 -0.25
CA MET A 74 4.52 5.88 0.41
C MET A 74 5.24 6.93 1.32
N MET A 75 5.59 8.11 0.76
CA MET A 75 6.15 9.26 1.52
C MET A 75 5.17 9.93 2.55
N LYS A 76 3.86 10.07 2.24
CA LYS A 76 2.83 10.56 3.22
C LYS A 76 2.64 9.67 4.49
N LEU A 77 2.56 8.33 4.33
CA LEU A 77 2.61 7.37 5.46
C LEU A 77 4.00 7.21 6.16
N GLY A 78 5.12 7.40 5.45
CA GLY A 78 6.49 7.30 6.02
C GLY A 78 7.13 5.90 5.94
N VAL A 79 7.16 5.31 4.73
CA VAL A 79 7.68 3.93 4.50
C VAL A 79 8.74 3.96 3.36
N ASP A 80 9.75 3.06 3.41
CA ASP A 80 10.81 2.97 2.36
C ASP A 80 10.87 1.60 1.59
N ASN A 81 9.71 1.08 1.18
CA ASN A 81 9.57 -0.19 0.42
C ASN A 81 8.08 -0.29 -0.09
N ASP A 82 7.89 -0.80 -1.32
CA ASP A 82 6.54 -1.18 -1.85
C ASP A 82 5.75 -2.21 -0.97
N ILE A 83 6.43 -3.28 -0.50
CA ILE A 83 5.91 -4.26 0.50
C ILE A 83 5.51 -3.62 1.89
N ALA A 84 6.24 -2.58 2.37
CA ALA A 84 5.86 -1.81 3.58
C ALA A 84 4.44 -1.14 3.60
N LEU A 85 3.99 -0.57 2.47
CA LEU A 85 2.54 -0.26 2.23
C LEU A 85 1.53 -1.46 2.41
N LEU A 86 1.95 -2.66 2.01
CA LEU A 86 1.15 -3.91 2.11
C LEU A 86 1.05 -4.47 3.57
N ASN A 87 2.19 -4.49 4.30
CA ASN A 87 2.21 -4.58 5.78
C ASN A 87 1.39 -3.46 6.49
N TYR A 88 1.49 -2.17 6.10
CA TYR A 88 0.58 -1.11 6.61
C TYR A 88 -0.93 -1.49 6.53
N LEU A 89 -1.50 -1.78 5.33
CA LEU A 89 -2.93 -2.20 5.22
C LEU A 89 -3.33 -3.49 6.03
N SER A 90 -2.48 -4.55 6.02
CA SER A 90 -2.67 -5.74 6.90
C SER A 90 -2.49 -5.51 8.45
N SER A 91 -1.45 -4.77 8.89
CA SER A 91 -1.25 -4.34 10.32
C SER A 91 -2.36 -3.41 10.90
N VAL A 92 -2.74 -2.32 10.18
CA VAL A 92 -3.95 -1.51 10.54
C VAL A 92 -5.31 -2.29 10.48
N SER A 93 -5.46 -3.24 9.53
CA SER A 93 -6.74 -3.94 9.23
C SER A 93 -7.85 -2.99 8.68
N MET A 94 -7.54 -2.25 7.60
CA MET A 94 -8.54 -1.40 6.89
C MET A 94 -9.63 -2.23 6.12
N THR A 95 -9.20 -3.25 5.35
CA THR A 95 -10.10 -4.21 4.65
C THR A 95 -10.15 -5.59 5.40
N PRO A 96 -11.31 -6.28 5.64
CA PRO A 96 -11.33 -7.67 6.19
C PRO A 96 -10.79 -8.81 5.26
N VAL A 97 -10.98 -8.71 3.93
CA VAL A 97 -10.32 -9.59 2.93
C VAL A 97 -8.80 -9.24 2.79
N ASP A 98 -7.90 -10.06 3.37
CA ASP A 98 -6.42 -9.92 3.18
C ASP A 98 -5.96 -9.81 1.69
N LYS A 99 -6.44 -10.70 0.79
CA LYS A 99 -6.34 -10.51 -0.67
C LYS A 99 -7.48 -9.63 -1.23
N TYR A 13 3.22 -10.74 -2.67
CA TYR A 13 2.40 -10.18 -1.56
C TYR A 13 2.99 -10.60 -0.17
N THR A 14 2.97 -11.91 0.16
CA THR A 14 3.47 -12.42 1.47
C THR A 14 4.90 -13.05 1.32
N PRO A 15 6.06 -12.35 1.61
CA PRO A 15 7.35 -13.04 1.89
C PRO A 15 7.34 -13.75 3.30
N GLU A 16 8.49 -14.07 3.94
CA GLU A 16 8.45 -14.39 5.42
C GLU A 16 9.36 -13.57 6.38
N SER A 17 10.52 -13.05 5.97
CA SER A 17 11.50 -12.47 6.94
C SER A 17 11.48 -10.93 6.93
N VAL A 18 11.55 -10.32 5.73
CA VAL A 18 11.03 -8.95 5.50
C VAL A 18 9.54 -8.73 5.95
N ALA A 19 8.60 -9.70 5.87
CA ALA A 19 7.23 -9.52 6.44
C ALA A 19 7.18 -9.40 7.99
N LYS A 20 7.77 -10.36 8.76
CA LYS A 20 7.93 -10.16 10.25
C LYS A 20 8.73 -8.88 10.67
N LEU A 21 9.92 -8.61 10.08
CA LEU A 21 10.60 -7.29 10.23
C LEU A 21 9.70 -6.06 9.89
N LEU A 22 9.07 -5.97 8.72
CA LEU A 22 8.19 -4.85 8.33
C LEU A 22 6.98 -4.54 9.28
N GLU A 23 6.12 -5.52 9.61
CA GLU A 23 5.16 -5.36 10.73
C GLU A 23 5.76 -5.02 12.14
N LYS A 24 7.02 -5.40 12.44
CA LYS A 24 7.77 -4.83 13.60
C LYS A 24 8.35 -3.37 13.41
N ILE A 25 8.74 -2.94 12.19
CA ILE A 25 9.07 -1.51 11.85
C ILE A 25 7.85 -0.55 12.03
N SER A 26 6.70 -0.79 11.35
CA SER A 26 5.46 -0.01 11.61
C SER A 26 4.80 -0.26 13.00
N ALA A 27 4.55 -1.52 13.40
CA ALA A 27 3.88 -1.90 14.67
C ALA A 27 2.47 -1.27 14.90
N GLY A 28 1.56 -1.51 13.94
CA GLY A 28 0.26 -0.78 13.86
C GLY A 28 0.29 0.42 12.88
N GLY A 29 -0.23 1.56 13.36
CA GLY A 29 -0.42 2.79 12.55
C GLY A 29 -1.78 3.53 12.74
N TYR A 30 -2.27 3.62 13.99
CA TYR A 30 -3.55 4.31 14.33
C TYR A 30 -3.31 5.76 14.85
N GLY A 31 -4.39 6.53 15.06
CA GLY A 31 -4.28 8.00 15.29
C GLY A 31 -4.30 8.87 14.01
N ASP A 32 -3.49 8.51 13.00
CA ASP A 32 -3.59 9.09 11.64
C ASP A 32 -4.76 8.43 10.85
N LYS A 33 -5.99 8.87 11.16
CA LYS A 33 -7.25 8.40 10.53
C LYS A 33 -7.58 8.92 9.08
N ARG A 34 -6.68 9.68 8.45
CA ARG A 34 -6.97 10.49 7.24
C ARG A 34 -6.10 9.92 6.08
N LEU A 35 -6.71 9.00 5.31
CA LEU A 35 -6.19 8.52 4.01
C LEU A 35 -7.02 9.11 2.82
N SER A 36 -6.34 9.59 1.78
CA SER A 36 -7.00 10.11 0.55
C SER A 36 -7.67 8.98 -0.34
N PRO A 37 -8.71 9.25 -1.20
CA PRO A 37 -9.39 8.18 -2.01
C PRO A 37 -8.50 7.44 -3.06
N LYS A 38 -7.79 8.19 -3.91
CA LYS A 38 -6.77 7.62 -4.83
C LYS A 38 -5.51 7.00 -4.12
N GLU A 39 -4.96 7.59 -3.03
CA GLU A 39 -4.00 6.89 -2.11
C GLU A 39 -4.51 5.48 -1.62
N SER A 40 -5.60 5.45 -0.84
CA SER A 40 -6.29 4.19 -0.42
C SER A 40 -6.70 3.19 -1.54
N GLU A 41 -7.26 3.62 -2.70
CA GLU A 41 -7.46 2.76 -3.90
C GLU A 41 -6.17 2.09 -4.49
N VAL A 42 -5.13 2.89 -4.83
CA VAL A 42 -3.80 2.33 -5.25
C VAL A 42 -3.17 1.32 -4.23
N LEU A 43 -3.21 1.65 -2.93
CA LEU A 43 -2.83 0.74 -1.82
C LEU A 43 -3.71 -0.52 -1.63
N ARG A 44 -5.04 -0.41 -1.72
CA ARG A 44 -5.96 -1.57 -1.78
C ARG A 44 -5.68 -2.64 -2.86
N LEU A 45 -5.42 -2.20 -4.11
CA LEU A 45 -5.03 -3.11 -5.21
C LEU A 45 -3.58 -3.65 -5.07
N PHE A 46 -2.58 -2.81 -4.72
CA PHE A 46 -1.25 -3.27 -4.21
C PHE A 46 -1.32 -4.38 -3.11
N ALA A 47 -2.04 -4.11 -2.00
CA ALA A 47 -2.43 -5.11 -0.97
C ALA A 47 -3.25 -6.36 -1.44
N GLU A 48 -4.21 -6.22 -2.37
CA GLU A 48 -4.80 -7.39 -3.11
C GLU A 48 -3.81 -8.28 -3.93
N GLY A 49 -2.72 -7.71 -4.46
CA GLY A 49 -1.82 -8.40 -5.41
C GLY A 49 -1.38 -7.57 -6.61
N PHE A 50 -2.26 -6.75 -7.22
CA PHE A 50 -1.97 -6.06 -8.49
C PHE A 50 -0.76 -5.06 -8.35
N LEU A 51 -0.09 -4.87 -9.48
CA LEU A 51 1.15 -4.07 -9.61
C LEU A 51 0.84 -2.72 -10.29
N VAL A 52 1.66 -1.67 -10.09
CA VAL A 52 1.47 -0.33 -10.77
C VAL A 52 0.99 -0.33 -12.27
N THR A 53 1.55 -1.20 -13.12
CA THR A 53 0.98 -1.55 -14.46
C THR A 53 -0.54 -1.94 -14.48
N GLU A 54 -0.94 -3.03 -13.78
CA GLU A 54 -2.37 -3.42 -13.63
C GLU A 54 -3.27 -2.50 -12.75
N ILE A 55 -2.80 -2.04 -11.59
CA ILE A 55 -3.46 -0.92 -10.82
C ILE A 55 -3.83 0.31 -11.71
N ALA A 56 -2.90 0.82 -12.54
CA ALA A 56 -3.21 1.82 -13.58
C ALA A 56 -4.29 1.38 -14.62
N LYS A 57 -4.11 0.26 -15.34
CA LYS A 57 -5.16 -0.28 -16.26
C LYS A 57 -6.58 -0.57 -15.63
N LYS A 58 -6.65 -1.14 -14.42
CA LYS A 58 -7.89 -1.31 -13.61
C LYS A 58 -8.57 0.02 -13.14
N LEU A 59 -7.82 0.98 -12.54
CA LEU A 59 -8.33 2.36 -12.28
C LEU A 59 -8.51 3.31 -13.53
N ASN A 60 -8.07 2.91 -14.75
CA ASN A 60 -8.07 3.74 -16.00
C ASN A 60 -7.00 4.89 -16.02
N ARG A 61 -5.71 4.49 -15.91
CA ARG A 61 -4.54 5.41 -15.84
C ARG A 61 -3.35 4.90 -16.73
N SER A 62 -2.44 5.81 -17.12
CA SER A 62 -1.29 5.47 -18.03
C SER A 62 0.09 5.16 -17.36
N ILE A 63 0.12 4.43 -16.23
CA ILE A 63 1.37 4.20 -15.41
C ILE A 63 2.04 5.46 -14.75
N LYS A 64 2.12 6.60 -15.46
CA LYS A 64 2.70 7.89 -14.96
C LYS A 64 1.94 8.57 -13.78
N THR A 65 0.65 8.90 -13.97
CA THR A 65 -0.26 9.34 -12.86
C THR A 65 -0.45 8.32 -11.69
N ILE A 66 -0.45 6.98 -11.97
CA ILE A 66 -0.23 5.95 -10.91
C ILE A 66 1.12 6.08 -10.17
N SER A 67 2.26 6.18 -10.87
CA SER A 67 3.59 6.25 -10.23
C SER A 67 3.82 7.51 -9.33
N SER A 68 3.35 8.70 -9.79
CA SER A 68 3.13 9.88 -8.92
C SER A 68 2.21 9.65 -7.67
N GLN A 69 1.01 9.02 -7.80
CA GLN A 69 0.19 8.63 -6.62
C GLN A 69 0.79 7.54 -5.65
N LYS A 70 1.38 6.46 -6.20
CA LYS A 70 2.16 5.43 -5.47
C LYS A 70 3.35 5.98 -4.61
N LYS A 71 4.28 6.74 -5.22
CA LYS A 71 5.34 7.48 -4.46
C LYS A 71 4.79 8.59 -3.49
N SER A 72 3.72 9.32 -3.84
CA SER A 72 2.96 10.19 -2.89
C SER A 72 2.37 9.44 -1.65
N ALA A 73 1.62 8.32 -1.80
CA ALA A 73 1.24 7.44 -0.66
C ALA A 73 2.41 6.80 0.15
N MET A 74 3.45 6.25 -0.52
CA MET A 74 4.75 5.90 0.13
C MET A 74 5.38 6.99 1.06
N MET A 75 5.65 8.19 0.51
CA MET A 75 6.21 9.33 1.28
C MET A 75 5.22 10.02 2.28
N LYS A 76 3.91 10.16 1.98
CA LYS A 76 2.86 10.57 2.97
C LYS A 76 2.78 9.67 4.25
N LEU A 77 2.71 8.34 4.11
CA LEU A 77 2.77 7.41 5.26
C LEU A 77 4.16 7.28 5.96
N GLY A 78 5.28 7.38 5.21
CA GLY A 78 6.65 7.25 5.75
C GLY A 78 7.26 5.84 5.68
N VAL A 79 7.25 5.23 4.48
CA VAL A 79 7.79 3.86 4.25
C VAL A 79 8.97 3.91 3.22
N ASP A 80 9.86 2.89 3.22
CA ASP A 80 10.95 2.78 2.20
C ASP A 80 10.99 1.44 1.40
N ASN A 81 9.82 0.91 0.99
CA ASN A 81 9.68 -0.39 0.27
C ASN A 81 8.22 -0.54 -0.26
N ASP A 82 8.04 -1.15 -1.45
CA ASP A 82 6.70 -1.59 -1.96
C ASP A 82 5.96 -2.65 -1.07
N ILE A 83 6.68 -3.69 -0.60
CA ILE A 83 6.20 -4.66 0.44
C ILE A 83 5.77 -3.96 1.79
N ALA A 84 6.47 -2.87 2.22
CA ALA A 84 6.02 -2.04 3.37
C ALA A 84 4.59 -1.40 3.33
N LEU A 85 4.14 -0.94 2.16
CA LEU A 85 2.69 -0.63 1.92
C LEU A 85 1.69 -1.82 2.16
N LEU A 86 2.09 -3.04 1.76
CA LEU A 86 1.37 -4.30 2.06
C LEU A 86 1.32 -4.67 3.58
N ASN A 87 2.47 -4.55 4.31
CA ASN A 87 2.48 -4.56 5.80
C ASN A 87 1.59 -3.46 6.45
N TYR A 88 1.65 -2.20 5.99
CA TYR A 88 0.76 -1.10 6.45
C TYR A 88 -0.75 -1.50 6.43
N LEU A 89 -1.31 -1.81 5.24
CA LEU A 89 -2.72 -2.26 5.12
C LEU A 89 -3.09 -3.57 5.91
N SER A 90 -2.20 -4.60 5.94
CA SER A 90 -2.36 -5.78 6.82
C SER A 90 -2.26 -5.54 8.37
N SER A 91 -1.27 -4.73 8.84
CA SER A 91 -1.07 -4.35 10.27
C SER A 91 -2.21 -3.51 10.90
N VAL A 92 -2.62 -2.38 10.30
CA VAL A 92 -3.90 -1.70 10.72
C VAL A 92 -5.20 -2.51 10.40
N SER A 93 -5.24 -3.27 9.27
CA SER A 93 -6.44 -4.00 8.77
C SER A 93 -7.57 -3.05 8.27
N MET A 94 -7.22 -2.12 7.35
CA MET A 94 -8.22 -1.23 6.69
C MET A 94 -9.24 -1.97 5.74
N THR A 95 -8.71 -2.91 4.94
CA THR A 95 -9.52 -3.78 4.06
C THR A 95 -10.03 -5.06 4.82
N PRO A 96 -11.34 -5.41 4.87
CA PRO A 96 -11.82 -6.69 5.49
C PRO A 96 -11.44 -8.02 4.77
N VAL A 97 -11.32 -8.04 3.42
CA VAL A 97 -10.61 -9.12 2.68
C VAL A 97 -9.05 -9.06 2.90
N ASP A 98 -8.59 -9.51 4.08
CA ASP A 98 -7.15 -9.63 4.42
C ASP A 98 -6.51 -10.78 3.59
N LYS A 99 -5.83 -10.39 2.49
CA LYS A 99 -5.45 -11.33 1.42
C LYS A 99 -4.42 -12.40 1.85
#